data_4A8Y
#
_entry.id   4A8Y
#
_cell.length_a   105.760
_cell.length_b   89.290
_cell.length_c   140.990
_cell.angle_alpha   90.00
_cell.angle_beta   101.88
_cell.angle_gamma   90.00
#
_symmetry.space_group_name_H-M   'P 1 21 1'
#
loop_
_entity.id
_entity.type
_entity.pdbx_description
1 polymer 'RNA-DIRECTED RNA POLYMERASE'
2 polymer "5'-D(*TP*TP*TP*TP*CP*GP*CP*GP*TP*AP*AP*GP*CP*GP)-3'"
3 non-polymer 'MAGNESIUM ION'
4 non-polymer "ADENOSINE-5'-TRIPHOSPHATE"
#
loop_
_entity_poly.entity_id
_entity_poly.type
_entity_poly.pdbx_seq_one_letter_code
_entity_poly.pdbx_strand_id
1 'polypeptide(L)'
;MPRRAPAFPLSDIKAQMLFANNIKAQQASKRSFKEGAIETYEGLLSVDPRFLSFKNELSRYLTDHFPANVDEYGRVYGNG
VRTNFFGMRHMNGFPMIPATWPLASNLKKRADADLADGPVSERDNLLFRAAVRLMFSDLEPVPLKIRKGSSTCIPYFSND
MGTKIEIAERALEKAEEAGNLMLQGKFDDAYQLHQMGGAYYVVYRAQSTDAITLDPKTGKFVSKDRMVADFEYAVTGGEQ
GSLFAASKDASRLKEQYGIDVPDGFFCERRRTAMGGPFALNAPIMAVAQPVRNKIYSKYAYTFHHTTRLNKEEKVKEWSL
CVATDVSDHDTFWPGWLRDLICDELLNMGYAPWWVKLFETSLKLPVYVGAPAPEQGHTLLGDPSNPDLEVGLSSGQGATD
LMGTLLMSITYLVMQLDHTAPHLNSRIKDMPSACRFLDSYWQGHEEIRQISKSDDAMLGWTKGRALVGGHRLFEMLKEGK
VNPSPYMKISYEHGGAFLGDILLYDSRREPGSAIFVGNINSMLNNQFSPEYGVQSGVRDRSKRKRPFPGLAWASMKDTYG
ACPIYSDVLEAIERCWWNAFGESYRAYREDMLKRDTLELSRYVASMARQAGLAELTPIDLEVLADPNKLQYKWTQADVSA
NIHEVLMHGVSVEKTERFLRSVMPR
;
A,B,C
2 'polydeoxyribonucleotide' (DT)(DT)(DT)(DT)(DC)(DG)(DC)(DG)(DT)(DA)(DA)(DG)(DC)(DG) F,G,H
#
loop_
_chem_comp.id
_chem_comp.type
_chem_comp.name
_chem_comp.formula
ATP non-polymer ADENOSINE-5'-TRIPHOSPHATE 'C10 H16 N5 O13 P3'
DA DNA linking 2'-DEOXYADENOSINE-5'-MONOPHOSPHATE 'C10 H14 N5 O6 P'
DC DNA linking 2'-DEOXYCYTIDINE-5'-MONOPHOSPHATE 'C9 H14 N3 O7 P'
DG DNA linking 2'-DEOXYGUANOSINE-5'-MONOPHOSPHATE 'C10 H14 N5 O7 P'
DT DNA linking THYMIDINE-5'-MONOPHOSPHATE 'C10 H15 N2 O8 P'
MG non-polymer 'MAGNESIUM ION' 'Mg 2'
#
# COMPACT_ATOMS: atom_id res chain seq x y z
N PRO A 2 21.27 -24.04 4.94
CA PRO A 2 21.69 -22.89 5.75
C PRO A 2 20.66 -22.51 6.82
N ARG A 3 20.40 -23.51 7.72
CA ARG A 3 19.52 -23.52 8.89
C ARG A 3 18.03 -23.41 8.61
N ARG A 4 17.28 -24.52 8.70
CA ARG A 4 15.82 -24.41 8.62
C ARG A 4 15.34 -23.99 10.00
N ALA A 5 14.33 -23.15 10.05
CA ALA A 5 13.76 -22.71 11.30
C ALA A 5 12.99 -23.87 11.93
N PRO A 6 13.03 -24.08 13.26
CA PRO A 6 12.20 -25.16 13.86
C PRO A 6 10.73 -24.79 13.74
N ALA A 7 9.86 -25.78 13.56
CA ALA A 7 8.43 -25.54 13.48
C ALA A 7 7.72 -26.49 14.43
N PHE A 8 6.73 -25.96 15.13
CA PHE A 8 5.97 -26.71 16.13
C PHE A 8 4.49 -26.66 15.82
N PRO A 9 3.80 -27.83 15.77
CA PRO A 9 2.34 -27.79 15.56
C PRO A 9 1.67 -27.23 16.81
N LEU A 10 0.41 -26.77 16.68
CA LEU A 10 -0.34 -26.22 17.81
C LEU A 10 -0.36 -27.14 19.03
N SER A 11 -0.45 -28.47 18.79
CA SER A 11 -0.46 -29.50 19.83
C SER A 11 0.78 -29.47 20.72
N ASP A 12 1.93 -29.02 20.18
CA ASP A 12 3.18 -28.93 20.92
C ASP A 12 3.09 -27.94 22.07
N ILE A 13 3.72 -28.30 23.21
CA ILE A 13 3.76 -27.46 24.41
C ILE A 13 4.28 -26.05 24.10
N LYS A 14 5.28 -25.92 23.21
CA LYS A 14 5.84 -24.61 22.82
C LYS A 14 4.80 -23.70 22.19
N ALA A 15 3.86 -24.27 21.41
CA ALA A 15 2.77 -23.48 20.82
C ALA A 15 1.65 -23.28 21.84
N GLN A 16 1.32 -24.32 22.64
CA GLN A 16 0.29 -24.23 23.68
C GLN A 16 0.57 -23.11 24.69
N MET A 17 1.85 -22.93 25.05
CA MET A 17 2.28 -21.91 26.01
C MET A 17 2.05 -20.48 25.51
N LEU A 18 1.78 -20.30 24.21
CA LEU A 18 1.52 -18.97 23.63
C LEU A 18 0.08 -18.52 23.90
N PHE A 19 -0.77 -19.43 24.35
CA PHE A 19 -2.17 -19.12 24.53
C PHE A 19 -2.64 -19.40 25.94
N ALA A 20 -3.07 -18.32 26.62
CA ALA A 20 -3.56 -18.37 27.99
C ALA A 20 -4.85 -19.19 28.11
N ASN A 21 -5.17 -19.63 29.33
CA ASN A 21 -6.34 -20.45 29.60
C ASN A 21 -7.63 -19.65 29.66
N ASN A 22 -8.00 -19.03 28.54
CA ASN A 22 -9.24 -18.27 28.38
C ASN A 22 -9.76 -18.51 26.98
N ILE A 23 -11.08 -18.32 26.78
CA ILE A 23 -11.77 -18.56 25.52
C ILE A 23 -11.20 -17.78 24.34
N LYS A 24 -10.94 -16.49 24.51
CA LYS A 24 -10.40 -15.65 23.44
C LYS A 24 -9.04 -16.14 22.93
N ALA A 25 -8.10 -16.45 23.86
CA ALA A 25 -6.74 -16.91 23.50
C ALA A 25 -6.83 -18.28 22.83
N GLN A 26 -7.66 -19.18 23.38
CA GLN A 26 -7.84 -20.52 22.83
C GLN A 26 -8.47 -20.47 21.44
N GLN A 27 -9.48 -19.58 21.24
CA GLN A 27 -10.10 -19.40 19.92
C GLN A 27 -9.08 -18.87 18.93
N ALA A 28 -8.17 -17.96 19.36
CA ALA A 28 -7.16 -17.40 18.48
C ALA A 28 -6.19 -18.47 17.98
N SER A 29 -5.79 -19.39 18.87
CA SER A 29 -4.89 -20.49 18.55
C SER A 29 -5.46 -21.42 17.48
N LYS A 30 -6.76 -21.76 17.61
CA LYS A 30 -7.48 -22.69 16.77
C LYS A 30 -8.23 -22.11 15.57
N ARG A 31 -8.43 -20.79 15.52
CA ARG A 31 -9.22 -20.15 14.46
C ARG A 31 -8.88 -20.72 13.08
N SER A 32 -9.89 -21.29 12.44
CA SER A 32 -9.72 -21.85 11.10
C SER A 32 -9.82 -20.73 10.07
N PHE A 33 -9.48 -21.03 8.80
CA PHE A 33 -9.58 -20.07 7.72
C PHE A 33 -11.03 -19.55 7.67
N LYS A 34 -11.18 -18.23 7.65
CA LYS A 34 -12.49 -17.58 7.64
C LYS A 34 -12.57 -16.62 6.48
N GLU A 35 -13.73 -16.57 5.82
CA GLU A 35 -14.01 -15.65 4.72
C GLU A 35 -15.50 -15.33 4.66
N GLY A 36 -15.83 -14.19 4.06
CA GLY A 36 -17.21 -13.75 3.93
C GLY A 36 -17.29 -12.31 3.49
N ALA A 37 -18.40 -11.92 2.87
CA ALA A 37 -18.62 -10.54 2.40
C ALA A 37 -18.58 -9.58 3.57
N ILE A 38 -17.95 -8.43 3.39
CA ILE A 38 -17.91 -7.43 4.45
C ILE A 38 -19.15 -6.56 4.37
N GLU A 39 -19.56 -5.98 5.50
CA GLU A 39 -20.68 -5.06 5.50
C GLU A 39 -20.04 -3.72 5.16
N THR A 40 -19.94 -3.42 3.85
CA THR A 40 -19.32 -2.19 3.31
C THR A 40 -19.82 -0.94 4.03
N TYR A 41 -21.15 -0.81 4.12
CA TYR A 41 -21.88 0.22 4.87
C TYR A 41 -23.03 -0.49 5.56
N GLU A 42 -23.62 0.12 6.60
CA GLU A 42 -24.74 -0.50 7.34
C GLU A 42 -25.80 -0.97 6.35
N GLY A 43 -26.08 -2.25 6.37
CA GLY A 43 -27.07 -2.87 5.51
C GLY A 43 -26.70 -2.99 4.04
N LEU A 44 -25.40 -2.96 3.71
CA LEU A 44 -24.92 -3.17 2.34
C LEU A 44 -23.71 -4.10 2.34
N LEU A 45 -23.82 -5.28 1.70
CA LEU A 45 -22.71 -6.22 1.58
C LEU A 45 -21.85 -5.91 0.36
N SER A 46 -20.55 -6.20 0.44
CA SER A 46 -19.60 -5.97 -0.65
C SER A 46 -19.95 -6.75 -1.91
N VAL A 47 -20.74 -7.82 -1.76
CA VAL A 47 -21.12 -8.67 -2.89
C VAL A 47 -22.56 -8.45 -3.38
N ASP A 48 -23.25 -7.42 -2.83
CA ASP A 48 -24.61 -7.06 -3.22
C ASP A 48 -24.64 -6.91 -4.74
N PRO A 49 -25.54 -7.59 -5.49
CA PRO A 49 -25.53 -7.49 -6.96
C PRO A 49 -25.61 -6.07 -7.52
N ARG A 50 -26.38 -5.17 -6.86
CA ARG A 50 -26.48 -3.78 -7.30
C ARG A 50 -25.12 -3.08 -7.15
N PHE A 51 -24.41 -3.34 -6.03
CA PHE A 51 -23.09 -2.77 -5.73
C PHE A 51 -22.02 -3.21 -6.72
N LEU A 52 -22.01 -4.50 -7.06
CA LEU A 52 -21.07 -5.04 -8.05
C LEU A 52 -21.36 -4.50 -9.45
N SER A 53 -22.67 -4.32 -9.80
CA SER A 53 -23.09 -3.76 -11.08
C SER A 53 -22.58 -2.32 -11.18
N PHE A 54 -22.69 -1.56 -10.07
CA PHE A 54 -22.22 -0.18 -9.91
C PHE A 54 -20.71 -0.14 -10.14
N LYS A 55 -19.94 -1.03 -9.46
CA LYS A 55 -18.50 -1.12 -9.60
C LYS A 55 -18.10 -1.45 -11.03
N ASN A 56 -18.86 -2.35 -11.69
CA ASN A 56 -18.55 -2.70 -13.08
C ASN A 56 -18.71 -1.47 -13.97
N GLU A 57 -19.90 -0.83 -13.94
CA GLU A 57 -20.16 0.36 -14.77
C GLU A 57 -19.18 1.50 -14.47
N LEU A 58 -18.97 1.84 -13.17
CA LEU A 58 -18.09 2.93 -12.76
C LEU A 58 -16.62 2.71 -13.13
N SER A 59 -16.05 1.53 -12.81
CA SER A 59 -14.64 1.25 -13.14
C SER A 59 -14.38 1.32 -14.65
N ARG A 60 -15.32 0.80 -15.46
CA ARG A 60 -15.21 0.81 -16.92
C ARG A 60 -15.30 2.24 -17.47
N TYR A 61 -16.29 3.02 -17.00
CA TYR A 61 -16.52 4.40 -17.42
C TYR A 61 -15.32 5.32 -17.12
N LEU A 62 -14.85 5.29 -15.87
CA LEU A 62 -13.73 6.13 -15.44
C LEU A 62 -12.44 5.78 -16.16
N THR A 63 -12.14 4.48 -16.37
CA THR A 63 -10.93 4.08 -17.11
C THR A 63 -10.99 4.60 -18.56
N ASP A 64 -12.17 4.46 -19.18
CA ASP A 64 -12.44 4.88 -20.55
C ASP A 64 -12.23 6.38 -20.74
N HIS A 65 -12.89 7.19 -19.91
CA HIS A 65 -12.87 8.65 -19.99
C HIS A 65 -11.65 9.31 -19.36
N PHE A 66 -11.00 8.64 -18.40
CA PHE A 66 -9.84 9.22 -17.73
C PHE A 66 -8.63 8.29 -17.74
N PRO A 67 -7.99 8.10 -18.92
CA PRO A 67 -6.79 7.24 -18.96
C PRO A 67 -5.66 7.87 -18.15
N ALA A 68 -4.73 7.05 -17.66
CA ALA A 68 -3.59 7.52 -16.87
C ALA A 68 -2.75 8.57 -17.63
N ASN A 69 -2.30 9.63 -16.92
CA ASN A 69 -1.43 10.67 -17.44
C ASN A 69 -0.12 10.66 -16.64
N VAL A 70 0.75 9.70 -16.97
CA VAL A 70 2.05 9.51 -16.34
C VAL A 70 3.11 9.48 -17.44
N ASP A 71 4.09 10.40 -17.39
CA ASP A 71 5.15 10.44 -18.41
C ASP A 71 6.21 9.30 -18.28
N GLU A 72 7.19 9.31 -19.19
CA GLU A 72 8.30 8.33 -19.29
C GLU A 72 9.14 8.26 -18.01
N TYR A 73 9.15 9.34 -17.22
CA TYR A 73 9.88 9.46 -15.96
C TYR A 73 9.01 9.22 -14.72
N GLY A 74 7.80 8.70 -14.94
CA GLY A 74 6.85 8.41 -13.87
C GLY A 74 6.24 9.63 -13.24
N ARG A 75 6.29 10.78 -13.92
CA ARG A 75 5.71 12.00 -13.37
C ARG A 75 4.26 12.08 -13.79
N VAL A 76 3.37 12.35 -12.81
CA VAL A 76 1.94 12.52 -13.09
C VAL A 76 1.70 13.97 -13.57
N TYR A 77 0.88 14.12 -14.61
CA TYR A 77 0.47 15.40 -15.20
C TYR A 77 -1.05 15.36 -15.51
N GLY A 78 -1.54 16.39 -16.19
CA GLY A 78 -2.91 16.51 -16.67
C GLY A 78 -4.01 16.16 -15.70
N ASN A 79 -4.75 15.08 -15.99
CA ASN A 79 -5.88 14.61 -15.17
C ASN A 79 -5.56 14.10 -13.72
N GLY A 80 -4.28 13.90 -13.40
CA GLY A 80 -3.83 13.41 -12.09
C GLY A 80 -4.09 11.94 -11.83
N VAL A 81 -4.35 11.17 -12.89
CA VAL A 81 -4.66 9.73 -12.85
C VAL A 81 -3.38 8.93 -13.17
N ARG A 82 -3.06 7.91 -12.33
CA ARG A 82 -1.89 7.06 -12.55
C ARG A 82 -2.09 5.65 -13.09
N THR A 83 -3.32 5.11 -13.02
CA THR A 83 -3.68 3.81 -13.58
C THR A 83 -5.15 3.78 -13.89
N ASN A 84 -5.61 2.62 -14.35
CA ASN A 84 -7.01 2.36 -14.61
C ASN A 84 -7.76 2.37 -13.27
N PHE A 85 -9.10 2.25 -13.30
CA PHE A 85 -9.94 2.29 -12.11
C PHE A 85 -10.47 0.90 -11.74
N PHE A 86 -9.87 -0.17 -12.33
CA PHE A 86 -10.28 -1.56 -12.12
C PHE A 86 -9.93 -2.15 -10.76
N GLY A 87 -9.09 -1.45 -9.98
CA GLY A 87 -8.69 -1.87 -8.64
C GLY A 87 -9.84 -2.15 -7.70
N MET A 88 -11.00 -1.51 -7.92
CA MET A 88 -12.21 -1.67 -7.12
C MET A 88 -12.91 -3.02 -7.36
N ARG A 89 -12.56 -3.71 -8.45
CA ARG A 89 -13.22 -4.96 -8.84
C ARG A 89 -12.89 -6.21 -7.99
N HIS A 90 -13.02 -6.11 -6.66
CA HIS A 90 -12.78 -7.25 -5.79
C HIS A 90 -14.01 -7.60 -4.96
N MET A 91 -14.13 -8.89 -4.61
CA MET A 91 -15.20 -9.41 -3.78
C MET A 91 -14.67 -9.26 -2.36
N ASN A 92 -14.78 -8.03 -1.80
CA ASN A 92 -14.24 -7.68 -0.48
C ASN A 92 -14.69 -8.62 0.65
N GLY A 93 -13.70 -9.16 1.35
CA GLY A 93 -13.90 -10.12 2.42
C GLY A 93 -13.54 -11.54 2.00
N PHE A 94 -13.31 -11.76 0.69
CA PHE A 94 -12.91 -13.07 0.15
C PHE A 94 -11.48 -12.97 -0.31
N PRO A 95 -10.55 -13.66 0.39
CA PRO A 95 -9.14 -13.53 0.05
C PRO A 95 -8.65 -14.45 -1.05
N MET A 96 -7.49 -14.09 -1.59
CA MET A 96 -6.77 -14.93 -2.52
C MET A 96 -6.37 -16.19 -1.71
N ILE A 97 -6.24 -17.34 -2.39
CA ILE A 97 -5.85 -18.60 -1.72
C ILE A 97 -4.62 -19.21 -2.43
N PRO A 98 -3.54 -19.53 -1.68
CA PRO A 98 -3.38 -19.33 -0.24
C PRO A 98 -2.72 -17.99 0.05
N ALA A 99 -2.62 -17.62 1.33
CA ALA A 99 -1.88 -16.44 1.72
C ALA A 99 -0.46 -16.97 1.96
N THR A 100 0.53 -16.07 1.99
CA THR A 100 1.91 -16.51 2.17
C THR A 100 2.21 -16.99 3.57
N TRP A 101 3.16 -17.92 3.65
CA TRP A 101 3.72 -18.34 4.91
C TRP A 101 4.86 -17.33 5.11
N PRO A 102 4.96 -16.67 6.28
CA PRO A 102 6.02 -15.67 6.46
C PRO A 102 7.41 -16.27 6.49
N LEU A 103 8.36 -15.67 5.75
CA LEU A 103 9.74 -16.12 5.69
C LEU A 103 10.39 -16.00 7.05
N ALA A 104 10.89 -17.14 7.58
CA ALA A 104 11.54 -17.19 8.89
C ALA A 104 12.92 -16.51 8.87
N SER A 105 13.59 -16.52 7.70
CA SER A 105 14.89 -15.88 7.53
C SER A 105 14.96 -15.20 6.18
N ASN A 106 15.33 -13.92 6.19
CA ASN A 106 15.45 -13.16 4.95
C ASN A 106 16.91 -13.02 4.53
N LEU A 107 17.84 -13.75 5.16
CA LEU A 107 19.27 -13.64 4.83
C LEU A 107 19.55 -14.02 3.39
N LYS A 108 18.99 -15.16 2.92
CA LYS A 108 19.15 -15.62 1.54
C LYS A 108 18.42 -14.70 0.59
N LYS A 109 17.20 -14.25 0.97
CA LYS A 109 16.40 -13.33 0.17
C LYS A 109 17.23 -12.08 -0.18
N ARG A 110 17.90 -11.47 0.84
CA ARG A 110 18.74 -10.29 0.70
C ARG A 110 19.98 -10.57 -0.15
N ALA A 111 20.70 -11.67 0.15
CA ALA A 111 21.91 -12.07 -0.56
C ALA A 111 21.62 -12.31 -2.04
N ASP A 112 20.51 -13.01 -2.35
CA ASP A 112 20.10 -13.30 -3.72
C ASP A 112 19.70 -12.06 -4.50
N ALA A 113 19.23 -11.01 -3.80
CA ALA A 113 18.84 -9.75 -4.42
C ALA A 113 20.05 -8.81 -4.53
N ASP A 114 21.25 -9.30 -4.14
CA ASP A 114 22.50 -8.57 -4.14
C ASP A 114 22.49 -7.36 -3.20
N LEU A 115 21.91 -7.55 -2.01
CA LEU A 115 21.83 -6.52 -0.98
C LEU A 115 22.82 -6.84 0.10
N ALA A 116 23.43 -5.80 0.70
CA ALA A 116 24.48 -5.89 1.71
C ALA A 116 24.08 -6.50 3.02
N ASP A 117 25.02 -7.27 3.63
CA ASP A 117 24.90 -7.97 4.91
C ASP A 117 25.41 -7.13 6.09
N GLY A 118 25.64 -5.86 5.82
CA GLY A 118 26.11 -4.88 6.79
C GLY A 118 26.41 -3.57 6.11
N PRO A 119 26.76 -2.51 6.87
CA PRO A 119 27.14 -1.23 6.22
C PRO A 119 28.33 -1.47 5.30
N VAL A 120 28.25 -0.97 4.07
CA VAL A 120 29.27 -1.18 3.05
C VAL A 120 30.60 -0.51 3.38
N SER A 121 30.54 0.73 3.85
CA SER A 121 31.70 1.54 4.19
C SER A 121 31.58 2.07 5.62
N GLU A 122 32.70 2.62 6.14
CA GLU A 122 32.72 3.22 7.47
C GLU A 122 31.81 4.44 7.52
N ARG A 123 31.73 5.21 6.40
CA ARG A 123 30.85 6.37 6.31
C ARG A 123 29.41 5.94 6.60
N ASP A 124 28.92 4.90 5.89
CA ASP A 124 27.57 4.37 6.06
C ASP A 124 27.34 3.90 7.48
N ASN A 125 28.32 3.21 8.08
CA ASN A 125 28.27 2.77 9.47
C ASN A 125 28.10 3.96 10.39
N LEU A 126 28.85 5.06 10.17
CA LEU A 126 28.74 6.27 10.97
C LEU A 126 27.35 6.91 10.82
N LEU A 127 26.80 6.92 9.59
CA LEU A 127 25.52 7.53 9.31
C LEU A 127 24.35 6.79 9.96
N PHE A 128 24.36 5.44 9.91
CA PHE A 128 23.33 4.64 10.55
C PHE A 128 23.40 4.84 12.06
N ARG A 129 24.63 4.89 12.61
CA ARG A 129 24.84 5.12 14.04
C ARG A 129 24.47 6.55 14.45
N ALA A 130 24.71 7.55 13.58
CA ALA A 130 24.33 8.94 13.83
C ALA A 130 22.81 9.05 13.89
N ALA A 131 22.08 8.30 13.02
CA ALA A 131 20.62 8.27 13.02
C ALA A 131 20.09 7.80 14.39
N VAL A 132 20.72 6.78 14.99
CA VAL A 132 20.38 6.27 16.33
C VAL A 132 20.63 7.36 17.39
N ARG A 133 21.80 8.01 17.34
CA ARG A 133 22.17 9.06 18.29
C ARG A 133 21.21 10.24 18.24
N LEU A 134 20.81 10.68 17.03
CA LEU A 134 19.88 11.79 16.88
C LEU A 134 18.45 11.42 17.25
N MET A 135 18.02 10.21 16.91
CA MET A 135 16.66 9.79 17.21
C MET A 135 16.41 9.46 18.67
N PHE A 136 17.38 8.83 19.36
CA PHE A 136 17.20 8.35 20.72
C PHE A 136 17.83 9.17 21.86
N SER A 137 18.38 10.36 21.58
CA SER A 137 19.10 11.11 22.63
C SER A 137 18.33 11.80 23.77
N ASP A 138 17.91 13.08 23.56
CA ASP A 138 17.24 13.91 24.59
C ASP A 138 15.72 13.85 24.50
N LEU A 139 15.19 12.68 24.85
CA LEU A 139 13.76 12.37 24.80
C LEU A 139 13.02 12.88 26.03
N GLU A 140 11.74 13.23 25.82
CA GLU A 140 10.84 13.71 26.86
C GLU A 140 9.79 12.63 27.16
N PRO A 141 9.53 12.29 28.44
CA PRO A 141 8.48 11.29 28.72
C PRO A 141 7.09 11.79 28.43
N VAL A 142 6.25 10.89 27.89
CA VAL A 142 4.86 11.15 27.52
C VAL A 142 4.00 9.95 27.98
N PRO A 143 2.66 10.07 28.09
CA PRO A 143 1.87 8.89 28.47
C PRO A 143 1.97 7.82 27.39
N LEU A 144 1.90 6.54 27.79
CA LEU A 144 1.94 5.41 26.88
C LEU A 144 0.52 5.30 26.33
N LYS A 145 0.33 5.69 25.05
CA LYS A 145 -1.00 5.65 24.42
C LYS A 145 -1.27 4.29 23.78
N ILE A 146 -2.47 3.77 24.05
CA ILE A 146 -2.97 2.47 23.60
C ILE A 146 -4.22 2.67 22.76
N ARG A 147 -4.31 2.01 21.59
CA ARG A 147 -5.49 2.07 20.74
C ARG A 147 -6.64 1.31 21.41
N LYS A 148 -7.81 1.95 21.54
CA LYS A 148 -8.99 1.32 22.15
C LYS A 148 -9.44 0.13 21.31
N GLY A 149 -9.76 -0.99 21.97
CA GLY A 149 -10.20 -2.20 21.29
C GLY A 149 -9.11 -3.03 20.62
N SER A 150 -7.83 -2.59 20.72
CA SER A 150 -6.69 -3.34 20.18
C SER A 150 -6.45 -4.57 21.07
N SER A 151 -5.87 -5.64 20.51
CA SER A 151 -5.63 -6.88 21.27
C SER A 151 -4.28 -6.85 21.97
N THR A 152 -4.16 -7.59 23.08
CA THR A 152 -2.89 -7.71 23.80
C THR A 152 -2.12 -8.87 23.16
N CYS A 153 -2.77 -9.60 22.24
CA CYS A 153 -2.23 -10.77 21.54
C CYS A 153 -1.61 -11.77 22.50
N ILE A 154 -0.45 -12.37 22.17
CA ILE A 154 0.14 -13.39 23.03
C ILE A 154 0.55 -12.90 24.44
N PRO A 155 0.08 -13.58 25.51
CA PRO A 155 -0.75 -14.79 25.52
C PRO A 155 -2.25 -14.63 25.82
N TYR A 156 -2.68 -13.45 26.31
CA TYR A 156 -4.04 -13.19 26.80
C TYR A 156 -5.15 -12.91 25.80
N PHE A 157 -4.81 -12.24 24.68
CA PHE A 157 -5.77 -11.87 23.63
C PHE A 157 -6.94 -11.06 24.19
N SER A 158 -6.64 -10.11 25.10
CA SER A 158 -7.63 -9.25 25.71
C SER A 158 -7.83 -7.99 24.87
N ASN A 159 -9.07 -7.50 24.78
CA ASN A 159 -9.43 -6.28 24.05
C ASN A 159 -9.97 -5.22 25.03
N ASP A 160 -9.91 -5.51 26.34
CA ASP A 160 -10.41 -4.64 27.40
C ASP A 160 -9.39 -3.63 27.82
N MET A 161 -9.74 -2.34 27.75
CA MET A 161 -8.86 -1.24 28.10
C MET A 161 -8.30 -1.30 29.52
N GLY A 162 -9.14 -1.63 30.49
CA GLY A 162 -8.70 -1.75 31.87
C GLY A 162 -7.61 -2.79 32.04
N THR A 163 -7.79 -3.98 31.41
CA THR A 163 -6.86 -5.11 31.44
C THR A 163 -5.57 -4.73 30.74
N LYS A 164 -5.70 -4.03 29.61
CA LYS A 164 -4.56 -3.56 28.80
C LYS A 164 -3.72 -2.55 29.58
N ILE A 165 -4.35 -1.61 30.30
CA ILE A 165 -3.66 -0.64 31.14
C ILE A 165 -2.89 -1.36 32.25
N GLU A 166 -3.52 -2.35 32.91
CA GLU A 166 -2.90 -3.14 33.99
C GLU A 166 -1.68 -3.89 33.45
N ILE A 167 -1.81 -4.55 32.27
CA ILE A 167 -0.73 -5.29 31.61
C ILE A 167 0.45 -4.35 31.31
N ALA A 168 0.15 -3.17 30.73
CA ALA A 168 1.14 -2.16 30.37
C ALA A 168 1.87 -1.61 31.59
N GLU A 169 1.14 -1.33 32.69
CA GLU A 169 1.76 -0.81 33.92
C GLU A 169 2.66 -1.86 34.54
N ARG A 170 2.18 -3.12 34.58
CA ARG A 170 2.96 -4.25 35.11
C ARG A 170 4.23 -4.46 34.28
N ALA A 171 4.10 -4.34 32.94
CA ALA A 171 5.20 -4.49 32.01
C ALA A 171 6.27 -3.43 32.27
N LEU A 172 5.86 -2.17 32.48
CA LEU A 172 6.82 -1.10 32.77
C LEU A 172 7.54 -1.31 34.10
N GLU A 173 6.83 -1.91 35.08
CA GLU A 173 7.39 -2.22 36.39
C GLU A 173 8.40 -3.37 36.33
N LYS A 174 8.10 -4.39 35.52
CA LYS A 174 8.89 -5.62 35.44
C LYS A 174 9.81 -5.79 34.23
N ALA A 175 9.88 -4.79 33.33
CA ALA A 175 10.73 -4.81 32.14
C ALA A 175 12.20 -5.04 32.48
N GLU A 176 12.70 -4.38 33.55
CA GLU A 176 14.09 -4.53 34.00
C GLU A 176 14.43 -5.96 34.39
N GLU A 177 13.57 -6.58 35.20
CA GLU A 177 13.73 -7.95 35.65
C GLU A 177 13.67 -8.91 34.45
N ALA A 178 12.75 -8.66 33.49
CA ALA A 178 12.59 -9.48 32.28
C ALA A 178 13.78 -9.37 31.34
N GLY A 179 14.23 -8.15 31.09
CA GLY A 179 15.38 -7.88 30.23
C GLY A 179 16.65 -8.54 30.76
N ASN A 180 16.85 -8.48 32.10
CA ASN A 180 17.99 -9.09 32.78
C ASN A 180 17.94 -10.61 32.68
N LEU A 181 16.73 -11.21 32.71
CA LEU A 181 16.58 -12.67 32.53
C LEU A 181 16.98 -13.05 31.10
N MET A 182 16.55 -12.26 30.09
CA MET A 182 16.91 -12.49 28.70
C MET A 182 18.42 -12.34 28.51
N LEU A 183 19.07 -11.40 29.23
CA LEU A 183 20.52 -11.22 29.17
C LEU A 183 21.26 -12.47 29.66
N GLN A 184 20.58 -13.28 30.50
CA GLN A 184 21.12 -14.53 31.02
C GLN A 184 20.73 -15.71 30.11
N GLY A 185 20.01 -15.43 29.04
CA GLY A 185 19.53 -16.46 28.12
C GLY A 185 18.30 -17.18 28.64
N LYS A 186 17.67 -16.64 29.71
CA LYS A 186 16.48 -17.24 30.31
C LYS A 186 15.19 -16.66 29.71
N PHE A 187 14.98 -16.89 28.41
CA PHE A 187 13.83 -16.40 27.64
C PHE A 187 12.50 -17.01 28.11
N ASP A 188 12.51 -18.33 28.42
CA ASP A 188 11.32 -19.01 28.92
C ASP A 188 10.90 -18.43 30.26
N ASP A 189 11.87 -18.12 31.15
CA ASP A 189 11.58 -17.50 32.44
C ASP A 189 10.98 -16.11 32.28
N ALA A 190 11.56 -15.29 31.39
CA ALA A 190 11.07 -13.92 31.15
C ALA A 190 9.63 -13.97 30.64
N TYR A 191 9.32 -14.95 29.78
CA TYR A 191 7.98 -15.13 29.22
C TYR A 191 7.00 -15.66 30.26
N GLN A 192 7.39 -16.72 30.97
CA GLN A 192 6.53 -17.32 31.99
C GLN A 192 6.19 -16.37 33.12
N LEU A 193 7.19 -15.57 33.56
CA LEU A 193 6.98 -14.62 34.65
C LEU A 193 6.32 -13.33 34.21
N HIS A 194 6.74 -12.76 33.07
CA HIS A 194 6.29 -11.43 32.67
C HIS A 194 5.63 -11.31 31.31
N GLN A 195 5.39 -12.45 30.62
CA GLN A 195 4.73 -12.53 29.29
C GLN A 195 5.50 -11.74 28.22
N MET A 196 6.82 -11.57 28.43
CA MET A 196 7.71 -10.88 27.51
C MET A 196 8.48 -11.93 26.74
N GLY A 197 8.04 -12.14 25.51
CA GLY A 197 8.59 -13.14 24.62
C GLY A 197 7.47 -13.87 23.93
N GLY A 198 7.66 -15.17 23.70
CA GLY A 198 6.67 -16.00 23.04
C GLY A 198 6.76 -15.86 21.54
N ALA A 199 5.82 -15.14 20.92
CA ALA A 199 5.79 -14.99 19.46
C ALA A 199 4.89 -13.87 19.00
N TYR A 200 4.99 -13.53 17.70
CA TYR A 200 4.07 -12.64 17.03
C TYR A 200 2.92 -13.52 16.58
N TYR A 201 1.72 -12.98 16.54
CA TYR A 201 0.56 -13.74 16.10
C TYR A 201 0.23 -13.24 14.70
N VAL A 202 0.29 -14.15 13.71
CA VAL A 202 0.07 -13.79 12.32
C VAL A 202 -1.40 -13.64 11.97
N VAL A 203 -1.79 -12.42 11.62
CA VAL A 203 -3.13 -12.05 11.16
C VAL A 203 -3.00 -11.69 9.67
N TYR A 204 -3.90 -12.19 8.81
CA TYR A 204 -3.82 -11.82 7.40
C TYR A 204 -4.78 -10.71 7.10
N ARG A 205 -4.26 -9.54 6.68
CA ARG A 205 -5.06 -8.36 6.40
C ARG A 205 -5.26 -8.16 4.91
N ALA A 206 -6.46 -7.68 4.55
CA ALA A 206 -6.82 -7.42 3.17
C ALA A 206 -6.17 -6.14 2.67
N GLN A 207 -5.69 -6.20 1.44
CA GLN A 207 -5.25 -5.05 0.67
C GLN A 207 -6.40 -5.08 -0.36
N SER A 208 -7.48 -4.35 -0.02
CA SER A 208 -8.78 -4.34 -0.70
C SER A 208 -8.79 -4.07 -2.20
N THR A 209 -7.81 -3.31 -2.65
CA THR A 209 -7.63 -2.97 -4.05
C THR A 209 -6.23 -3.37 -4.44
N ASP A 210 -6.11 -3.99 -5.61
CA ASP A 210 -4.85 -4.39 -6.18
C ASP A 210 -5.04 -4.31 -7.68
N ALA A 211 -3.95 -4.21 -8.43
CA ALA A 211 -3.96 -4.07 -9.88
C ALA A 211 -4.75 -5.13 -10.65
N ILE A 212 -5.57 -4.65 -11.57
CA ILE A 212 -6.38 -5.44 -12.50
C ILE A 212 -6.25 -4.72 -13.85
N THR A 213 -6.04 -5.46 -14.94
CA THR A 213 -5.96 -4.87 -16.27
C THR A 213 -7.00 -5.51 -17.16
N LEU A 214 -7.42 -4.80 -18.21
CA LEU A 214 -8.36 -5.33 -19.19
C LEU A 214 -7.54 -5.65 -20.44
N ASP A 215 -7.45 -6.95 -20.80
CA ASP A 215 -6.71 -7.42 -21.95
C ASP A 215 -7.48 -7.04 -23.23
N PRO A 216 -6.95 -6.10 -24.06
CA PRO A 216 -7.70 -5.70 -25.26
C PRO A 216 -7.94 -6.83 -26.26
N LYS A 217 -6.96 -7.76 -26.37
CA LYS A 217 -7.01 -8.92 -27.26
C LYS A 217 -8.23 -9.81 -26.98
N THR A 218 -8.49 -10.10 -25.69
CA THR A 218 -9.59 -10.98 -25.27
C THR A 218 -10.84 -10.29 -24.70
N GLY A 219 -10.69 -9.08 -24.19
CA GLY A 219 -11.77 -8.36 -23.54
C GLY A 219 -12.03 -8.88 -22.13
N LYS A 220 -11.10 -9.71 -21.61
CA LYS A 220 -11.17 -10.31 -20.28
C LYS A 220 -10.22 -9.61 -19.33
N PHE A 221 -10.61 -9.54 -18.05
CA PHE A 221 -9.80 -8.90 -17.02
C PHE A 221 -8.74 -9.86 -16.50
N VAL A 222 -7.57 -9.32 -16.13
CA VAL A 222 -6.44 -10.08 -15.58
C VAL A 222 -6.02 -9.46 -14.26
N SER A 223 -6.05 -10.22 -13.16
CA SER A 223 -5.64 -9.73 -11.85
C SER A 223 -4.12 -9.84 -11.71
N LYS A 224 -3.48 -8.89 -10.99
CA LYS A 224 -2.02 -8.93 -10.76
C LYS A 224 -1.67 -10.16 -9.93
N ASP A 225 -0.72 -10.98 -10.43
CA ASP A 225 -0.28 -12.18 -9.71
C ASP A 225 0.51 -11.78 -8.47
N ARG A 226 0.16 -12.36 -7.32
CA ARG A 226 0.85 -12.08 -6.06
C ARG A 226 1.49 -13.37 -5.59
N MET A 227 2.82 -13.39 -5.57
CA MET A 227 3.62 -14.55 -5.21
C MET A 227 3.54 -14.85 -3.74
N VAL A 228 3.38 -16.13 -3.42
CA VAL A 228 3.29 -16.60 -2.05
C VAL A 228 4.26 -17.75 -1.81
N ALA A 229 4.76 -17.86 -0.57
CA ALA A 229 5.68 -18.91 -0.18
C ALA A 229 4.89 -19.99 0.54
N ASP A 230 5.20 -21.26 0.22
CA ASP A 230 4.58 -22.38 0.93
C ASP A 230 5.39 -22.58 2.21
N PHE A 231 4.92 -23.48 3.10
CA PHE A 231 5.60 -23.73 4.37
C PHE A 231 7.09 -24.03 4.22
N GLU A 232 7.43 -24.95 3.31
CA GLU A 232 8.82 -25.37 3.09
C GLU A 232 9.69 -24.20 2.70
N TYR A 233 9.20 -23.35 1.80
CA TYR A 233 9.94 -22.18 1.36
C TYR A 233 10.22 -21.22 2.54
N ALA A 234 9.20 -20.94 3.37
CA ALA A 234 9.26 -20.03 4.52
C ALA A 234 10.27 -20.44 5.59
N VAL A 235 10.29 -21.73 5.96
CA VAL A 235 11.19 -22.25 7.00
C VAL A 235 12.62 -22.33 6.56
N THR A 236 12.86 -22.57 5.24
CA THR A 236 14.19 -22.72 4.65
C THR A 236 14.74 -21.41 4.07
N GLY A 237 14.00 -20.30 4.26
CA GLY A 237 14.40 -19.01 3.71
C GLY A 237 14.48 -19.02 2.19
N GLY A 238 13.73 -19.91 1.55
CA GLY A 238 13.73 -20.05 0.10
C GLY A 238 14.66 -21.11 -0.46
N GLU A 239 15.48 -21.78 0.40
CA GLU A 239 16.43 -22.83 -0.02
C GLU A 239 15.68 -24.02 -0.66
N GLN A 240 14.52 -24.36 -0.09
CA GLN A 240 13.65 -25.45 -0.56
C GLN A 240 12.22 -24.90 -0.72
N GLY A 241 11.27 -25.77 -1.07
CA GLY A 241 9.88 -25.40 -1.26
C GLY A 241 9.62 -24.53 -2.48
N SER A 242 8.42 -23.94 -2.56
CA SER A 242 8.07 -23.12 -3.70
C SER A 242 7.45 -21.74 -3.44
N LEU A 243 7.68 -20.84 -4.39
CA LEU A 243 7.17 -19.49 -4.46
C LEU A 243 6.30 -19.50 -5.72
N PHE A 244 5.00 -19.32 -5.54
CA PHE A 244 4.01 -19.42 -6.63
C PHE A 244 2.91 -18.36 -6.53
N ALA A 245 2.16 -18.11 -7.64
CA ALA A 245 1.07 -17.13 -7.70
C ALA A 245 -0.15 -17.62 -6.94
N ALA A 246 -0.66 -16.82 -5.98
CA ALA A 246 -1.88 -17.20 -5.24
C ALA A 246 -3.07 -17.11 -6.19
N SER A 247 -4.14 -17.85 -5.90
CA SER A 247 -5.32 -17.81 -6.75
C SER A 247 -6.30 -16.71 -6.31
N LYS A 248 -6.53 -15.74 -7.18
CA LYS A 248 -7.46 -14.63 -6.96
C LYS A 248 -8.79 -14.93 -7.66
N ASP A 249 -8.91 -16.09 -8.33
CA ASP A 249 -10.11 -16.52 -9.04
C ASP A 249 -11.29 -16.61 -8.09
N ALA A 250 -12.37 -15.84 -8.37
CA ALA A 250 -13.56 -15.77 -7.52
C ALA A 250 -14.73 -16.68 -7.96
N SER A 251 -14.56 -17.46 -9.06
CA SER A 251 -15.56 -18.39 -9.59
C SER A 251 -16.09 -19.33 -8.50
N ARG A 252 -15.16 -19.78 -7.62
CA ARG A 252 -15.40 -20.65 -6.47
C ARG A 252 -16.54 -20.21 -5.54
N LEU A 253 -16.78 -18.88 -5.43
CA LEU A 253 -17.80 -18.28 -4.55
C LEU A 253 -19.22 -18.67 -4.92
N LYS A 254 -19.47 -18.94 -6.21
CA LYS A 254 -20.78 -19.37 -6.67
C LYS A 254 -21.06 -20.77 -6.12
N GLU A 255 -20.11 -21.69 -6.32
CA GLU A 255 -20.21 -23.08 -5.87
C GLU A 255 -20.25 -23.18 -4.34
N GLN A 256 -19.31 -22.54 -3.64
CA GLN A 256 -19.20 -22.60 -2.18
C GLN A 256 -20.26 -21.83 -1.43
N TYR A 257 -20.63 -20.63 -1.90
CA TYR A 257 -21.53 -19.77 -1.12
C TYR A 257 -22.82 -19.35 -1.77
N GLY A 258 -23.00 -19.67 -3.04
CA GLY A 258 -24.18 -19.28 -3.78
C GLY A 258 -24.20 -17.80 -4.14
N ILE A 259 -22.99 -17.20 -4.26
CA ILE A 259 -22.81 -15.80 -4.60
C ILE A 259 -22.59 -15.66 -6.11
N ASP A 260 -23.40 -14.83 -6.77
CA ASP A 260 -23.20 -14.58 -8.20
C ASP A 260 -21.95 -13.72 -8.36
N VAL A 261 -21.02 -14.20 -9.18
CA VAL A 261 -19.75 -13.52 -9.43
C VAL A 261 -19.80 -12.92 -10.83
N PRO A 262 -19.88 -11.57 -10.97
CA PRO A 262 -19.84 -10.98 -12.31
C PRO A 262 -18.44 -11.13 -12.91
N ASP A 263 -18.34 -11.06 -14.24
CA ASP A 263 -17.10 -11.18 -14.97
C ASP A 263 -16.11 -10.10 -14.51
N GLY A 264 -14.84 -10.48 -14.36
CA GLY A 264 -13.77 -9.57 -13.99
C GLY A 264 -13.77 -9.07 -12.57
N PHE A 265 -14.28 -9.89 -11.63
CA PHE A 265 -14.25 -9.62 -10.19
C PHE A 265 -13.39 -10.69 -9.54
N PHE A 266 -12.50 -10.27 -8.64
CA PHE A 266 -11.53 -11.18 -8.04
C PHE A 266 -11.50 -11.19 -6.54
N CYS A 267 -10.82 -12.20 -5.98
CA CYS A 267 -10.59 -12.31 -4.55
C CYS A 267 -9.48 -11.31 -4.20
N GLU A 268 -9.50 -10.81 -2.98
CA GLU A 268 -8.56 -9.78 -2.53
C GLU A 268 -7.17 -10.26 -2.22
N ARG A 269 -6.21 -9.36 -2.40
CA ARG A 269 -4.84 -9.62 -2.01
C ARG A 269 -4.83 -9.66 -0.49
N ARG A 270 -4.08 -10.60 0.06
CA ARG A 270 -3.92 -10.73 1.50
C ARG A 270 -2.48 -10.57 1.87
N ARG A 271 -2.24 -9.71 2.85
CA ARG A 271 -0.90 -9.42 3.34
C ARG A 271 -0.73 -9.94 4.76
N THR A 272 0.47 -10.44 5.10
CA THR A 272 0.71 -10.89 6.47
C THR A 272 0.84 -9.63 7.31
N ALA A 273 0.27 -9.68 8.49
CA ALA A 273 0.36 -8.64 9.49
C ALA A 273 0.58 -9.38 10.75
N MET A 274 1.25 -8.79 11.71
CA MET A 274 1.53 -9.52 12.94
C MET A 274 1.20 -8.70 14.14
N GLY A 275 0.71 -9.36 15.18
CA GLY A 275 0.41 -8.71 16.43
C GLY A 275 1.44 -9.13 17.45
N GLY A 276 2.07 -8.15 18.07
CA GLY A 276 3.08 -8.39 19.09
C GLY A 276 2.56 -8.77 20.47
N PRO A 277 3.40 -9.46 21.26
CA PRO A 277 2.99 -9.78 22.65
C PRO A 277 3.04 -8.47 23.42
N PHE A 278 1.87 -7.96 23.81
CA PHE A 278 1.74 -6.64 24.45
C PHE A 278 2.67 -6.32 25.62
N ALA A 279 2.97 -7.30 26.49
CA ALA A 279 3.87 -7.05 27.62
C ALA A 279 5.25 -6.68 27.14
N LEU A 280 5.68 -7.24 25.99
CA LEU A 280 6.97 -6.92 25.39
C LEU A 280 6.90 -5.57 24.65
N ASN A 281 5.80 -5.30 23.95
CA ASN A 281 5.63 -4.03 23.23
C ASN A 281 5.51 -2.79 24.10
N ALA A 282 4.81 -2.88 25.26
CA ALA A 282 4.63 -1.74 26.17
C ALA A 282 5.96 -1.03 26.51
N PRO A 283 7.02 -1.71 27.05
CA PRO A 283 8.28 -0.99 27.31
C PRO A 283 8.96 -0.38 26.07
N ILE A 284 8.68 -0.95 24.87
CA ILE A 284 9.22 -0.45 23.60
C ILE A 284 8.47 0.81 23.19
N MET A 285 7.14 0.77 23.25
CA MET A 285 6.27 1.91 22.91
C MET A 285 6.56 3.14 23.81
N ALA A 286 6.90 2.91 25.11
CA ALA A 286 7.22 3.96 26.09
C ALA A 286 8.46 4.78 25.70
N VAL A 287 9.31 4.21 24.82
CA VAL A 287 10.50 4.85 24.27
C VAL A 287 10.17 5.33 22.86
N ALA A 288 9.46 4.51 22.04
CA ALA A 288 9.12 4.86 20.67
C ALA A 288 8.33 6.16 20.54
N GLN A 289 7.29 6.37 21.39
CA GLN A 289 6.52 7.63 21.31
C GLN A 289 7.39 8.86 21.54
N PRO A 290 8.20 8.94 22.65
CA PRO A 290 9.13 10.09 22.79
C PRO A 290 10.05 10.30 21.57
N VAL A 291 10.50 9.20 20.90
CA VAL A 291 11.35 9.26 19.69
C VAL A 291 10.60 9.95 18.55
N ARG A 292 9.33 9.55 18.31
CA ARG A 292 8.48 10.16 17.27
C ARG A 292 8.31 11.65 17.56
N ASN A 293 8.01 12.02 18.82
CA ASN A 293 7.86 13.41 19.20
C ASN A 293 9.11 14.22 18.88
N LYS A 294 10.32 13.64 19.10
CA LYS A 294 11.58 14.30 18.79
C LYS A 294 11.76 14.48 17.28
N ILE A 295 11.70 13.38 16.51
CA ILE A 295 11.89 13.47 15.05
C ILE A 295 10.83 14.31 14.34
N TYR A 296 9.57 14.35 14.84
CA TYR A 296 8.52 15.15 14.22
C TYR A 296 8.60 16.62 14.60
N SER A 297 9.40 16.97 15.65
CA SER A 297 9.61 18.36 16.08
C SER A 297 10.95 18.88 15.56
N LYS A 298 12.07 18.37 16.10
CA LYS A 298 13.40 18.79 15.68
C LYS A 298 13.67 18.51 14.21
N TYR A 299 13.22 17.36 13.71
CA TYR A 299 13.46 17.01 12.32
C TYR A 299 12.22 17.00 11.47
N ALA A 300 11.29 17.92 11.79
CA ALA A 300 9.99 18.06 11.12
C ALA A 300 10.10 18.19 9.62
N TYR A 301 11.18 18.83 9.12
CA TYR A 301 11.37 19.01 7.68
C TYR A 301 11.33 17.67 6.95
N THR A 302 12.14 16.71 7.41
CA THR A 302 12.27 15.41 6.77
C THR A 302 11.12 14.48 7.14
N PHE A 303 10.69 14.50 8.41
CA PHE A 303 9.76 13.52 8.98
C PHE A 303 8.31 13.88 9.28
N HIS A 304 7.98 15.16 9.50
CA HIS A 304 6.62 15.54 9.85
C HIS A 304 5.82 16.06 8.66
N HIS A 305 4.91 15.20 8.17
CA HIS A 305 4.11 15.46 6.99
C HIS A 305 2.62 15.49 7.31
N THR A 306 1.98 16.61 7.00
CA THR A 306 0.58 16.81 7.32
C THR A 306 -0.26 16.95 6.06
N THR A 307 -0.42 18.19 5.57
CA THR A 307 -1.25 18.50 4.42
C THR A 307 -0.49 18.49 3.10
N ARG A 308 -1.23 18.48 1.99
CA ARG A 308 -0.68 18.54 0.65
C ARG A 308 0.14 19.84 0.48
N LEU A 309 -0.28 20.94 1.14
CA LEU A 309 0.39 22.25 1.06
C LEU A 309 1.66 22.28 1.90
N ASN A 310 1.63 21.58 3.06
CA ASN A 310 2.80 21.42 3.94
C ASN A 310 3.93 20.72 3.17
N LYS A 311 3.59 19.68 2.36
CA LYS A 311 4.53 18.93 1.52
C LYS A 311 4.98 19.80 0.35
N GLU A 312 4.03 20.53 -0.27
CA GLU A 312 4.24 21.39 -1.43
C GLU A 312 5.25 22.50 -1.17
N GLU A 313 5.19 23.15 0.00
CA GLU A 313 6.10 24.23 0.40
C GLU A 313 7.56 23.80 0.35
N LYS A 314 7.85 22.55 0.76
CA LYS A 314 9.21 22.01 0.76
C LYS A 314 9.68 21.69 -0.66
N VAL A 315 8.88 20.89 -1.38
CA VAL A 315 9.15 20.42 -2.73
C VAL A 315 9.30 21.54 -3.77
N LYS A 316 8.50 22.62 -3.66
CA LYS A 316 8.54 23.78 -4.59
C LYS A 316 9.90 24.48 -4.64
N GLU A 317 10.67 24.44 -3.53
CA GLU A 317 12.00 25.03 -3.39
C GLU A 317 13.08 24.20 -4.10
N TRP A 318 12.77 22.95 -4.49
CA TRP A 318 13.72 22.03 -5.11
C TRP A 318 13.83 22.23 -6.61
N SER A 319 15.02 21.94 -7.15
CA SER A 319 15.25 22.02 -8.59
C SER A 319 14.93 20.67 -9.23
N LEU A 320 15.05 19.59 -8.43
CA LEU A 320 14.74 18.22 -8.84
C LEU A 320 14.08 17.44 -7.70
N CYS A 321 13.02 16.71 -8.02
CA CYS A 321 12.30 15.90 -7.06
C CYS A 321 12.25 14.48 -7.61
N VAL A 322 12.81 13.51 -6.86
CA VAL A 322 12.78 12.13 -7.31
C VAL A 322 11.90 11.31 -6.37
N ALA A 323 10.77 10.78 -6.89
CA ALA A 323 9.85 9.96 -6.11
C ALA A 323 10.28 8.49 -6.20
N THR A 324 10.80 7.96 -5.09
CA THR A 324 11.31 6.58 -5.03
C THR A 324 10.27 5.56 -4.60
N ASP A 325 10.56 4.29 -4.92
CA ASP A 325 9.78 3.10 -4.62
C ASP A 325 10.75 2.07 -4.05
N VAL A 326 10.33 1.34 -3.00
CA VAL A 326 11.11 0.28 -2.37
C VAL A 326 10.34 -0.99 -2.54
N SER A 327 11.02 -2.03 -3.03
CA SER A 327 10.39 -3.32 -3.20
C SER A 327 10.33 -4.04 -1.86
N ASP A 328 9.11 -4.51 -1.48
CA ASP A 328 8.89 -5.34 -0.30
C ASP A 328 9.71 -4.93 0.94
N HIS A 329 9.57 -3.68 1.39
CA HIS A 329 10.33 -3.12 2.49
C HIS A 329 10.44 -4.01 3.75
N ASP A 330 9.30 -4.39 4.34
CA ASP A 330 9.28 -5.14 5.59
C ASP A 330 9.99 -6.48 5.55
N THR A 331 9.83 -7.25 4.46
CA THR A 331 10.47 -8.56 4.34
C THR A 331 11.97 -8.46 4.06
N PHE A 332 12.42 -7.38 3.37
CA PHE A 332 13.83 -7.14 3.09
C PHE A 332 14.58 -6.41 4.22
N TRP A 333 13.86 -5.82 5.20
CA TRP A 333 14.46 -5.07 6.29
C TRP A 333 15.57 -5.89 6.97
N PRO A 334 16.82 -5.35 7.07
CA PRO A 334 17.94 -6.16 7.56
C PRO A 334 18.15 -6.33 9.06
N GLY A 335 18.35 -7.57 9.49
CA GLY A 335 18.63 -7.88 10.89
C GLY A 335 19.93 -7.26 11.37
N TRP A 336 20.89 -7.05 10.46
CA TRP A 336 22.13 -6.38 10.87
C TRP A 336 21.85 -4.96 11.36
N LEU A 337 20.77 -4.31 10.84
CA LEU A 337 20.40 -2.96 11.30
C LEU A 337 19.87 -3.00 12.74
N ARG A 338 19.08 -4.05 13.08
CA ARG A 338 18.58 -4.27 14.44
C ARG A 338 19.81 -4.34 15.38
N ASP A 339 20.81 -5.16 15.00
CA ASP A 339 22.02 -5.35 15.79
C ASP A 339 22.86 -4.09 15.90
N LEU A 340 22.96 -3.31 14.80
CA LEU A 340 23.69 -2.04 14.79
C LEU A 340 22.98 -1.05 15.72
N ILE A 341 21.64 -0.94 15.62
CA ILE A 341 20.86 -0.03 16.47
C ILE A 341 21.07 -0.37 17.95
N CYS A 342 20.96 -1.65 18.29
CA CYS A 342 21.15 -2.15 19.64
C CYS A 342 22.54 -1.86 20.18
N ASP A 343 23.57 -2.09 19.35
CA ASP A 343 24.96 -1.82 19.70
C ASP A 343 25.16 -0.33 19.96
N GLU A 344 24.57 0.54 19.11
CA GLU A 344 24.69 1.98 19.30
C GLU A 344 23.97 2.50 20.53
N LEU A 345 22.78 1.94 20.84
CA LEU A 345 22.04 2.32 22.05
C LEU A 345 22.85 1.98 23.27
N LEU A 346 23.53 0.81 23.27
CA LEU A 346 24.39 0.40 24.37
C LEU A 346 25.53 1.41 24.56
N ASN A 347 26.17 1.85 23.44
CA ASN A 347 27.25 2.85 23.41
C ASN A 347 26.79 4.20 23.98
N MET A 348 25.53 4.58 23.72
CA MET A 348 24.91 5.81 24.21
C MET A 348 24.63 5.79 25.72
N GLY A 349 24.60 4.60 26.31
CA GLY A 349 24.35 4.42 27.73
C GLY A 349 22.95 3.95 28.08
N TYR A 350 22.18 3.44 27.09
CA TYR A 350 20.82 2.92 27.31
C TYR A 350 20.94 1.67 28.18
N ALA A 351 19.95 1.45 29.07
CA ALA A 351 19.90 0.27 29.95
C ALA A 351 20.06 -1.01 29.12
N PRO A 352 21.08 -1.87 29.41
CA PRO A 352 21.26 -3.10 28.61
C PRO A 352 20.06 -4.03 28.60
N TRP A 353 19.31 -4.08 29.73
CA TRP A 353 18.09 -4.88 29.84
C TRP A 353 17.02 -4.40 28.85
N TRP A 354 16.91 -3.07 28.63
CA TRP A 354 15.93 -2.53 27.70
C TRP A 354 16.33 -2.84 26.27
N VAL A 355 17.62 -2.67 25.96
CA VAL A 355 18.17 -2.95 24.62
C VAL A 355 17.92 -4.43 24.30
N LYS A 356 18.07 -5.32 25.30
CA LYS A 356 17.83 -6.75 25.11
C LYS A 356 16.37 -7.04 24.74
N LEU A 357 15.42 -6.34 25.38
CA LEU A 357 13.98 -6.48 25.09
C LEU A 357 13.74 -6.05 23.65
N PHE A 358 14.34 -4.91 23.27
CA PHE A 358 14.24 -4.34 21.93
C PHE A 358 14.81 -5.28 20.87
N GLU A 359 16.02 -5.82 21.14
CA GLU A 359 16.68 -6.80 20.26
C GLU A 359 15.78 -8.02 20.08
N THR A 360 15.27 -8.58 21.21
CA THR A 360 14.42 -9.76 21.22
C THR A 360 13.13 -9.56 20.42
N SER A 361 12.55 -8.35 20.47
CA SER A 361 11.31 -8.03 19.73
C SER A 361 11.49 -8.14 18.22
N LEU A 362 12.75 -8.04 17.76
CA LEU A 362 13.07 -8.12 16.34
C LEU A 362 13.70 -9.45 15.89
N LYS A 363 13.55 -10.49 16.73
CA LYS A 363 14.05 -11.85 16.44
C LYS A 363 13.02 -12.89 16.84
N LEU A 364 11.86 -12.44 17.26
CA LEU A 364 10.85 -13.29 17.83
C LEU A 364 10.22 -14.30 16.87
N PRO A 365 9.91 -15.53 17.37
CA PRO A 365 9.15 -16.50 16.57
C PRO A 365 7.78 -15.98 16.11
N VAL A 366 7.17 -16.66 15.14
CA VAL A 366 5.87 -16.26 14.60
C VAL A 366 4.89 -17.41 14.60
N TYR A 367 3.67 -17.16 15.10
CA TYR A 367 2.63 -18.17 15.11
C TYR A 367 1.74 -17.93 13.90
N VAL A 368 1.72 -18.89 12.97
CA VAL A 368 0.94 -18.82 11.74
C VAL A 368 -0.46 -19.38 11.98
N GLY A 369 -1.44 -18.53 11.81
CA GLY A 369 -2.84 -18.89 12.01
C GLY A 369 -3.41 -19.72 10.89
N ALA A 370 -4.10 -19.06 9.94
CA ALA A 370 -4.75 -19.78 8.86
C ALA A 370 -4.55 -19.15 7.49
N PRO A 371 -3.46 -19.50 6.78
CA PRO A 371 -3.24 -18.91 5.44
C PRO A 371 -4.22 -19.39 4.37
N ALA A 372 -4.82 -20.56 4.58
CA ALA A 372 -5.75 -21.20 3.66
C ALA A 372 -6.55 -22.28 4.39
N PRO A 373 -7.67 -22.81 3.83
CA PRO A 373 -8.37 -23.90 4.52
C PRO A 373 -7.45 -25.11 4.71
N GLU A 374 -7.53 -25.79 5.88
CA GLU A 374 -6.73 -26.97 6.21
C GLU A 374 -5.18 -26.73 6.22
N GLN A 375 -4.75 -25.47 6.47
CA GLN A 375 -3.35 -25.05 6.56
C GLN A 375 -3.13 -24.13 7.76
N GLY A 376 -1.92 -24.13 8.30
CA GLY A 376 -1.54 -23.23 9.38
C GLY A 376 -1.44 -23.88 10.74
N HIS A 377 -1.75 -23.09 11.80
CA HIS A 377 -1.70 -23.50 13.21
C HIS A 377 -0.33 -24.07 13.56
N THR A 378 0.72 -23.32 13.18
CA THR A 378 2.10 -23.72 13.35
C THR A 378 2.94 -22.57 13.85
N LEU A 379 3.78 -22.85 14.85
CA LEU A 379 4.72 -21.88 15.37
C LEU A 379 6.03 -22.05 14.62
N LEU A 380 6.59 -20.96 14.06
CA LEU A 380 7.88 -20.95 13.36
C LEU A 380 8.88 -20.31 14.29
N GLY A 381 9.96 -21.00 14.60
CA GLY A 381 10.98 -20.51 15.52
C GLY A 381 10.73 -20.97 16.93
N ASP A 382 11.79 -21.06 17.73
CA ASP A 382 11.73 -21.54 19.10
C ASP A 382 11.73 -20.35 20.07
N PRO A 383 10.65 -20.15 20.87
CA PRO A 383 10.64 -19.03 21.83
C PRO A 383 11.71 -19.11 22.92
N SER A 384 12.32 -20.31 23.18
CA SER A 384 13.38 -20.47 24.18
C SER A 384 14.65 -19.75 23.76
N ASN A 385 14.86 -19.56 22.44
CA ASN A 385 16.00 -18.82 21.93
C ASN A 385 15.63 -18.03 20.66
N PRO A 386 15.02 -16.82 20.81
CA PRO A 386 14.59 -16.04 19.63
C PRO A 386 15.73 -15.77 18.65
N ASP A 387 15.60 -16.31 17.43
CA ASP A 387 16.64 -16.21 16.40
C ASP A 387 16.10 -16.06 14.97
N LEU A 388 14.86 -15.58 14.82
CA LEU A 388 14.31 -15.41 13.48
C LEU A 388 14.86 -14.15 12.81
N GLU A 389 14.77 -14.11 11.48
CA GLU A 389 15.20 -12.98 10.65
C GLU A 389 14.08 -12.66 9.67
N VAL A 390 12.87 -12.38 10.20
CA VAL A 390 11.66 -12.13 9.39
C VAL A 390 11.67 -10.80 8.63
N GLY A 391 12.64 -9.97 8.96
CA GLY A 391 12.72 -8.60 8.49
C GLY A 391 12.11 -7.74 9.57
N LEU A 392 11.14 -6.90 9.20
CA LEU A 392 10.49 -6.03 10.17
C LEU A 392 9.08 -6.57 10.44
N SER A 393 8.79 -6.93 11.71
CA SER A 393 7.48 -7.45 12.14
C SER A 393 6.54 -6.28 12.24
N SER A 394 5.39 -6.31 11.53
CA SER A 394 4.42 -5.20 11.54
C SER A 394 3.88 -4.74 12.92
N GLY A 395 3.80 -5.65 13.88
CA GLY A 395 3.30 -5.36 15.22
C GLY A 395 4.35 -5.08 16.26
N GLN A 396 5.60 -4.81 15.83
CA GLN A 396 6.66 -4.46 16.75
C GLN A 396 6.39 -3.01 17.17
N GLY A 397 6.65 -2.67 18.42
CA GLY A 397 6.36 -1.35 18.98
C GLY A 397 6.98 -0.13 18.32
N ALA A 398 7.99 -0.32 17.46
CA ALA A 398 8.69 0.79 16.80
C ALA A 398 8.91 0.56 15.29
N THR A 399 8.03 -0.22 14.62
CA THR A 399 8.20 -0.55 13.18
C THR A 399 8.31 0.65 12.27
N ASP A 400 7.53 1.70 12.53
CA ASP A 400 7.56 2.92 11.74
C ASP A 400 8.96 3.54 11.82
N LEU A 401 9.52 3.63 13.04
CA LEU A 401 10.85 4.18 13.29
C LEU A 401 11.94 3.33 12.67
N MET A 402 11.79 1.99 12.73
CA MET A 402 12.76 1.08 12.14
C MET A 402 12.87 1.23 10.63
N GLY A 403 11.72 1.37 9.96
CA GLY A 403 11.68 1.58 8.53
C GLY A 403 12.17 2.96 8.15
N THR A 404 11.82 3.98 8.96
CA THR A 404 12.24 5.37 8.74
C THR A 404 13.77 5.52 8.88
N LEU A 405 14.36 4.94 9.94
CA LEU A 405 15.80 4.95 10.22
C LEU A 405 16.54 4.34 9.01
N LEU A 406 16.17 3.08 8.62
CA LEU A 406 16.79 2.39 7.49
C LEU A 406 16.70 3.22 6.23
N MET A 407 15.47 3.59 5.84
CA MET A 407 15.22 4.30 4.60
C MET A 407 15.80 5.70 4.50
N SER A 408 15.68 6.53 5.56
CA SER A 408 16.25 7.87 5.53
C SER A 408 17.76 7.84 5.22
N ILE A 409 18.51 6.92 5.86
CA ILE A 409 19.95 6.76 5.62
C ILE A 409 20.21 6.16 4.24
N THR A 410 19.39 5.17 3.82
CA THR A 410 19.50 4.55 2.49
C THR A 410 19.43 5.61 1.38
N TYR A 411 18.44 6.52 1.48
CA TYR A 411 18.27 7.58 0.49
C TYR A 411 19.42 8.58 0.52
N LEU A 412 19.87 8.96 1.74
CA LEU A 412 20.99 9.88 1.92
C LEU A 412 22.26 9.29 1.28
N VAL A 413 22.52 7.99 1.54
CA VAL A 413 23.66 7.26 0.97
C VAL A 413 23.59 7.27 -0.57
N MET A 414 22.40 7.03 -1.12
CA MET A 414 22.14 7.08 -2.56
C MET A 414 22.49 8.47 -3.14
N GLN A 415 22.11 9.56 -2.42
CA GLN A 415 22.42 10.94 -2.84
C GLN A 415 23.94 11.19 -2.75
N LEU A 416 24.59 10.66 -1.69
CA LEU A 416 26.03 10.83 -1.52
C LEU A 416 26.81 10.10 -2.60
N ASP A 417 26.52 8.79 -2.78
CA ASP A 417 27.17 7.94 -3.77
C ASP A 417 27.06 8.44 -5.20
N HIS A 418 25.85 8.82 -5.63
CA HIS A 418 25.60 9.19 -7.02
C HIS A 418 25.61 10.65 -7.36
N THR A 419 25.52 11.55 -6.37
CA THR A 419 25.39 12.97 -6.65
C THR A 419 26.28 13.92 -5.85
N ALA A 420 26.61 13.57 -4.60
CA ALA A 420 27.37 14.48 -3.76
C ALA A 420 28.67 13.95 -3.09
N PRO A 421 29.68 13.49 -3.87
CA PRO A 421 30.95 13.03 -3.25
C PRO A 421 31.70 14.12 -2.47
N HIS A 422 31.41 15.38 -2.78
CA HIS A 422 31.99 16.56 -2.13
C HIS A 422 31.52 16.72 -0.70
N LEU A 423 30.46 15.99 -0.30
CA LEU A 423 29.99 16.05 1.08
C LEU A 423 30.61 14.97 1.95
N ASN A 424 31.26 13.96 1.34
CA ASN A 424 31.88 12.85 2.08
C ASN A 424 32.88 13.28 3.15
N SER A 425 33.65 14.38 2.87
CA SER A 425 34.64 14.95 3.79
C SER A 425 34.01 15.47 5.09
N ARG A 426 32.70 15.78 5.08
CA ARG A 426 31.97 16.27 6.25
C ARG A 426 31.63 15.12 7.23
N ILE A 427 31.81 13.85 6.80
CA ILE A 427 31.49 12.68 7.61
C ILE A 427 32.79 11.88 7.87
N LYS A 428 33.54 12.30 8.91
CA LYS A 428 34.86 11.76 9.26
C LYS A 428 34.84 10.87 10.48
N ASP A 429 33.96 11.19 11.45
CA ASP A 429 33.84 10.49 12.73
C ASP A 429 32.41 10.63 13.24
N MET A 430 32.11 10.12 14.43
CA MET A 430 30.77 10.22 15.00
C MET A 430 30.28 11.67 15.21
N PRO A 431 31.04 12.57 15.89
CA PRO A 431 30.58 13.95 16.05
C PRO A 431 30.25 14.67 14.74
N SER A 432 31.11 14.51 13.70
CA SER A 432 30.88 15.12 12.38
C SER A 432 29.73 14.46 11.62
N ALA A 433 29.53 13.13 11.80
CA ALA A 433 28.41 12.40 11.19
C ALA A 433 27.10 12.95 11.77
N CYS A 434 27.06 13.14 13.12
CA CYS A 434 25.89 13.68 13.83
C CYS A 434 25.57 15.12 13.40
N ARG A 435 26.60 15.99 13.29
CA ARG A 435 26.42 17.38 12.86
C ARG A 435 25.87 17.44 11.46
N PHE A 436 26.43 16.61 10.55
CA PHE A 436 26.00 16.58 9.15
C PHE A 436 24.56 16.10 9.04
N LEU A 437 24.25 14.97 9.69
CA LEU A 437 22.90 14.40 9.65
C LEU A 437 21.86 15.34 10.24
N ASP A 438 22.20 16.01 11.37
CA ASP A 438 21.35 16.98 12.04
C ASP A 438 21.00 18.09 11.08
N SER A 439 22.00 18.58 10.31
CA SER A 439 21.83 19.63 9.31
C SER A 439 20.97 19.14 8.12
N TYR A 440 21.29 17.94 7.58
CA TYR A 440 20.58 17.31 6.46
C TYR A 440 19.11 17.09 6.77
N TRP A 441 18.80 16.54 7.96
CA TRP A 441 17.45 16.24 8.40
C TRP A 441 16.59 17.50 8.62
N GLN A 442 17.23 18.67 8.88
CA GLN A 442 16.51 19.94 9.06
C GLN A 442 16.27 20.64 7.71
N GLY A 443 16.72 20.00 6.62
CA GLY A 443 16.62 20.50 5.26
C GLY A 443 17.59 21.63 4.95
N HIS A 444 18.74 21.65 5.66
CA HIS A 444 19.75 22.69 5.51
C HIS A 444 20.84 22.43 4.47
N GLU A 445 20.81 21.27 3.80
CA GLU A 445 21.82 20.94 2.79
C GLU A 445 21.24 21.08 1.37
N GLU A 446 22.12 21.05 0.33
CA GLU A 446 21.69 21.15 -1.08
C GLU A 446 20.99 19.86 -1.55
N ILE A 447 21.21 18.78 -0.80
CA ILE A 447 20.54 17.50 -0.97
C ILE A 447 19.54 17.41 0.19
N ARG A 448 18.29 17.05 -0.15
CA ARG A 448 17.21 16.99 0.81
C ARG A 448 16.32 15.78 0.61
N GLN A 449 15.42 15.55 1.58
CA GLN A 449 14.45 14.47 1.48
C GLN A 449 13.28 14.69 2.41
N ILE A 450 12.16 14.11 2.02
CA ILE A 450 10.95 14.04 2.84
C ILE A 450 10.62 12.56 2.81
N SER A 451 10.53 11.93 3.97
CA SER A 451 10.29 10.49 3.97
C SER A 451 9.47 10.02 5.14
N LYS A 452 8.92 8.81 4.98
CA LYS A 452 8.22 8.07 6.02
C LYS A 452 8.30 6.63 5.59
N SER A 453 9.01 5.79 6.39
CA SER A 453 9.21 4.37 6.10
C SER A 453 9.67 4.20 4.65
N ASP A 454 8.89 3.46 3.83
CA ASP A 454 9.20 3.16 2.42
C ASP A 454 8.66 4.16 1.40
N ASP A 455 8.14 5.30 1.86
CA ASP A 455 7.67 6.34 0.93
C ASP A 455 8.57 7.55 1.08
N ALA A 456 9.04 8.11 -0.04
CA ALA A 456 9.93 9.27 -0.01
C ALA A 456 9.97 10.02 -1.29
N MET A 457 10.45 11.26 -1.18
CA MET A 457 10.74 12.15 -2.27
C MET A 457 12.10 12.77 -1.97
N LEU A 458 13.04 12.60 -2.91
CA LEU A 458 14.40 13.08 -2.75
C LEU A 458 14.59 14.34 -3.54
N GLY A 459 15.22 15.34 -2.91
CA GLY A 459 15.44 16.64 -3.54
C GLY A 459 16.84 17.16 -3.65
N TRP A 460 17.05 17.98 -4.68
CA TRP A 460 18.29 18.67 -5.01
C TRP A 460 17.95 20.13 -5.26
N THR A 461 18.65 21.04 -4.61
CA THR A 461 18.51 22.47 -4.88
C THR A 461 19.60 22.77 -5.93
N LYS A 462 19.83 24.05 -6.26
CA LYS A 462 20.90 24.41 -7.19
C LYS A 462 22.24 24.14 -6.50
N GLY A 463 23.23 23.72 -7.27
CA GLY A 463 24.54 23.41 -6.74
C GLY A 463 25.25 22.27 -7.43
N ARG A 464 26.36 21.83 -6.83
CA ARG A 464 27.21 20.76 -7.37
C ARG A 464 26.54 19.41 -7.49
N ALA A 465 25.63 19.09 -6.56
CA ALA A 465 24.96 17.80 -6.56
C ALA A 465 23.86 17.67 -7.62
N LEU A 466 23.27 18.81 -8.07
CA LEU A 466 22.16 18.83 -9.04
C LEU A 466 22.36 18.01 -10.32
N VAL A 467 23.54 18.15 -10.96
CA VAL A 467 23.86 17.41 -12.17
C VAL A 467 23.84 15.89 -11.93
N GLY A 468 24.37 15.48 -10.78
CA GLY A 468 24.39 14.08 -10.33
C GLY A 468 22.99 13.57 -10.06
N GLY A 469 22.17 14.45 -9.48
CA GLY A 469 20.77 14.19 -9.22
C GLY A 469 20.04 13.75 -10.48
N HIS A 470 20.27 14.45 -11.63
CA HIS A 470 19.68 14.13 -12.94
C HIS A 470 20.18 12.81 -13.51
N ARG A 471 21.48 12.47 -13.28
CA ARG A 471 22.05 11.18 -13.72
C ARG A 471 21.42 10.03 -12.95
N LEU A 472 21.22 10.23 -11.63
CA LEU A 472 20.58 9.23 -10.76
C LEU A 472 19.15 8.95 -11.24
N PHE A 473 18.39 10.01 -11.53
CA PHE A 473 17.03 9.92 -12.04
C PHE A 473 17.01 9.15 -13.37
N GLU A 474 17.99 9.43 -14.26
CA GLU A 474 18.14 8.72 -15.53
C GLU A 474 18.44 7.23 -15.29
N MET A 475 19.31 6.92 -14.31
CA MET A 475 19.67 5.54 -13.95
C MET A 475 18.40 4.81 -13.48
N LEU A 476 17.55 5.49 -12.70
CA LEU A 476 16.29 4.90 -12.21
C LEU A 476 15.34 4.63 -13.36
N LYS A 477 15.19 5.61 -14.30
CA LYS A 477 14.32 5.42 -15.49
C LYS A 477 14.77 4.20 -16.31
N GLU A 478 16.08 4.07 -16.55
CA GLU A 478 16.65 2.93 -17.30
C GLU A 478 16.37 1.60 -16.59
N GLY A 479 16.39 1.64 -15.25
CA GLY A 479 16.13 0.53 -14.32
C GLY A 479 16.95 -0.72 -14.52
N LYS A 480 18.23 -0.57 -14.87
CA LYS A 480 19.11 -1.71 -15.09
C LYS A 480 20.04 -1.96 -13.91
N VAL A 481 20.38 -0.89 -13.17
CA VAL A 481 21.28 -0.99 -12.03
C VAL A 481 20.61 -0.42 -10.78
N ASN A 482 20.62 -1.21 -9.68
CA ASN A 482 20.08 -0.80 -8.39
C ASN A 482 21.02 0.26 -7.81
N PRO A 483 20.50 1.47 -7.51
CA PRO A 483 21.38 2.55 -7.00
C PRO A 483 21.82 2.41 -5.53
N SER A 484 21.25 1.44 -4.81
CA SER A 484 21.55 1.25 -3.40
C SER A 484 22.10 -0.14 -3.12
N PRO A 485 23.06 -0.27 -2.19
CA PRO A 485 23.48 -1.61 -1.79
C PRO A 485 22.56 -2.22 -0.73
N TYR A 486 21.66 -1.41 -0.13
CA TYR A 486 20.82 -1.82 1.01
C TYR A 486 19.46 -2.39 0.73
N MET A 487 18.70 -1.76 -0.19
CA MET A 487 17.35 -2.19 -0.55
C MET A 487 17.16 -2.07 -2.06
N LYS A 488 16.10 -2.69 -2.62
CA LYS A 488 15.79 -2.61 -4.05
C LYS A 488 15.04 -1.31 -4.30
N ILE A 489 15.71 -0.32 -4.90
CA ILE A 489 15.16 1.01 -5.18
C ILE A 489 14.89 1.21 -6.66
N SER A 490 13.77 1.84 -6.95
CA SER A 490 13.32 2.20 -8.29
C SER A 490 12.59 3.53 -8.16
N TYR A 491 12.07 4.04 -9.28
CA TYR A 491 11.29 5.27 -9.23
C TYR A 491 9.83 4.84 -9.18
N GLU A 492 8.98 5.63 -8.53
CA GLU A 492 7.54 5.34 -8.45
C GLU A 492 6.87 5.66 -9.80
N HIS A 493 6.03 4.75 -10.30
CA HIS A 493 5.29 4.98 -11.53
C HIS A 493 4.08 5.85 -11.14
N GLY A 494 4.27 7.16 -11.25
CA GLY A 494 3.26 8.11 -10.85
C GLY A 494 3.60 8.56 -9.45
N GLY A 495 4.63 9.39 -9.36
CA GLY A 495 5.17 9.90 -8.11
C GLY A 495 4.15 10.49 -7.16
N ALA A 496 4.10 9.94 -5.95
CA ALA A 496 3.22 10.36 -4.88
C ALA A 496 3.94 10.27 -3.53
N PHE A 497 3.50 11.06 -2.57
CA PHE A 497 4.08 11.03 -1.24
C PHE A 497 3.00 11.07 -0.19
N LEU A 498 2.90 9.98 0.60
CA LEU A 498 1.94 9.83 1.69
C LEU A 498 0.52 10.15 1.22
N GLY A 499 0.12 9.51 0.12
CA GLY A 499 -1.22 9.63 -0.45
C GLY A 499 -1.46 10.74 -1.45
N ASP A 500 -0.60 11.79 -1.43
CA ASP A 500 -0.74 12.94 -2.33
C ASP A 500 0.12 12.83 -3.58
N ILE A 501 -0.53 12.93 -4.73
CA ILE A 501 0.14 12.85 -6.03
C ILE A 501 0.83 14.19 -6.32
N LEU A 502 2.08 14.14 -6.80
CA LEU A 502 2.78 15.36 -7.20
C LEU A 502 2.41 15.62 -8.67
N LEU A 503 1.50 16.59 -8.88
CA LEU A 503 0.99 16.93 -10.21
C LEU A 503 1.87 17.97 -10.87
N TYR A 504 2.60 17.56 -11.92
CA TYR A 504 3.48 18.44 -12.68
C TYR A 504 2.70 19.10 -13.81
N ASP A 505 3.17 20.25 -14.30
CA ASP A 505 2.58 20.87 -15.46
C ASP A 505 3.48 20.58 -16.68
N SER A 506 3.31 21.35 -17.78
CA SER A 506 4.09 21.20 -19.01
C SER A 506 5.61 21.30 -18.82
N ARG A 507 6.05 22.11 -17.84
CA ARG A 507 7.47 22.34 -17.54
C ARG A 507 8.17 21.14 -16.89
N ARG A 508 7.39 20.25 -16.21
CA ARG A 508 7.89 19.08 -15.48
C ARG A 508 8.99 19.44 -14.48
N GLU A 509 8.73 20.49 -13.68
CA GLU A 509 9.68 20.99 -12.69
C GLU A 509 8.97 21.10 -11.34
N PRO A 510 9.67 20.80 -10.20
CA PRO A 510 9.02 20.90 -8.88
C PRO A 510 8.48 22.29 -8.53
N GLY A 511 9.12 23.33 -9.03
CA GLY A 511 8.73 24.70 -8.74
C GLY A 511 7.31 25.02 -9.17
N SER A 512 6.82 24.40 -10.26
CA SER A 512 5.46 24.63 -10.72
C SER A 512 4.54 23.40 -10.54
N ALA A 513 4.99 22.40 -9.78
CA ALA A 513 4.22 21.19 -9.51
C ALA A 513 3.41 21.39 -8.25
N ILE A 514 2.25 20.73 -8.15
CA ILE A 514 1.39 20.85 -6.98
C ILE A 514 1.04 19.49 -6.41
N PHE A 515 0.88 19.39 -5.08
CA PHE A 515 0.42 18.12 -4.49
C PHE A 515 -1.12 18.09 -4.52
N VAL A 516 -1.70 17.00 -5.03
CA VAL A 516 -3.16 16.86 -5.07
C VAL A 516 -3.55 15.52 -4.46
N GLY A 517 -4.77 15.43 -3.94
CA GLY A 517 -5.29 14.17 -3.41
C GLY A 517 -5.37 13.16 -4.55
N ASN A 518 -5.19 11.86 -4.23
CA ASN A 518 -5.29 10.80 -5.20
C ASN A 518 -6.76 10.37 -5.29
N ILE A 519 -7.43 10.66 -6.43
CA ILE A 519 -8.85 10.33 -6.64
C ILE A 519 -9.13 8.83 -6.53
N ASN A 520 -8.14 8.00 -6.94
CA ASN A 520 -8.26 6.57 -6.84
C ASN A 520 -8.35 6.13 -5.38
N SER A 521 -7.62 6.80 -4.45
CA SER A 521 -7.68 6.51 -3.01
C SER A 521 -9.06 6.84 -2.45
N MET A 522 -9.73 7.89 -2.99
CA MET A 522 -11.07 8.25 -2.55
C MET A 522 -11.99 7.07 -2.87
N LEU A 523 -11.88 6.54 -4.09
CA LEU A 523 -12.66 5.41 -4.55
C LEU A 523 -12.37 4.13 -3.75
N ASN A 524 -11.08 3.90 -3.42
CA ASN A 524 -10.65 2.77 -2.61
C ASN A 524 -11.33 2.86 -1.26
N ASN A 525 -11.24 4.03 -0.62
CA ASN A 525 -11.79 4.22 0.72
C ASN A 525 -13.30 4.17 0.79
N GLN A 526 -13.97 4.69 -0.24
CA GLN A 526 -15.43 4.73 -0.22
C GLN A 526 -16.07 3.44 -0.70
N PHE A 527 -15.49 2.75 -1.69
CA PHE A 527 -16.11 1.55 -2.22
C PHE A 527 -15.40 0.23 -1.95
N SER A 528 -14.15 0.28 -1.47
CA SER A 528 -13.42 -0.94 -1.11
C SER A 528 -12.74 -0.79 0.25
N PRO A 529 -13.50 -0.53 1.35
CA PRO A 529 -12.85 -0.42 2.66
C PRO A 529 -12.21 -1.74 3.05
N GLU A 530 -11.17 -1.68 3.87
CA GLU A 530 -10.47 -2.90 4.31
C GLU A 530 -11.35 -3.75 5.23
N TYR A 531 -12.12 -3.09 6.08
CA TYR A 531 -12.99 -3.74 7.04
C TYR A 531 -14.45 -3.40 6.83
N GLY A 532 -15.32 -4.23 7.40
CA GLY A 532 -16.74 -3.98 7.43
C GLY A 532 -17.06 -2.92 8.49
N VAL A 533 -18.34 -2.47 8.58
CA VAL A 533 -18.75 -1.44 9.55
C VAL A 533 -18.75 -1.94 11.00
N GLN A 534 -18.68 -3.29 11.21
CA GLN A 534 -18.71 -3.95 12.53
C GLN A 534 -19.89 -3.43 13.35
N SER A 535 -21.10 -3.47 12.74
CA SER A 535 -22.32 -2.95 13.37
C SER A 535 -22.67 -3.59 14.72
N GLY A 536 -22.12 -4.78 14.97
CA GLY A 536 -22.30 -5.52 16.22
C GLY A 536 -21.38 -5.09 17.35
N VAL A 537 -20.40 -4.23 17.07
CA VAL A 537 -19.48 -3.75 18.10
C VAL A 537 -20.12 -2.44 18.59
N ARG A 538 -20.74 -2.48 19.79
CA ARG A 538 -21.48 -1.33 20.32
C ARG A 538 -20.63 -0.09 20.54
N ASP A 539 -19.42 -0.27 21.08
CA ASP A 539 -18.52 0.85 21.31
C ASP A 539 -17.84 1.17 20.00
N ARG A 540 -18.29 2.24 19.33
CA ARG A 540 -17.78 2.65 18.03
C ARG A 540 -16.30 2.97 18.01
N SER A 541 -15.78 3.52 19.11
CA SER A 541 -14.35 3.86 19.20
C SER A 541 -13.46 2.63 19.10
N LYS A 542 -14.00 1.41 19.37
CA LYS A 542 -13.27 0.14 19.26
C LYS A 542 -13.28 -0.48 17.84
N ARG A 543 -14.17 0.02 16.96
CA ARG A 543 -14.29 -0.47 15.58
C ARG A 543 -13.10 -0.05 14.72
N LYS A 544 -12.87 -0.79 13.65
CA LYS A 544 -11.82 -0.46 12.70
C LYS A 544 -12.24 0.78 11.91
N ARG A 545 -13.56 0.99 11.75
CA ARG A 545 -14.13 2.16 11.06
C ARG A 545 -15.18 2.80 11.99
N PRO A 546 -14.75 3.58 13.01
CA PRO A 546 -15.71 4.11 13.99
C PRO A 546 -16.87 4.94 13.46
N PHE A 547 -16.57 5.91 12.57
CA PHE A 547 -17.58 6.83 12.04
C PHE A 547 -17.40 6.99 10.53
N PRO A 548 -17.79 5.96 9.74
CA PRO A 548 -17.58 6.04 8.28
C PRO A 548 -18.20 7.23 7.55
N GLY A 549 -19.36 7.69 8.03
CA GLY A 549 -20.08 8.80 7.44
C GLY A 549 -19.32 10.11 7.40
N LEU A 550 -18.43 10.32 8.40
CA LEU A 550 -17.61 11.54 8.56
C LEU A 550 -16.68 11.87 7.40
N ALA A 551 -16.20 10.84 6.67
CA ALA A 551 -15.29 11.00 5.52
C ALA A 551 -15.91 11.86 4.41
N TRP A 552 -17.25 11.93 4.33
CA TRP A 552 -17.97 12.75 3.35
C TRP A 552 -17.70 14.24 3.60
N ALA A 553 -17.60 14.63 4.88
CA ALA A 553 -17.34 16.01 5.30
C ALA A 553 -15.94 16.51 5.00
N SER A 554 -14.95 15.59 4.94
CA SER A 554 -13.55 15.93 4.66
C SER A 554 -13.15 15.66 3.21
N MET A 555 -14.03 15.01 2.42
CA MET A 555 -13.80 14.66 1.01
C MET A 555 -13.34 15.84 0.13
N LYS A 556 -14.07 16.98 0.15
CA LYS A 556 -13.72 18.14 -0.65
C LYS A 556 -12.33 18.66 -0.26
N ASP A 557 -12.04 18.74 1.04
CA ASP A 557 -10.73 19.18 1.48
C ASP A 557 -9.60 18.22 1.02
N THR A 558 -9.82 16.91 1.18
CA THR A 558 -8.85 15.88 0.83
C THR A 558 -8.65 15.70 -0.67
N TYR A 559 -9.74 15.60 -1.44
CA TYR A 559 -9.70 15.31 -2.88
C TYR A 559 -10.10 16.40 -3.85
N GLY A 560 -10.65 17.51 -3.35
CA GLY A 560 -11.10 18.64 -4.17
C GLY A 560 -10.10 19.19 -5.16
N ALA A 561 -8.79 19.05 -4.84
CA ALA A 561 -7.70 19.50 -5.66
C ALA A 561 -7.39 18.58 -6.86
N CYS A 562 -7.98 17.37 -6.90
CA CYS A 562 -7.76 16.49 -8.04
C CYS A 562 -8.42 17.09 -9.29
N PRO A 563 -7.69 17.16 -10.43
CA PRO A 563 -8.30 17.74 -11.66
C PRO A 563 -9.67 17.18 -12.07
N ILE A 564 -9.93 15.89 -11.82
CA ILE A 564 -11.18 15.23 -12.20
C ILE A 564 -12.16 14.98 -11.04
N TYR A 565 -11.98 15.67 -9.90
CA TYR A 565 -12.83 15.52 -8.71
C TYR A 565 -14.35 15.57 -9.03
N SER A 566 -14.82 16.67 -9.66
CA SER A 566 -16.23 16.90 -10.04
C SER A 566 -16.75 15.81 -10.97
N ASP A 567 -15.94 15.44 -11.98
CA ASP A 567 -16.24 14.41 -12.96
C ASP A 567 -16.49 13.06 -12.30
N VAL A 568 -15.65 12.70 -11.31
CA VAL A 568 -15.75 11.43 -10.59
C VAL A 568 -17.03 11.41 -9.75
N LEU A 569 -17.31 12.50 -9.02
CA LEU A 569 -18.52 12.58 -8.20
C LEU A 569 -19.79 12.48 -9.03
N GLU A 570 -19.79 13.07 -10.24
CA GLU A 570 -20.94 13.00 -11.14
C GLU A 570 -21.07 11.60 -11.71
N ALA A 571 -19.94 10.94 -12.04
CA ALA A 571 -19.94 9.57 -12.56
C ALA A 571 -20.48 8.62 -11.49
N ILE A 572 -20.09 8.85 -10.21
CA ILE A 572 -20.58 8.05 -9.08
C ILE A 572 -22.12 8.19 -8.98
N GLU A 573 -22.62 9.44 -9.00
CA GLU A 573 -24.04 9.77 -8.89
C GLU A 573 -24.85 9.09 -9.99
N ARG A 574 -24.39 9.21 -11.24
CA ARG A 574 -25.03 8.60 -12.39
C ARG A 574 -25.06 7.06 -12.27
N CYS A 575 -23.90 6.43 -11.95
CA CYS A 575 -23.81 4.97 -11.82
C CYS A 575 -24.60 4.44 -10.63
N TRP A 576 -24.61 5.17 -9.50
CA TRP A 576 -25.35 4.75 -8.31
C TRP A 576 -26.85 4.81 -8.57
N TRP A 577 -27.33 5.83 -9.33
CA TRP A 577 -28.73 5.95 -9.76
C TRP A 577 -29.11 4.73 -10.61
N ASN A 578 -28.23 4.34 -11.56
CA ASN A 578 -28.44 3.20 -12.45
C ASN A 578 -28.55 1.88 -11.68
N ALA A 579 -27.68 1.70 -10.69
CA ALA A 579 -27.62 0.48 -9.89
C ALA A 579 -28.66 0.36 -8.74
N PHE A 580 -28.91 1.44 -7.99
CA PHE A 580 -29.79 1.42 -6.82
C PHE A 580 -31.09 2.21 -6.94
N GLY A 581 -31.16 3.11 -7.91
CA GLY A 581 -32.30 3.99 -8.08
C GLY A 581 -32.40 4.96 -6.93
N GLU A 582 -31.23 5.44 -6.45
CA GLU A 582 -31.10 6.36 -5.32
C GLU A 582 -29.99 7.36 -5.57
N SER A 583 -30.00 8.47 -4.82
CA SER A 583 -28.94 9.47 -4.91
C SER A 583 -27.82 9.09 -3.94
N TYR A 584 -26.59 8.92 -4.47
CA TYR A 584 -25.42 8.61 -3.64
C TYR A 584 -25.11 9.76 -2.70
N ARG A 585 -25.11 11.00 -3.23
CA ARG A 585 -24.86 12.21 -2.45
C ARG A 585 -25.84 12.31 -1.26
N ALA A 586 -27.15 12.08 -1.48
CA ALA A 586 -28.14 12.13 -0.39
C ALA A 586 -27.91 10.99 0.61
N TYR A 587 -27.53 9.80 0.11
CA TYR A 587 -27.23 8.62 0.94
C TYR A 587 -26.06 8.93 1.88
N ARG A 588 -25.01 9.60 1.36
CA ARG A 588 -23.84 9.97 2.17
C ARG A 588 -24.13 11.12 3.11
N GLU A 589 -25.03 12.04 2.72
CA GLU A 589 -25.43 13.16 3.57
C GLU A 589 -26.18 12.63 4.79
N ASP A 590 -27.03 11.58 4.60
CA ASP A 590 -27.75 10.94 5.70
C ASP A 590 -26.76 10.25 6.65
N MET A 591 -25.79 9.49 6.09
CA MET A 591 -24.77 8.78 6.87
C MET A 591 -23.92 9.78 7.65
N LEU A 592 -23.57 10.91 7.00
CA LEU A 592 -22.80 11.99 7.63
C LEU A 592 -23.56 12.54 8.84
N LYS A 593 -24.88 12.84 8.66
CA LYS A 593 -25.73 13.35 9.74
C LYS A 593 -25.77 12.38 10.91
N ARG A 594 -26.04 11.09 10.63
CA ARG A 594 -26.14 10.06 11.67
C ARG A 594 -24.84 9.91 12.46
N ASP A 595 -23.70 9.86 11.75
CA ASP A 595 -22.39 9.71 12.39
C ASP A 595 -21.95 10.94 13.16
N THR A 596 -22.36 12.14 12.71
CA THR A 596 -22.07 13.40 13.42
C THR A 596 -22.76 13.37 14.77
N LEU A 597 -24.05 12.94 14.80
CA LEU A 597 -24.84 12.84 16.02
C LEU A 597 -24.26 11.82 16.97
N GLU A 598 -23.86 10.65 16.44
CA GLU A 598 -23.28 9.57 17.22
C GLU A 598 -21.94 10.01 17.85
N LEU A 599 -21.14 10.80 17.10
CA LEU A 599 -19.84 11.30 17.56
C LEU A 599 -19.90 12.07 18.88
N SER A 600 -20.91 12.94 19.06
CA SER A 600 -21.03 13.75 20.27
C SER A 600 -21.10 12.90 21.56
N ARG A 601 -21.58 11.64 21.45
CA ARG A 601 -21.67 10.71 22.57
C ARG A 601 -20.28 10.32 23.06
N TYR A 602 -19.29 10.40 22.19
CA TYR A 602 -17.92 9.99 22.45
C TYR A 602 -16.97 11.13 22.86
N VAL A 603 -17.35 12.38 22.54
CA VAL A 603 -16.52 13.57 22.79
C VAL A 603 -17.14 14.38 23.94
N ALA A 604 -16.44 14.41 25.10
CA ALA A 604 -16.87 15.12 26.32
C ALA A 604 -17.24 16.59 26.08
N SER A 605 -16.42 17.29 25.26
CA SER A 605 -16.57 18.70 24.89
C SER A 605 -17.74 18.94 23.94
N MET A 606 -18.23 17.88 23.27
CA MET A 606 -19.35 17.95 22.33
C MET A 606 -20.69 17.74 22.99
N ALA A 607 -21.52 18.76 22.87
CA ALA A 607 -22.90 18.77 23.35
C ALA A 607 -23.72 17.86 22.41
N ARG A 608 -24.84 17.34 22.92
CA ARG A 608 -25.84 16.45 22.29
C ARG A 608 -25.95 16.54 20.75
N GLN A 609 -25.78 17.75 20.17
CA GLN A 609 -25.82 18.02 18.72
C GLN A 609 -24.83 19.16 18.37
N ALA A 610 -23.57 19.05 18.84
CA ALA A 610 -22.54 20.07 18.64
C ALA A 610 -22.12 20.39 17.19
N GLY A 611 -22.20 19.40 16.28
CA GLY A 611 -21.79 19.53 14.88
C GLY A 611 -20.29 19.33 14.73
N LEU A 612 -19.80 19.37 13.49
CA LEU A 612 -18.37 19.14 13.22
C LEU A 612 -17.49 20.43 13.19
N ALA A 613 -18.08 21.58 13.61
CA ALA A 613 -17.49 22.91 13.60
C ALA A 613 -16.03 22.98 14.01
N GLU A 614 -15.67 22.40 15.16
CA GLU A 614 -14.29 22.48 15.66
C GLU A 614 -13.30 21.50 15.03
N LEU A 615 -13.79 20.51 14.29
CA LEU A 615 -12.96 19.45 13.69
C LEU A 615 -12.31 19.76 12.37
N THR A 616 -11.08 19.29 12.22
CA THR A 616 -10.28 19.45 11.02
C THR A 616 -10.54 18.32 10.04
N PRO A 617 -10.16 18.47 8.75
CA PRO A 617 -10.30 17.36 7.79
C PRO A 617 -9.53 16.11 8.25
N ILE A 618 -8.34 16.27 8.87
CA ILE A 618 -7.54 15.16 9.41
C ILE A 618 -8.36 14.42 10.48
N ASP A 619 -8.98 15.16 11.41
CA ASP A 619 -9.81 14.58 12.47
C ASP A 619 -10.89 13.69 11.86
N LEU A 620 -11.55 14.17 10.79
CA LEU A 620 -12.64 13.44 10.13
C LEU A 620 -12.18 12.20 9.39
N GLU A 621 -11.05 12.28 8.65
CA GLU A 621 -10.48 11.14 7.90
C GLU A 621 -10.06 10.01 8.86
N VAL A 622 -9.51 10.41 10.02
CA VAL A 622 -9.03 9.53 11.08
C VAL A 622 -10.20 8.87 11.81
N LEU A 623 -11.30 9.62 12.07
CA LEU A 623 -12.46 9.04 12.75
C LEU A 623 -13.17 8.00 11.85
N ALA A 624 -13.08 8.17 10.51
CA ALA A 624 -13.66 7.25 9.54
C ALA A 624 -12.70 6.07 9.34
N ASP A 625 -11.37 6.33 9.47
CA ASP A 625 -10.35 5.30 9.26
C ASP A 625 -9.14 5.52 10.18
N PRO A 626 -9.13 5.02 11.43
CA PRO A 626 -7.99 5.26 12.32
C PRO A 626 -6.68 4.62 11.89
N ASN A 627 -6.75 3.76 10.87
CA ASN A 627 -5.59 3.12 10.27
C ASN A 627 -4.70 4.20 9.66
N LYS A 628 -5.27 5.36 9.30
CA LYS A 628 -4.52 6.51 8.80
C LYS A 628 -3.58 7.11 9.87
N LEU A 629 -3.87 6.84 11.15
CA LEU A 629 -3.07 7.27 12.31
C LEU A 629 -1.87 6.31 12.54
N GLN A 630 -1.83 5.19 11.79
CA GLN A 630 -0.80 4.15 11.88
C GLN A 630 0.11 4.09 10.66
N TYR A 631 -0.11 4.96 9.66
CA TYR A 631 0.71 4.98 8.45
C TYR A 631 0.83 6.36 7.81
N LYS A 632 -0.17 7.23 8.00
CA LYS A 632 -0.23 8.53 7.36
C LYS A 632 0.07 9.70 8.31
N TRP A 633 -0.64 9.76 9.44
CA TRP A 633 -0.48 10.86 10.39
C TRP A 633 -0.01 10.38 11.76
N THR A 634 0.14 11.33 12.70
CA THR A 634 0.54 11.07 14.08
C THR A 634 -0.38 11.81 15.06
N GLN A 635 -0.26 11.54 16.37
CA GLN A 635 -1.03 12.14 17.48
C GLN A 635 -1.18 13.66 17.41
N ALA A 636 -0.07 14.37 17.16
CA ALA A 636 -0.06 15.83 17.11
C ALA A 636 -0.88 16.43 15.97
N ASP A 637 -1.18 15.62 14.93
CA ASP A 637 -1.96 16.06 13.76
C ASP A 637 -3.47 16.06 14.02
N VAL A 638 -3.88 15.37 15.08
CA VAL A 638 -5.26 15.16 15.48
C VAL A 638 -5.58 16.03 16.68
N SER A 639 -6.78 16.68 16.67
CA SER A 639 -7.24 17.48 17.80
C SER A 639 -7.22 16.60 19.04
N ALA A 640 -6.77 17.18 20.17
CA ALA A 640 -6.62 16.49 21.45
C ALA A 640 -7.89 15.75 21.90
N ASN A 641 -9.07 16.39 21.77
CA ASN A 641 -10.34 15.78 22.16
C ASN A 641 -10.74 14.61 21.27
N ILE A 642 -10.24 14.54 20.03
CA ILE A 642 -10.50 13.46 19.07
C ILE A 642 -9.56 12.29 19.30
N HIS A 643 -8.29 12.58 19.60
CA HIS A 643 -7.30 11.56 19.89
C HIS A 643 -7.76 10.69 21.08
N GLU A 644 -8.38 11.33 22.11
CA GLU A 644 -8.94 10.68 23.30
C GLU A 644 -10.09 9.71 22.96
N VAL A 645 -10.77 9.90 21.81
CA VAL A 645 -11.86 9.01 21.37
C VAL A 645 -11.25 7.65 20.96
N LEU A 646 -10.10 7.69 20.29
CA LEU A 646 -9.44 6.51 19.75
C LEU A 646 -8.39 5.85 20.61
N MET A 647 -7.77 6.61 21.50
CA MET A 647 -6.69 6.14 22.36
C MET A 647 -6.92 6.41 23.83
N HIS A 648 -6.30 5.61 24.68
CA HIS A 648 -6.27 5.81 26.11
C HIS A 648 -4.83 5.64 26.55
N GLY A 649 -4.46 6.28 27.64
CA GLY A 649 -3.09 6.19 28.09
C GLY A 649 -2.85 5.80 29.52
N VAL A 650 -1.63 5.29 29.74
CA VAL A 650 -1.06 4.95 31.05
C VAL A 650 -0.51 6.29 31.53
N SER A 651 -0.66 6.64 32.83
CA SER A 651 -0.16 7.93 33.36
C SER A 651 1.30 8.24 33.05
N VAL A 652 1.60 9.52 32.79
CA VAL A 652 2.96 9.98 32.52
C VAL A 652 3.86 9.81 33.77
N GLU A 653 3.26 9.65 34.98
CA GLU A 653 3.99 9.44 36.23
C GLU A 653 4.69 8.07 36.21
N LYS A 654 3.96 7.03 35.77
CA LYS A 654 4.47 5.66 35.63
C LYS A 654 5.48 5.56 34.49
N THR A 655 5.22 6.27 33.36
CA THR A 655 6.13 6.22 32.21
C THR A 655 7.39 7.04 32.47
N GLU A 656 7.26 8.17 33.17
CA GLU A 656 8.39 9.05 33.54
C GLU A 656 9.42 8.27 34.36
N ARG A 657 8.94 7.48 35.35
CA ARG A 657 9.76 6.65 36.22
C ARG A 657 10.43 5.54 35.39
N PHE A 658 9.67 4.94 34.46
CA PHE A 658 10.19 3.90 33.58
C PHE A 658 11.29 4.46 32.68
N LEU A 659 11.02 5.60 32.03
CA LEU A 659 11.95 6.25 31.10
C LEU A 659 13.27 6.64 31.73
N ARG A 660 13.23 7.10 32.99
CA ARG A 660 14.42 7.49 33.78
C ARG A 660 15.37 6.29 33.96
N SER A 661 14.80 5.09 34.16
CA SER A 661 15.54 3.85 34.34
C SER A 661 16.15 3.28 33.04
N VAL A 662 15.65 3.69 31.87
CA VAL A 662 16.08 3.19 30.56
C VAL A 662 17.22 4.04 30.00
N MET A 663 16.99 5.34 30.00
CA MET A 663 17.80 6.35 29.39
C MET A 663 19.14 6.62 30.04
N PRO A 664 20.12 7.10 29.22
CA PRO A 664 21.44 7.40 29.78
C PRO A 664 21.42 8.48 30.86
N ARG A 665 22.26 8.28 31.91
CA ARG A 665 22.50 9.13 33.10
C ARG A 665 21.56 10.32 33.34
N PRO B 2 -66.90 -15.49 -13.13
CA PRO B 2 -67.67 -14.25 -13.06
C PRO B 2 -66.88 -13.02 -13.49
N ARG B 3 -66.18 -13.13 -14.65
CA ARG B 3 -65.39 -12.09 -15.31
C ARG B 3 -64.16 -11.58 -14.58
N ARG B 4 -62.99 -11.95 -15.12
CA ARG B 4 -61.73 -11.45 -14.59
C ARG B 4 -61.55 -10.04 -15.11
N ALA B 5 -60.97 -9.20 -14.27
CA ALA B 5 -60.69 -7.80 -14.59
C ALA B 5 -59.60 -7.75 -15.66
N PRO B 6 -59.70 -6.85 -16.67
CA PRO B 6 -58.59 -6.72 -17.63
C PRO B 6 -57.35 -6.14 -16.94
N ALA B 7 -56.17 -6.61 -17.35
CA ALA B 7 -54.93 -6.10 -16.78
C ALA B 7 -54.02 -5.68 -17.90
N PHE B 8 -53.35 -4.55 -17.69
CA PHE B 8 -52.47 -3.99 -18.69
C PHE B 8 -51.08 -3.76 -18.13
N PRO B 9 -50.01 -4.25 -18.79
CA PRO B 9 -48.65 -3.96 -18.30
C PRO B 9 -48.34 -2.50 -18.51
N LEU B 10 -47.33 -1.96 -17.80
CA LEU B 10 -46.92 -0.56 -17.92
C LEU B 10 -46.68 -0.14 -19.37
N SER B 11 -46.09 -1.04 -20.18
CA SER B 11 -45.81 -0.84 -21.60
C SER B 11 -47.04 -0.51 -22.44
N ASP B 12 -48.22 -1.02 -22.04
CA ASP B 12 -49.48 -0.78 -22.74
C ASP B 12 -49.85 0.70 -22.70
N ILE B 13 -50.42 1.20 -23.80
CA ILE B 13 -50.89 2.59 -23.93
C ILE B 13 -51.84 2.99 -22.80
N LYS B 14 -52.75 2.08 -22.39
CA LYS B 14 -53.70 2.35 -21.31
C LYS B 14 -53.01 2.66 -19.98
N ALA B 15 -51.87 2.01 -19.74
CA ALA B 15 -51.05 2.24 -18.56
C ALA B 15 -50.21 3.51 -18.73
N GLN B 16 -49.62 3.69 -19.91
CA GLN B 16 -48.79 4.85 -20.25
C GLN B 16 -49.56 6.17 -20.11
N MET B 17 -50.85 6.18 -20.49
CA MET B 17 -51.71 7.34 -20.42
C MET B 17 -51.97 7.84 -19.01
N LEU B 18 -51.62 7.02 -17.98
CA LEU B 18 -51.81 7.38 -16.57
C LEU B 18 -50.69 8.25 -16.07
N PHE B 19 -49.61 8.35 -16.84
CA PHE B 19 -48.44 9.10 -16.42
C PHE B 19 -48.06 10.19 -17.40
N ALA B 20 -48.12 11.43 -16.92
CA ALA B 20 -47.80 12.62 -17.69
C ALA B 20 -46.33 12.67 -18.10
N ASN B 21 -46.04 13.49 -19.11
CA ASN B 21 -44.71 13.65 -19.67
C ASN B 21 -43.80 14.52 -18.81
N ASN B 22 -43.54 14.08 -17.58
CA ASN B 22 -42.64 14.73 -16.64
C ASN B 22 -41.92 13.67 -15.83
N ILE B 23 -40.73 14.01 -15.30
CA ILE B 23 -39.89 13.10 -14.50
C ILE B 23 -40.62 12.53 -13.29
N LYS B 24 -41.30 13.40 -12.51
CA LYS B 24 -42.06 13.00 -11.32
C LYS B 24 -43.06 11.87 -11.62
N ALA B 25 -43.91 12.06 -12.67
CA ALA B 25 -44.93 11.12 -13.13
C ALA B 25 -44.35 9.83 -13.70
N GLN B 26 -43.26 9.93 -14.50
CA GLN B 26 -42.57 8.78 -15.10
C GLN B 26 -41.87 7.92 -14.04
N GLN B 27 -41.27 8.57 -13.01
CA GLN B 27 -40.61 7.87 -11.90
C GLN B 27 -41.62 7.05 -11.12
N ALA B 28 -42.83 7.59 -10.90
CA ALA B 28 -43.91 6.92 -10.18
C ALA B 28 -44.30 5.62 -10.86
N SER B 29 -44.48 5.68 -12.21
CA SER B 29 -44.85 4.54 -13.05
C SER B 29 -43.88 3.37 -12.94
N LYS B 30 -42.57 3.68 -12.98
CA LYS B 30 -41.47 2.75 -12.96
C LYS B 30 -40.93 2.38 -11.58
N ARG B 31 -41.29 3.16 -10.52
CA ARG B 31 -40.81 2.93 -9.14
C ARG B 31 -40.98 1.49 -8.75
N SER B 32 -39.85 0.80 -8.51
CA SER B 32 -39.77 -0.63 -8.17
C SER B 32 -39.85 -0.92 -6.67
N PHE B 33 -39.58 -2.16 -6.24
CA PHE B 33 -39.65 -2.52 -4.82
C PHE B 33 -38.48 -1.91 -4.07
N LYS B 34 -38.77 -1.19 -2.98
CA LYS B 34 -37.75 -0.52 -2.17
C LYS B 34 -37.87 -0.95 -0.74
N GLU B 35 -36.74 -1.19 -0.06
CA GLU B 35 -36.72 -1.51 1.37
C GLU B 35 -35.43 -1.04 2.01
N GLY B 36 -35.50 -0.79 3.32
CA GLY B 36 -34.39 -0.31 4.10
C GLY B 36 -34.83 0.20 5.45
N ALA B 37 -33.92 0.20 6.43
CA ALA B 37 -34.19 0.69 7.79
C ALA B 37 -34.61 2.15 7.77
N ILE B 38 -35.62 2.51 8.58
CA ILE B 38 -36.07 3.89 8.68
C ILE B 38 -35.22 4.63 9.71
N GLU B 39 -35.12 5.96 9.55
CA GLU B 39 -34.40 6.76 10.52
C GLU B 39 -35.44 7.08 11.57
N THR B 40 -35.58 6.20 12.57
CA THR B 40 -36.57 6.28 13.66
C THR B 40 -36.59 7.66 14.32
N TYR B 41 -35.48 8.06 14.91
CA TYR B 41 -35.32 9.35 15.53
C TYR B 41 -34.01 9.89 15.04
N GLU B 42 -33.93 11.22 14.87
CA GLU B 42 -32.73 11.90 14.37
C GLU B 42 -31.43 11.12 14.68
N GLY B 43 -30.82 10.57 13.62
CA GLY B 43 -29.57 9.83 13.75
C GLY B 43 -29.69 8.56 14.57
N LEU B 44 -30.70 7.73 14.21
CA LEU B 44 -30.98 6.42 14.84
C LEU B 44 -31.79 5.56 13.88
N LEU B 45 -31.18 4.45 13.45
CA LEU B 45 -31.85 3.53 12.53
C LEU B 45 -32.67 2.50 13.30
N SER B 46 -33.81 2.08 12.72
CA SER B 46 -34.72 1.10 13.32
C SER B 46 -34.05 -0.24 13.60
N VAL B 47 -32.95 -0.53 12.88
CA VAL B 47 -32.22 -1.80 13.02
C VAL B 47 -30.94 -1.70 13.85
N ASP B 48 -30.69 -0.52 14.46
CA ASP B 48 -29.52 -0.27 15.31
C ASP B 48 -29.47 -1.37 16.38
N PRO B 49 -28.35 -2.12 16.53
CA PRO B 49 -28.34 -3.23 17.50
C PRO B 49 -28.71 -2.86 18.94
N ARG B 50 -28.33 -1.64 19.40
CA ARG B 50 -28.69 -1.18 20.75
C ARG B 50 -30.21 -0.99 20.85
N PHE B 51 -30.84 -0.44 19.79
CA PHE B 51 -32.29 -0.20 19.71
C PHE B 51 -33.10 -1.50 19.72
N LEU B 52 -32.63 -2.51 18.96
CA LEU B 52 -33.28 -3.82 18.91
C LEU B 52 -33.12 -4.55 20.25
N SER B 53 -31.95 -4.38 20.91
CA SER B 53 -31.67 -4.98 22.23
C SER B 53 -32.64 -4.39 23.25
N PHE B 54 -32.86 -3.04 23.17
CA PHE B 54 -33.79 -2.27 23.99
C PHE B 54 -35.20 -2.80 23.80
N LYS B 55 -35.64 -2.95 22.53
CA LYS B 55 -36.96 -3.49 22.19
C LYS B 55 -37.13 -4.91 22.71
N ASN B 56 -36.07 -5.75 22.64
CA ASN B 56 -36.14 -7.12 23.15
C ASN B 56 -36.36 -7.10 24.65
N GLU B 57 -35.47 -6.41 25.42
CA GLU B 57 -35.58 -6.32 26.87
C GLU B 57 -36.92 -5.69 27.32
N LEU B 58 -37.31 -4.54 26.71
CA LEU B 58 -38.54 -3.83 27.06
C LEU B 58 -39.82 -4.61 26.79
N SER B 59 -39.97 -5.17 25.56
CA SER B 59 -41.17 -5.94 25.20
C SER B 59 -41.36 -7.17 26.11
N ARG B 60 -40.25 -7.86 26.43
CA ARG B 60 -40.26 -9.03 27.30
C ARG B 60 -40.63 -8.65 28.74
N TYR B 61 -39.98 -7.58 29.29
CA TYR B 61 -40.22 -7.08 30.65
C TYR B 61 -41.66 -6.63 30.88
N LEU B 62 -42.18 -5.77 29.98
CA LEU B 62 -43.54 -5.26 30.10
C LEU B 62 -44.60 -6.35 29.97
N THR B 63 -44.42 -7.33 29.04
CA THR B 63 -45.36 -8.44 28.89
C THR B 63 -45.40 -9.28 30.20
N ASP B 64 -44.20 -9.55 30.75
CA ASP B 64 -44.00 -10.32 31.96
C ASP B 64 -44.71 -9.68 33.17
N HIS B 65 -44.42 -8.39 33.43
CA HIS B 65 -44.93 -7.64 34.58
C HIS B 65 -46.33 -7.09 34.42
N PHE B 66 -46.77 -6.86 33.17
CA PHE B 66 -48.10 -6.32 32.92
C PHE B 66 -48.91 -7.16 31.93
N PRO B 67 -49.39 -8.35 32.39
CA PRO B 67 -50.21 -9.18 31.50
C PRO B 67 -51.54 -8.48 31.20
N ALA B 68 -52.13 -8.80 30.04
CA ALA B 68 -53.40 -8.22 29.62
C ALA B 68 -54.51 -8.49 30.63
N ASN B 69 -55.30 -7.44 30.95
CA ASN B 69 -56.44 -7.50 31.86
C ASN B 69 -57.73 -7.21 31.09
N VAL B 70 -58.15 -8.19 30.29
CA VAL B 70 -59.38 -8.16 29.49
C VAL B 70 -60.19 -9.36 29.86
N ASP B 71 -61.37 -9.16 30.48
CA ASP B 71 -62.22 -10.26 30.91
C ASP B 71 -62.85 -11.06 29.73
N GLU B 72 -63.66 -12.10 30.06
CA GLU B 72 -64.35 -13.00 29.11
C GLU B 72 -65.16 -12.22 28.07
N TYR B 73 -65.56 -10.99 28.42
CA TYR B 73 -66.37 -10.12 27.57
C TYR B 73 -65.55 -9.09 26.79
N GLY B 74 -64.24 -9.30 26.72
CA GLY B 74 -63.31 -8.40 26.01
C GLY B 74 -63.37 -6.96 26.49
N ARG B 75 -63.68 -6.78 27.80
CA ARG B 75 -63.78 -5.49 28.51
C ARG B 75 -62.46 -5.28 29.25
N VAL B 76 -61.89 -4.08 29.15
CA VAL B 76 -60.62 -3.80 29.82
C VAL B 76 -60.82 -3.37 31.28
N TYR B 77 -60.01 -3.91 32.19
CA TYR B 77 -60.01 -3.57 33.63
C TYR B 77 -58.55 -3.45 34.11
N GLY B 78 -58.37 -3.26 35.42
CA GLY B 78 -57.07 -3.19 36.09
C GLY B 78 -56.05 -2.24 35.49
N ASN B 79 -54.91 -2.77 35.02
CA ASN B 79 -53.79 -2.03 34.43
C ASN B 79 -54.08 -1.27 33.13
N GLY B 80 -55.16 -1.67 32.46
CA GLY B 80 -55.56 -1.09 31.18
C GLY B 80 -54.81 -1.68 29.98
N VAL B 81 -54.22 -2.88 30.13
CA VAL B 81 -53.44 -3.57 29.10
C VAL B 81 -54.33 -4.59 28.38
N ARG B 82 -54.36 -4.59 27.02
CA ARG B 82 -55.17 -5.53 26.22
C ARG B 82 -54.45 -6.70 25.54
N THR B 83 -53.10 -6.61 25.37
CA THR B 83 -52.25 -7.67 24.78
C THR B 83 -50.85 -7.58 25.32
N ASN B 84 -49.94 -8.39 24.76
CA ASN B 84 -48.51 -8.35 25.04
C ASN B 84 -47.93 -7.04 24.53
N PHE B 85 -46.64 -6.88 24.73
CA PHE B 85 -45.94 -5.71 24.26
C PHE B 85 -45.00 -6.06 23.08
N PHE B 86 -45.19 -7.26 22.48
CA PHE B 86 -44.35 -7.78 21.40
C PHE B 86 -44.56 -7.12 20.04
N GLY B 87 -45.61 -6.32 19.90
CA GLY B 87 -45.92 -5.61 18.66
C GLY B 87 -44.79 -4.73 18.14
N MET B 88 -43.91 -4.25 19.04
CA MET B 88 -42.76 -3.42 18.72
C MET B 88 -41.63 -4.18 18.01
N ARG B 89 -41.66 -5.51 18.08
CA ARG B 89 -40.59 -6.37 17.54
C ARG B 89 -40.51 -6.49 16.01
N HIS B 90 -40.49 -5.36 15.31
CA HIS B 90 -40.35 -5.35 13.85
C HIS B 90 -39.10 -4.59 13.38
N MET B 91 -38.56 -5.03 12.24
CA MET B 91 -37.42 -4.41 11.58
C MET B 91 -38.05 -3.34 10.68
N ASN B 92 -38.41 -2.18 11.28
CA ASN B 92 -39.10 -1.08 10.60
C ASN B 92 -38.41 -0.61 9.31
N GLY B 93 -39.18 -0.61 8.23
CA GLY B 93 -38.71 -0.25 6.89
C GLY B 93 -38.50 -1.47 6.00
N PHE B 94 -38.58 -2.68 6.59
CA PHE B 94 -38.46 -3.93 5.85
C PHE B 94 -39.82 -4.60 5.84
N PRO B 95 -40.48 -4.66 4.67
CA PRO B 95 -41.83 -5.20 4.63
C PRO B 95 -41.92 -6.69 4.49
N MET B 96 -43.11 -7.21 4.80
CA MET B 96 -43.44 -8.60 4.57
C MET B 96 -43.42 -8.78 3.04
N ILE B 97 -43.08 -9.99 2.55
CA ILE B 97 -43.04 -10.26 1.10
C ILE B 97 -43.92 -11.46 0.77
N PRO B 98 -44.87 -11.31 -0.17
CA PRO B 98 -45.20 -10.10 -0.93
C PRO B 98 -46.29 -9.28 -0.27
N ALA B 99 -46.57 -8.09 -0.79
CA ALA B 99 -47.70 -7.29 -0.32
C ALA B 99 -48.86 -7.78 -1.17
N THR B 100 -50.07 -7.53 -0.71
CA THR B 100 -51.30 -7.97 -1.36
C THR B 100 -51.58 -7.26 -2.68
N TRP B 101 -51.96 -8.03 -3.75
CA TRP B 101 -52.44 -7.44 -5.00
C TRP B 101 -53.87 -7.04 -4.66
N PRO B 102 -54.28 -5.76 -4.85
CA PRO B 102 -55.62 -5.35 -4.42
C PRO B 102 -56.74 -6.02 -5.23
N LEU B 103 -57.76 -6.53 -4.53
CA LEU B 103 -58.87 -7.22 -5.15
C LEU B 103 -59.62 -6.30 -6.09
N ALA B 104 -59.71 -6.68 -7.39
CA ALA B 104 -60.42 -5.91 -8.41
C ALA B 104 -61.93 -5.98 -8.20
N SER B 105 -62.44 -7.11 -7.65
CA SER B 105 -63.87 -7.28 -7.35
C SER B 105 -64.07 -7.97 -6.01
N ASN B 106 -64.84 -7.37 -5.12
CA ASN B 106 -65.10 -7.94 -3.79
C ASN B 106 -66.43 -8.70 -3.75
N LEU B 107 -67.13 -8.81 -4.91
CA LEU B 107 -68.45 -9.44 -4.98
C LEU B 107 -68.49 -10.87 -4.44
N LYS B 108 -67.51 -11.72 -4.87
CA LYS B 108 -67.36 -13.09 -4.40
C LYS B 108 -66.92 -13.09 -2.94
N LYS B 109 -65.98 -12.18 -2.58
CA LYS B 109 -65.50 -12.05 -1.20
C LYS B 109 -66.69 -11.89 -0.24
N ARG B 110 -67.62 -10.96 -0.56
CA ARG B 110 -68.82 -10.66 0.23
C ARG B 110 -69.79 -11.84 0.26
N ALA B 111 -70.11 -12.42 -0.92
CA ALA B 111 -71.00 -13.56 -1.06
C ALA B 111 -70.50 -14.77 -0.25
N ASP B 112 -69.18 -15.07 -0.33
CA ASP B 112 -68.56 -16.17 0.39
C ASP B 112 -68.55 -15.97 1.90
N ALA B 113 -68.58 -14.70 2.35
CA ALA B 113 -68.61 -14.38 3.77
C ALA B 113 -70.05 -14.32 4.28
N ASP B 114 -71.02 -14.64 3.41
CA ASP B 114 -72.45 -14.63 3.68
C ASP B 114 -72.98 -13.22 4.01
N LEU B 115 -72.50 -12.23 3.25
CA LEU B 115 -72.90 -10.84 3.38
C LEU B 115 -73.81 -10.45 2.24
N ALA B 116 -74.81 -9.60 2.52
CA ALA B 116 -75.83 -9.18 1.57
C ALA B 116 -75.36 -8.37 0.37
N ASP B 117 -75.99 -8.62 -0.80
CA ASP B 117 -75.73 -7.97 -2.09
C ASP B 117 -76.60 -6.73 -2.32
N GLY B 118 -77.26 -6.29 -1.25
CA GLY B 118 -78.15 -5.14 -1.23
C GLY B 118 -78.88 -5.05 0.10
N PRO B 119 -79.67 -3.97 0.34
CA PRO B 119 -80.42 -3.89 1.61
C PRO B 119 -81.35 -5.11 1.69
N VAL B 120 -81.35 -5.78 2.85
CA VAL B 120 -82.11 -6.99 3.10
C VAL B 120 -83.62 -6.73 3.08
N SER B 121 -84.05 -5.68 3.78
CA SER B 121 -85.45 -5.29 3.92
C SER B 121 -85.67 -3.88 3.45
N GLU B 122 -86.95 -3.49 3.29
CA GLU B 122 -87.31 -2.13 2.89
C GLU B 122 -86.90 -1.13 3.97
N ARG B 123 -86.97 -1.56 5.26
CA ARG B 123 -86.57 -0.74 6.39
C ARG B 123 -85.13 -0.29 6.24
N ASP B 124 -84.19 -1.25 6.05
CA ASP B 124 -82.77 -0.89 5.87
C ASP B 124 -82.61 0.01 4.66
N ASN B 125 -83.29 -0.33 3.52
CA ASN B 125 -83.30 0.43 2.27
C ASN B 125 -83.68 1.90 2.53
N LEU B 126 -84.62 2.14 3.46
CA LEU B 126 -85.04 3.47 3.89
C LEU B 126 -83.98 4.11 4.79
N LEU B 127 -83.37 3.33 5.70
CA LEU B 127 -82.37 3.83 6.65
C LEU B 127 -81.09 4.28 5.97
N PHE B 128 -80.60 3.50 5.00
CA PHE B 128 -79.41 3.86 4.24
C PHE B 128 -79.67 5.12 3.44
N ARG B 129 -80.88 5.22 2.85
CA ARG B 129 -81.30 6.40 2.10
C ARG B 129 -81.50 7.60 3.01
N ALA B 130 -81.99 7.36 4.27
CA ALA B 130 -82.21 8.36 5.32
C ALA B 130 -80.86 8.98 5.76
N ALA B 131 -79.79 8.18 5.76
CA ALA B 131 -78.44 8.60 6.09
C ALA B 131 -77.90 9.55 5.04
N VAL B 132 -78.17 9.28 3.75
CA VAL B 132 -77.76 10.12 2.61
C VAL B 132 -78.47 11.49 2.72
N ARG B 133 -79.80 11.48 2.96
CA ARG B 133 -80.61 12.69 3.08
C ARG B 133 -80.13 13.59 4.22
N LEU B 134 -79.81 13.01 5.37
CA LEU B 134 -79.32 13.77 6.52
C LEU B 134 -77.88 14.24 6.36
N MET B 135 -76.98 13.39 5.80
CA MET B 135 -75.55 13.71 5.60
C MET B 135 -75.28 14.74 4.48
N PHE B 136 -76.11 14.75 3.41
CA PHE B 136 -75.95 15.59 2.22
C PHE B 136 -76.94 16.76 2.05
N SER B 137 -77.73 17.14 3.08
CA SER B 137 -78.69 18.23 2.94
C SER B 137 -78.19 19.69 2.96
N ASP B 138 -78.57 20.46 3.98
CA ASP B 138 -78.27 21.88 4.13
C ASP B 138 -76.80 22.15 4.44
N LEU B 139 -75.93 21.94 3.43
CA LEU B 139 -74.49 22.10 3.56
C LEU B 139 -74.06 23.56 3.34
N GLU B 140 -72.99 23.96 4.04
CA GLU B 140 -72.41 25.30 3.97
C GLU B 140 -71.05 25.23 3.26
N PRO B 141 -70.78 26.10 2.27
CA PRO B 141 -69.48 26.06 1.58
C PRO B 141 -68.31 26.50 2.45
N VAL B 142 -67.18 25.81 2.31
CA VAL B 142 -65.93 26.06 3.04
C VAL B 142 -64.73 25.99 2.08
N PRO B 143 -63.53 26.51 2.42
CA PRO B 143 -62.39 26.38 1.49
C PRO B 143 -61.98 24.92 1.33
N LEU B 144 -61.49 24.58 0.14
CA LEU B 144 -61.02 23.24 -0.18
C LEU B 144 -59.60 23.15 0.38
N LYS B 145 -59.41 22.43 1.49
CA LYS B 145 -58.10 22.30 2.14
C LYS B 145 -57.26 21.15 1.56
N ILE B 146 -55.98 21.45 1.27
CA ILE B 146 -55.00 20.53 0.68
C ILE B 146 -53.80 20.35 1.61
N ARG B 147 -53.37 19.10 1.84
CA ARG B 147 -52.21 18.79 2.67
C ARG B 147 -50.93 19.20 1.93
N LYS B 148 -50.04 19.96 2.61
CA LYS B 148 -48.77 20.40 2.04
C LYS B 148 -47.87 19.19 1.74
N GLY B 149 -47.26 19.18 0.56
CA GLY B 149 -46.38 18.09 0.13
C GLY B 149 -47.06 16.83 -0.34
N SER B 150 -48.41 16.81 -0.36
CA SER B 150 -49.20 15.67 -0.85
C SER B 150 -49.09 15.63 -2.39
N SER B 151 -49.21 14.45 -2.99
CA SER B 151 -49.14 14.30 -4.44
C SER B 151 -50.49 14.48 -5.13
N THR B 152 -50.48 14.92 -6.40
CA THR B 152 -51.71 15.05 -7.20
C THR B 152 -51.98 13.72 -7.87
N CYS B 153 -51.04 12.78 -7.71
CA CYS B 153 -51.06 11.44 -8.27
C CYS B 153 -51.38 11.44 -9.77
N ILE B 154 -52.20 10.50 -10.26
CA ILE B 154 -52.51 10.41 -11.68
C ILE B 154 -53.19 11.67 -12.29
N PRO B 155 -52.60 12.27 -13.34
CA PRO B 155 -51.39 11.86 -14.09
C PRO B 155 -50.10 12.62 -13.82
N TYR B 156 -50.16 13.78 -13.15
CA TYR B 156 -49.04 14.70 -12.94
C TYR B 156 -48.00 14.41 -11.89
N PHE B 157 -48.43 13.82 -10.75
CA PHE B 157 -47.56 13.49 -9.63
C PHE B 157 -46.80 14.71 -9.11
N SER B 158 -47.50 15.85 -9.01
CA SER B 158 -46.93 17.09 -8.52
C SER B 158 -47.09 17.18 -7.00
N ASN B 159 -46.06 17.73 -6.32
CA ASN B 159 -46.03 17.93 -4.87
C ASN B 159 -45.99 19.43 -4.53
N ASP B 160 -46.08 20.29 -5.57
CA ASP B 160 -46.04 21.74 -5.44
C ASP B 160 -47.42 22.31 -5.14
N MET B 161 -47.53 23.08 -4.03
CA MET B 161 -48.79 23.68 -3.59
C MET B 161 -49.46 24.58 -4.64
N GLY B 162 -48.66 25.40 -5.31
CA GLY B 162 -49.17 26.29 -6.36
C GLY B 162 -49.85 25.53 -7.47
N THR B 163 -49.18 24.47 -7.95
CA THR B 163 -49.65 23.58 -9.02
C THR B 163 -50.92 22.88 -8.57
N LYS B 164 -50.92 22.36 -7.31
CA LYS B 164 -52.03 21.67 -6.66
C LYS B 164 -53.27 22.57 -6.63
N ILE B 165 -53.10 23.84 -6.21
CA ILE B 165 -54.20 24.83 -6.14
C ILE B 165 -54.78 25.09 -7.53
N GLU B 166 -53.89 25.25 -8.56
CA GLU B 166 -54.29 25.48 -9.96
C GLU B 166 -55.10 24.31 -10.49
N ILE B 167 -54.64 23.06 -10.22
CA ILE B 167 -55.31 21.81 -10.63
C ILE B 167 -56.71 21.75 -10.00
N ALA B 168 -56.80 22.02 -8.68
CA ALA B 168 -58.04 22.02 -7.91
C ALA B 168 -59.04 23.05 -8.43
N GLU B 169 -58.56 24.28 -8.71
CA GLU B 169 -59.43 25.35 -9.23
C GLU B 169 -59.96 25.00 -10.62
N ARG B 170 -59.07 24.46 -11.48
CA ARG B 170 -59.44 24.02 -12.84
C ARG B 170 -60.47 22.91 -12.78
N ALA B 171 -60.28 21.98 -11.83
CA ALA B 171 -61.17 20.85 -11.62
C ALA B 171 -62.56 21.33 -11.24
N LEU B 172 -62.66 22.32 -10.31
CA LEU B 172 -63.95 22.86 -9.88
C LEU B 172 -64.66 23.57 -11.04
N GLU B 173 -63.88 24.22 -11.93
CA GLU B 173 -64.39 24.92 -13.10
C GLU B 173 -64.93 23.94 -14.16
N LYS B 174 -64.21 22.83 -14.38
CA LYS B 174 -64.51 21.86 -15.43
C LYS B 174 -65.22 20.56 -15.04
N ALA B 175 -65.56 20.40 -13.74
CA ALA B 175 -66.25 19.21 -13.21
C ALA B 175 -67.55 18.92 -13.94
N GLU B 176 -68.35 19.98 -14.23
CA GLU B 176 -69.63 19.85 -14.92
C GLU B 176 -69.47 19.26 -16.32
N GLU B 177 -68.51 19.79 -17.08
CA GLU B 177 -68.21 19.35 -18.44
C GLU B 177 -67.72 17.89 -18.42
N ALA B 178 -66.88 17.54 -17.43
CA ALA B 178 -66.32 16.20 -17.25
C ALA B 178 -67.38 15.17 -16.87
N GLY B 179 -68.22 15.52 -15.89
CA GLY B 179 -69.31 14.68 -15.42
C GLY B 179 -70.30 14.37 -16.53
N ASN B 180 -70.62 15.39 -17.35
CA ASN B 180 -71.53 15.24 -18.49
C ASN B 180 -70.96 14.32 -19.57
N LEU B 181 -69.61 14.36 -19.78
CA LEU B 181 -68.93 13.46 -20.73
C LEU B 181 -69.03 12.02 -20.23
N MET B 182 -68.83 11.82 -18.90
CA MET B 182 -68.94 10.53 -18.23
C MET B 182 -70.39 10.00 -18.31
N LEU B 183 -71.38 10.91 -18.34
CA LEU B 183 -72.79 10.53 -18.48
C LEU B 183 -73.08 10.02 -19.89
N GLN B 184 -72.25 10.42 -20.87
CA GLN B 184 -72.36 9.99 -22.26
C GLN B 184 -71.51 8.74 -22.52
N GLY B 185 -70.84 8.25 -21.48
CA GLY B 185 -69.96 7.09 -21.57
C GLY B 185 -68.61 7.42 -22.17
N LYS B 186 -68.28 8.72 -22.27
CA LYS B 186 -67.03 9.21 -22.82
C LYS B 186 -65.99 9.42 -21.70
N PHE B 187 -65.60 8.32 -21.03
CA PHE B 187 -64.63 8.32 -19.92
C PHE B 187 -63.23 8.73 -20.32
N ASP B 188 -62.79 8.27 -21.52
CA ASP B 188 -61.49 8.61 -22.07
C ASP B 188 -61.43 10.11 -22.35
N ASP B 189 -62.52 10.69 -22.88
CA ASP B 189 -62.61 12.12 -23.16
C ASP B 189 -62.52 12.94 -21.89
N ALA B 190 -63.26 12.54 -20.84
CA ALA B 190 -63.25 13.25 -19.56
C ALA B 190 -61.86 13.25 -18.94
N TYR B 191 -61.14 12.12 -19.09
CA TYR B 191 -59.78 11.99 -18.58
C TYR B 191 -58.77 12.77 -19.41
N GLN B 192 -58.81 12.63 -20.74
CA GLN B 192 -57.90 13.32 -21.63
C GLN B 192 -58.03 14.84 -21.52
N LEU B 193 -59.27 15.35 -21.42
CA LEU B 193 -59.52 16.78 -21.34
C LEU B 193 -59.31 17.35 -19.95
N HIS B 194 -59.82 16.66 -18.91
CA HIS B 194 -59.82 17.20 -17.56
C HIS B 194 -59.12 16.40 -16.49
N GLN B 195 -58.42 15.30 -16.87
CA GLN B 195 -57.67 14.42 -15.96
C GLN B 195 -58.54 13.81 -14.86
N MET B 196 -59.86 13.68 -15.16
CA MET B 196 -60.85 13.10 -14.26
C MET B 196 -61.12 11.70 -14.75
N GLY B 197 -60.52 10.76 -14.06
CA GLY B 197 -60.59 9.34 -14.38
C GLY B 197 -59.22 8.72 -14.26
N GLY B 198 -58.93 7.77 -15.14
CA GLY B 198 -57.66 7.08 -15.14
C GLY B 198 -57.63 5.95 -14.14
N ALA B 199 -56.97 6.15 -12.99
CA ALA B 199 -56.85 5.14 -11.96
C ALA B 199 -56.36 5.67 -10.63
N TYR B 200 -56.44 4.82 -9.60
CA TYR B 200 -55.86 5.07 -8.29
C TYR B 200 -54.43 4.58 -8.40
N TYR B 201 -53.52 5.23 -7.68
CA TYR B 201 -52.13 4.80 -7.69
C TYR B 201 -51.88 4.08 -6.39
N VAL B 202 -51.54 2.79 -6.48
CA VAL B 202 -51.32 1.96 -5.29
C VAL B 202 -49.97 2.20 -4.62
N VAL B 203 -50.04 2.73 -3.38
CA VAL B 203 -48.91 2.98 -2.49
C VAL B 203 -49.01 1.97 -1.34
N TYR B 204 -47.91 1.30 -0.98
CA TYR B 204 -47.97 0.36 0.12
C TYR B 204 -47.45 1.00 1.38
N ARG B 205 -48.32 1.16 2.38
CA ARG B 205 -47.98 1.79 3.65
C ARG B 205 -47.74 0.75 4.72
N ALA B 206 -46.69 0.90 5.51
CA ALA B 206 -46.43 -0.11 6.51
C ALA B 206 -47.20 0.08 7.83
N GLN B 207 -47.78 -1.03 8.34
CA GLN B 207 -48.42 -1.07 9.66
C GLN B 207 -47.26 -1.57 10.53
N SER B 208 -46.56 -0.60 11.15
CA SER B 208 -45.32 -0.77 11.93
C SER B 208 -45.38 -1.77 13.05
N THR B 209 -46.56 -1.91 13.66
CA THR B 209 -46.77 -2.87 14.74
C THR B 209 -47.92 -3.75 14.36
N ASP B 210 -47.72 -5.04 14.53
CA ASP B 210 -48.74 -6.05 14.28
C ASP B 210 -48.51 -7.14 15.30
N ALA B 211 -49.55 -7.93 15.58
CA ALA B 211 -49.53 -8.99 16.58
C ALA B 211 -48.37 -9.99 16.44
N ILE B 212 -47.70 -10.24 17.57
CA ILE B 212 -46.63 -11.22 17.75
C ILE B 212 -46.94 -11.90 19.08
N THR B 213 -46.86 -13.23 19.13
CA THR B 213 -47.11 -13.98 20.36
C THR B 213 -45.90 -14.83 20.68
N LEU B 214 -45.68 -15.15 21.94
CA LEU B 214 -44.57 -16.01 22.32
C LEU B 214 -45.15 -17.38 22.63
N ASP B 215 -44.79 -18.40 21.80
CA ASP B 215 -45.27 -19.79 21.96
C ASP B 215 -44.62 -20.40 23.19
N PRO B 216 -45.41 -20.68 24.25
CA PRO B 216 -44.79 -21.24 25.47
C PRO B 216 -44.17 -22.61 25.26
N LYS B 217 -44.76 -23.43 24.37
CA LYS B 217 -44.29 -24.78 24.05
C LYS B 217 -42.86 -24.79 23.50
N THR B 218 -42.56 -23.87 22.57
CA THR B 218 -41.24 -23.78 21.92
C THR B 218 -40.32 -22.66 22.41
N GLY B 219 -40.89 -21.61 22.99
CA GLY B 219 -40.13 -20.44 23.43
C GLY B 219 -39.77 -19.53 22.28
N LYS B 220 -40.38 -19.79 21.09
CA LYS B 220 -40.18 -19.03 19.86
C LYS B 220 -41.35 -18.10 19.59
N PHE B 221 -41.07 -16.92 19.02
CA PHE B 221 -42.07 -15.90 18.70
C PHE B 221 -42.75 -16.17 17.37
N VAL B 222 -44.07 -15.99 17.30
CA VAL B 222 -44.87 -16.24 16.12
C VAL B 222 -45.54 -14.95 15.70
N SER B 223 -45.29 -14.51 14.46
CA SER B 223 -45.89 -13.29 13.92
C SER B 223 -47.27 -13.61 13.37
N LYS B 224 -48.23 -12.67 13.50
CA LYS B 224 -49.59 -12.87 12.98
C LYS B 224 -49.53 -13.01 11.47
N ASP B 225 -50.10 -14.11 10.94
CA ASP B 225 -50.16 -14.36 9.51
C ASP B 225 -51.09 -13.34 8.84
N ARG B 226 -50.60 -12.68 7.79
CA ARG B 226 -51.39 -11.71 7.05
C ARG B 226 -51.54 -12.24 5.65
N MET B 227 -52.79 -12.56 5.28
CA MET B 227 -53.13 -13.14 4.00
C MET B 227 -52.99 -12.15 2.90
N VAL B 228 -52.39 -12.59 1.80
CA VAL B 228 -52.19 -11.77 0.62
C VAL B 228 -52.70 -12.49 -0.60
N ALA B 229 -53.19 -11.73 -1.55
CA ALA B 229 -53.68 -12.27 -2.81
C ALA B 229 -52.60 -12.11 -3.86
N ASP B 230 -52.41 -13.16 -4.68
CA ASP B 230 -51.47 -13.05 -5.78
C ASP B 230 -52.24 -12.38 -6.93
N PHE B 231 -51.54 -12.07 -8.05
CA PHE B 231 -52.17 -11.40 -9.17
C PHE B 231 -53.45 -12.09 -9.65
N GLU B 232 -53.38 -13.41 -9.88
CA GLU B 232 -54.47 -14.26 -10.37
C GLU B 232 -55.69 -14.21 -9.50
N TYR B 233 -55.48 -14.17 -8.17
CA TYR B 233 -56.55 -14.08 -7.19
C TYR B 233 -57.25 -12.73 -7.24
N ALA B 234 -56.48 -11.62 -7.18
CA ALA B 234 -57.05 -10.27 -7.19
C ALA B 234 -57.88 -9.93 -8.46
N VAL B 235 -57.39 -10.31 -9.67
CA VAL B 235 -58.12 -10.06 -10.92
C VAL B 235 -59.40 -10.84 -11.03
N THR B 236 -59.43 -11.99 -10.40
CA THR B 236 -60.60 -12.87 -10.39
C THR B 236 -61.55 -12.61 -9.20
N GLY B 237 -61.05 -11.87 -8.21
CA GLY B 237 -61.76 -11.52 -6.98
C GLY B 237 -62.11 -12.70 -6.11
N GLY B 238 -61.34 -13.78 -6.30
CA GLY B 238 -61.47 -15.06 -5.64
C GLY B 238 -61.17 -16.19 -6.60
N GLU B 239 -62.16 -16.53 -7.47
CA GLU B 239 -62.23 -17.56 -8.53
C GLU B 239 -61.05 -18.54 -8.63
N GLN B 240 -59.94 -18.05 -9.23
CA GLN B 240 -58.67 -18.75 -9.45
C GLN B 240 -57.58 -17.88 -8.81
N GLY B 241 -56.40 -18.44 -8.61
CA GLY B 241 -55.30 -17.74 -7.95
C GLY B 241 -55.32 -18.06 -6.47
N SER B 242 -54.25 -17.71 -5.75
CA SER B 242 -54.15 -18.05 -4.33
C SER B 242 -54.12 -16.92 -3.34
N LEU B 243 -54.61 -17.21 -2.14
CA LEU B 243 -54.61 -16.36 -0.96
C LEU B 243 -53.73 -17.11 0.03
N PHE B 244 -52.59 -16.51 0.38
CA PHE B 244 -51.59 -17.12 1.23
C PHE B 244 -51.00 -16.13 2.21
N ALA B 245 -50.41 -16.60 3.31
CA ALA B 245 -49.78 -15.69 4.25
C ALA B 245 -48.49 -15.15 3.64
N ALA B 246 -48.25 -13.87 3.87
CA ALA B 246 -47.05 -13.22 3.38
C ALA B 246 -45.92 -13.62 4.29
N SER B 247 -44.68 -13.55 3.82
CA SER B 247 -43.55 -13.90 4.66
C SER B 247 -43.07 -12.70 5.45
N LYS B 248 -43.19 -12.79 6.78
CA LYS B 248 -42.73 -11.77 7.72
C LYS B 248 -41.35 -12.15 8.28
N ASP B 249 -40.81 -13.32 7.83
CA ASP B 249 -39.51 -13.83 8.26
C ASP B 249 -38.42 -12.83 7.90
N ALA B 250 -37.67 -12.35 8.91
CA ALA B 250 -36.62 -11.35 8.75
C ALA B 250 -35.21 -11.93 8.63
N SER B 251 -35.06 -13.28 8.68
CA SER B 251 -33.76 -13.98 8.56
C SER B 251 -33.02 -13.54 7.31
N ARG B 252 -33.77 -13.32 6.22
CA ARG B 252 -33.31 -12.86 4.91
C ARG B 252 -32.42 -11.63 4.94
N LEU B 253 -32.65 -10.71 5.91
CA LEU B 253 -31.93 -9.44 6.06
C LEU B 253 -30.45 -9.62 6.37
N LYS B 254 -30.09 -10.74 7.04
CA LYS B 254 -28.70 -11.06 7.33
C LYS B 254 -27.99 -11.39 6.03
N GLU B 255 -28.59 -12.29 5.23
CA GLU B 255 -28.06 -12.74 3.94
C GLU B 255 -28.01 -11.63 2.90
N GLN B 256 -29.14 -10.92 2.71
CA GLN B 256 -29.25 -9.83 1.73
C GLN B 256 -28.51 -8.56 2.09
N TYR B 257 -28.57 -8.14 3.35
CA TYR B 257 -28.01 -6.84 3.75
C TYR B 257 -26.90 -6.90 4.79
N GLY B 258 -26.72 -8.05 5.42
CA GLY B 258 -25.73 -8.26 6.47
C GLY B 258 -26.18 -7.83 7.85
N ILE B 259 -27.44 -7.37 7.94
CA ILE B 259 -28.07 -6.86 9.17
C ILE B 259 -28.26 -8.01 10.15
N ASP B 260 -27.74 -7.85 11.39
CA ASP B 260 -27.94 -8.85 12.43
C ASP B 260 -29.41 -8.77 12.86
N VAL B 261 -30.10 -9.93 12.77
CA VAL B 261 -31.51 -10.04 13.10
C VAL B 261 -31.62 -10.80 14.43
N PRO B 262 -32.01 -10.12 15.54
CA PRO B 262 -32.18 -10.86 16.80
C PRO B 262 -33.40 -11.77 16.71
N ASP B 263 -33.44 -12.83 17.54
CA ASP B 263 -34.55 -13.78 17.56
C ASP B 263 -35.86 -13.06 17.88
N GLY B 264 -36.93 -13.45 17.19
CA GLY B 264 -38.27 -12.90 17.40
C GLY B 264 -38.52 -11.49 16.89
N PHE B 265 -37.79 -11.10 15.83
CA PHE B 265 -37.96 -9.81 15.14
C PHE B 265 -38.42 -10.10 13.72
N PHE B 266 -39.45 -9.37 13.26
CA PHE B 266 -40.07 -9.66 11.98
C PHE B 266 -40.17 -8.48 11.04
N CYS B 267 -40.50 -8.78 9.77
CA CYS B 267 -40.73 -7.78 8.75
C CYS B 267 -42.10 -7.20 9.01
N GLU B 268 -42.30 -5.90 8.76
CA GLU B 268 -43.57 -5.23 9.02
C GLU B 268 -44.70 -5.69 8.08
N ARG B 269 -45.93 -5.44 8.52
CA ARG B 269 -47.15 -5.66 7.75
C ARG B 269 -47.21 -4.47 6.77
N ARG B 270 -47.50 -4.71 5.47
CA ARG B 270 -47.65 -3.63 4.49
C ARG B 270 -49.05 -3.64 3.88
N ARG B 271 -49.81 -2.56 4.17
CA ARG B 271 -51.20 -2.35 3.76
C ARG B 271 -51.27 -1.60 2.45
N THR B 272 -52.21 -1.97 1.57
CA THR B 272 -52.39 -1.22 0.33
C THR B 272 -53.06 0.09 0.72
N ALA B 273 -52.63 1.16 0.11
CA ALA B 273 -53.22 2.48 0.29
C ALA B 273 -53.32 3.01 -1.12
N MET B 274 -54.34 3.85 -1.38
CA MET B 274 -54.58 4.34 -2.73
C MET B 274 -54.38 5.84 -2.88
N GLY B 275 -53.96 6.26 -4.08
CA GLY B 275 -53.70 7.66 -4.43
C GLY B 275 -54.61 8.11 -5.55
N GLY B 276 -55.64 8.87 -5.18
CA GLY B 276 -56.64 9.33 -6.13
C GLY B 276 -56.14 10.31 -7.17
N PRO B 277 -56.74 10.29 -8.39
CA PRO B 277 -56.38 11.31 -9.39
C PRO B 277 -56.96 12.63 -8.88
N PHE B 278 -56.09 13.56 -8.46
CA PHE B 278 -56.49 14.81 -7.83
C PHE B 278 -57.57 15.65 -8.51
N ALA B 279 -57.60 15.67 -9.86
CA ALA B 279 -58.62 16.42 -10.58
C ALA B 279 -60.02 15.86 -10.31
N LEU B 280 -60.12 14.54 -10.13
CA LEU B 280 -61.39 13.89 -9.80
C LEU B 280 -61.71 14.09 -8.30
N ASN B 281 -60.68 14.01 -7.43
CA ASN B 281 -60.80 14.16 -5.98
C ASN B 281 -61.26 15.52 -5.52
N ALA B 282 -60.74 16.60 -6.14
CA ALA B 282 -61.07 17.98 -5.81
C ALA B 282 -62.60 18.27 -5.79
N PRO B 283 -63.39 18.02 -6.88
CA PRO B 283 -64.85 18.24 -6.79
C PRO B 283 -65.58 17.42 -5.73
N ILE B 284 -65.03 16.25 -5.34
CA ILE B 284 -65.59 15.38 -4.32
C ILE B 284 -65.30 15.97 -2.94
N MET B 285 -64.04 16.38 -2.69
CA MET B 285 -63.62 16.99 -1.43
C MET B 285 -64.39 18.28 -1.11
N ALA B 286 -64.73 19.08 -2.16
CA ALA B 286 -65.50 20.33 -2.06
C ALA B 286 -66.92 20.11 -1.48
N VAL B 287 -67.43 18.86 -1.57
CA VAL B 287 -68.72 18.47 -1.04
C VAL B 287 -68.47 17.72 0.27
N ALA B 288 -67.46 16.85 0.31
CA ALA B 288 -67.10 16.06 1.50
C ALA B 288 -66.80 16.87 2.77
N GLN B 289 -66.06 17.99 2.64
CA GLN B 289 -65.78 18.82 3.81
C GLN B 289 -67.06 19.42 4.38
N PRO B 290 -67.92 20.11 3.59
CA PRO B 290 -69.21 20.59 4.16
C PRO B 290 -70.05 19.49 4.83
N VAL B 291 -70.01 18.22 4.31
CA VAL B 291 -70.72 17.06 4.87
C VAL B 291 -70.17 16.75 6.27
N ARG B 292 -68.83 16.72 6.42
CA ARG B 292 -68.16 16.48 7.72
C ARG B 292 -68.59 17.56 8.72
N ASN B 293 -68.54 18.84 8.30
CA ASN B 293 -68.95 19.96 9.13
C ASN B 293 -70.39 19.81 9.62
N LYS B 294 -71.30 19.27 8.78
CA LYS B 294 -72.69 19.02 9.17
C LYS B 294 -72.80 17.89 10.20
N ILE B 295 -72.24 16.70 9.90
CA ILE B 295 -72.29 15.55 10.82
C ILE B 295 -71.57 15.77 12.14
N TYR B 296 -70.39 16.43 12.11
CA TYR B 296 -69.62 16.73 13.32
C TYR B 296 -70.28 17.79 14.21
N SER B 297 -71.33 18.47 13.70
CA SER B 297 -72.07 19.51 14.42
C SER B 297 -73.54 19.14 14.76
N LYS B 298 -74.40 18.91 13.73
CA LYS B 298 -75.80 18.53 13.97
C LYS B 298 -75.86 17.19 14.69
N TYR B 299 -75.05 16.22 14.25
CA TYR B 299 -75.06 14.90 14.85
C TYR B 299 -73.77 14.61 15.61
N ALA B 300 -73.23 15.65 16.30
CA ALA B 300 -71.99 15.63 17.11
C ALA B 300 -71.97 14.49 18.12
N TYR B 301 -73.15 14.16 18.68
CA TYR B 301 -73.28 13.08 19.64
C TYR B 301 -72.69 11.78 19.08
N THR B 302 -73.15 11.38 17.90
CA THR B 302 -72.73 10.13 17.26
C THR B 302 -71.37 10.23 16.60
N PHE B 303 -71.08 11.35 15.93
CA PHE B 303 -69.90 11.52 15.09
C PHE B 303 -68.68 12.33 15.56
N HIS B 304 -68.89 13.40 16.36
CA HIS B 304 -67.80 14.27 16.84
C HIS B 304 -67.11 13.78 18.10
N HIS B 305 -65.83 13.32 17.96
CA HIS B 305 -65.03 12.76 19.06
C HIS B 305 -63.62 13.39 19.22
N THR B 306 -63.37 14.00 20.40
CA THR B 306 -62.14 14.74 20.71
C THR B 306 -61.33 14.08 21.84
N THR B 307 -61.61 14.48 23.10
CA THR B 307 -60.90 14.03 24.29
C THR B 307 -61.49 12.80 24.94
N ARG B 308 -60.70 12.20 25.88
CA ARG B 308 -61.03 11.03 26.71
C ARG B 308 -61.99 11.40 27.89
N LEU B 309 -62.54 12.62 27.85
CA LEU B 309 -63.59 13.11 28.74
C LEU B 309 -64.83 13.43 27.92
N ASN B 310 -64.63 13.92 26.67
CA ASN B 310 -65.69 14.20 25.70
C ASN B 310 -66.47 12.91 25.39
N LYS B 311 -65.72 11.81 25.20
CA LYS B 311 -66.25 10.47 24.92
C LYS B 311 -66.90 9.89 26.19
N GLU B 312 -66.26 10.08 27.37
CA GLU B 312 -66.70 9.62 28.69
C GLU B 312 -68.07 10.17 29.08
N GLU B 313 -68.33 11.46 28.83
CA GLU B 313 -69.60 12.14 29.15
C GLU B 313 -70.79 11.45 28.48
N LYS B 314 -70.55 10.96 27.24
CA LYS B 314 -71.53 10.26 26.39
C LYS B 314 -71.87 8.84 26.89
N VAL B 315 -70.83 8.04 27.19
CA VAL B 315 -70.92 6.63 27.62
C VAL B 315 -71.35 6.48 29.09
N LYS B 316 -70.97 7.42 29.97
CA LYS B 316 -71.34 7.35 31.39
C LYS B 316 -72.86 7.25 31.60
N GLU B 317 -73.64 7.83 30.64
CA GLU B 317 -75.10 7.87 30.64
C GLU B 317 -75.73 6.52 30.27
N TRP B 318 -74.94 5.60 29.69
CA TRP B 318 -75.40 4.29 29.23
C TRP B 318 -75.47 3.23 30.32
N SER B 319 -76.41 2.28 30.19
CA SER B 319 -76.53 1.16 31.11
C SER B 319 -75.68 -0.01 30.59
N LEU B 320 -75.45 -0.04 29.26
CA LEU B 320 -74.62 -1.04 28.59
C LEU B 320 -73.76 -0.42 27.48
N CYS B 321 -72.48 -0.84 27.39
CA CYS B 321 -71.53 -0.44 26.35
C CYS B 321 -70.85 -1.67 25.76
N VAL B 322 -71.05 -1.85 24.44
CA VAL B 322 -70.55 -2.94 23.61
C VAL B 322 -69.61 -2.35 22.53
N ALA B 323 -68.31 -2.62 22.65
CA ALA B 323 -67.27 -2.16 21.74
C ALA B 323 -67.09 -3.17 20.58
N THR B 324 -67.50 -2.75 19.36
CA THR B 324 -67.45 -3.59 18.16
C THR B 324 -66.13 -3.49 17.39
N ASP B 325 -65.81 -4.55 16.62
CA ASP B 325 -64.64 -4.66 15.75
C ASP B 325 -65.12 -5.26 14.43
N VAL B 326 -64.78 -4.60 13.30
CA VAL B 326 -65.15 -5.09 11.97
C VAL B 326 -63.90 -5.74 11.35
N SER B 327 -64.10 -6.81 10.60
CA SER B 327 -62.99 -7.46 9.95
C SER B 327 -62.89 -6.97 8.50
N ASP B 328 -61.75 -6.34 8.15
CA ASP B 328 -61.40 -5.86 6.81
C ASP B 328 -62.44 -4.89 6.17
N HIS B 329 -62.80 -3.81 6.89
CA HIS B 329 -63.80 -2.83 6.44
C HIS B 329 -63.69 -2.39 4.99
N ASP B 330 -62.56 -1.77 4.61
CA ASP B 330 -62.36 -1.20 3.28
C ASP B 330 -62.51 -2.19 2.12
N THR B 331 -62.02 -3.42 2.31
CA THR B 331 -62.07 -4.49 1.33
C THR B 331 -63.50 -5.01 1.13
N PHE B 332 -64.26 -5.12 2.23
CA PHE B 332 -65.64 -5.62 2.24
C PHE B 332 -66.69 -4.57 1.91
N TRP B 333 -66.33 -3.26 1.92
CA TRP B 333 -67.27 -2.17 1.65
C TRP B 333 -68.07 -2.43 0.37
N PRO B 334 -69.44 -2.43 0.43
CA PRO B 334 -70.23 -2.84 -0.74
C PRO B 334 -70.50 -1.85 -1.85
N GLY B 335 -70.31 -2.38 -3.06
CA GLY B 335 -70.53 -1.68 -4.31
C GLY B 335 -71.95 -1.20 -4.45
N TRP B 336 -72.92 -1.98 -3.94
CA TRP B 336 -74.33 -1.63 -3.97
C TRP B 336 -74.64 -0.38 -3.14
N LEU B 337 -73.84 -0.11 -2.07
CA LEU B 337 -74.03 1.10 -1.26
C LEU B 337 -73.66 2.34 -2.07
N ARG B 338 -72.57 2.28 -2.86
CA ARG B 338 -72.15 3.36 -3.76
C ARG B 338 -73.34 3.69 -4.68
N ASP B 339 -73.93 2.68 -5.31
CA ASP B 339 -75.06 2.84 -6.23
C ASP B 339 -76.30 3.36 -5.54
N LEU B 340 -76.59 2.90 -4.31
CA LEU B 340 -77.71 3.37 -3.50
C LEU B 340 -77.51 4.86 -3.17
N ILE B 341 -76.30 5.23 -2.69
CA ILE B 341 -75.97 6.61 -2.34
C ILE B 341 -76.16 7.53 -3.55
N CYS B 342 -75.63 7.12 -4.70
CA CYS B 342 -75.74 7.86 -5.96
C CYS B 342 -77.19 8.03 -6.40
N ASP B 343 -77.99 6.95 -6.31
CA ASP B 343 -79.41 6.98 -6.65
C ASP B 343 -80.16 7.95 -5.72
N GLU B 344 -79.85 7.93 -4.41
CA GLU B 344 -80.49 8.83 -3.45
C GLU B 344 -80.10 10.30 -3.64
N LEU B 345 -78.83 10.57 -3.99
CA LEU B 345 -78.38 11.93 -4.26
C LEU B 345 -79.12 12.48 -5.46
N LEU B 346 -79.33 11.65 -6.49
CA LEU B 346 -80.09 12.03 -7.68
C LEU B 346 -81.52 12.41 -7.29
N ASN B 347 -82.17 11.59 -6.43
CA ASN B 347 -83.53 11.81 -5.92
C ASN B 347 -83.64 13.12 -5.15
N MET B 348 -82.59 13.48 -4.39
CA MET B 348 -82.51 14.71 -3.60
C MET B 348 -82.39 15.96 -4.47
N GLY B 349 -81.95 15.79 -5.72
CA GLY B 349 -81.78 16.88 -6.66
C GLY B 349 -80.35 17.32 -6.91
N TYR B 350 -79.37 16.48 -6.50
CA TYR B 350 -77.93 16.74 -6.72
C TYR B 350 -77.66 16.69 -8.22
N ALA B 351 -76.75 17.56 -8.70
CA ALA B 351 -76.37 17.63 -10.11
C ALA B 351 -75.99 16.23 -10.63
N PRO B 352 -76.67 15.69 -11.67
CA PRO B 352 -76.32 14.34 -12.16
C PRO B 352 -74.86 14.17 -12.59
N TRP B 353 -74.26 15.25 -13.13
CA TRP B 353 -72.85 15.25 -13.53
C TRP B 353 -71.95 15.03 -12.32
N TRP B 354 -72.29 15.64 -11.16
CA TRP B 354 -71.48 15.48 -9.95
C TRP B 354 -71.62 14.08 -9.41
N VAL B 355 -72.86 13.55 -9.37
CA VAL B 355 -73.15 12.20 -8.91
C VAL B 355 -72.37 11.20 -9.75
N LYS B 356 -72.29 11.44 -11.08
CA LYS B 356 -71.54 10.57 -11.99
C LYS B 356 -70.05 10.56 -11.65
N LEU B 357 -69.48 11.72 -11.30
CA LEU B 357 -68.06 11.81 -10.90
C LEU B 357 -67.85 11.00 -9.62
N PHE B 358 -68.77 11.16 -8.66
CA PHE B 358 -68.75 10.47 -7.38
C PHE B 358 -68.85 8.94 -7.58
N GLU B 359 -69.80 8.49 -8.44
CA GLU B 359 -70.00 7.08 -8.80
C GLU B 359 -68.73 6.52 -9.41
N THR B 360 -68.15 7.26 -10.39
CA THR B 360 -66.93 6.88 -11.10
C THR B 360 -65.73 6.74 -10.16
N SER B 361 -65.62 7.62 -9.14
CA SER B 361 -64.52 7.56 -8.17
C SER B 361 -64.51 6.26 -7.38
N LEU B 362 -65.66 5.59 -7.30
CA LEU B 362 -65.82 4.34 -6.56
C LEU B 362 -65.90 3.06 -7.44
N LYS B 363 -65.52 3.15 -8.75
CA LYS B 363 -65.43 2.02 -9.69
C LYS B 363 -64.19 2.18 -10.58
N LEU B 364 -63.25 3.04 -10.14
CA LEU B 364 -62.04 3.35 -10.87
C LEU B 364 -60.98 2.24 -10.86
N PRO B 365 -60.29 2.02 -12.02
CA PRO B 365 -59.17 1.05 -12.06
C PRO B 365 -58.05 1.39 -11.07
N VAL B 366 -57.14 0.44 -10.83
CA VAL B 366 -56.02 0.65 -9.91
C VAL B 366 -54.68 0.31 -10.55
N TYR B 367 -53.69 1.20 -10.38
CA TYR B 367 -52.36 0.95 -10.89
C TYR B 367 -51.51 0.40 -9.76
N VAL B 368 -51.07 -0.86 -9.91
CA VAL B 368 -50.25 -1.55 -8.91
C VAL B 368 -48.77 -1.26 -9.16
N GLY B 369 -48.14 -0.64 -8.17
CA GLY B 369 -46.74 -0.28 -8.21
C GLY B 369 -45.80 -1.45 -8.04
N ALA B 370 -45.30 -1.66 -6.80
CA ALA B 370 -44.36 -2.73 -6.51
C ALA B 370 -44.67 -3.52 -5.23
N PRO B 371 -45.52 -4.57 -5.31
CA PRO B 371 -45.83 -5.37 -4.11
C PRO B 371 -44.68 -6.21 -3.57
N ALA B 372 -43.72 -6.54 -4.46
CA ALA B 372 -42.56 -7.38 -4.16
C ALA B 372 -41.49 -7.18 -5.25
N PRO B 373 -40.23 -7.62 -5.06
CA PRO B 373 -39.24 -7.49 -6.15
C PRO B 373 -39.70 -8.27 -7.39
N GLU B 374 -39.48 -7.73 -8.61
CA GLU B 374 -39.87 -8.35 -9.88
C GLU B 374 -41.38 -8.63 -10.04
N GLN B 375 -42.21 -7.80 -9.36
CA GLN B 375 -43.68 -7.87 -9.39
C GLN B 375 -44.27 -6.45 -9.47
N GLY B 376 -45.46 -6.36 -10.07
CA GLY B 376 -46.21 -5.12 -10.18
C GLY B 376 -46.16 -4.45 -11.53
N HIS B 377 -46.25 -3.09 -11.52
CA HIS B 377 -46.26 -2.22 -12.70
C HIS B 377 -47.33 -2.67 -13.68
N THR B 378 -48.54 -2.86 -13.12
CA THR B 378 -49.71 -3.36 -13.85
C THR B 378 -50.96 -2.56 -13.49
N LEU B 379 -51.72 -2.20 -14.50
CA LEU B 379 -52.98 -1.52 -14.33
C LEU B 379 -54.06 -2.59 -14.31
N LEU B 380 -54.93 -2.57 -13.28
CA LEU B 380 -56.06 -3.50 -13.14
C LEU B 380 -57.30 -2.71 -13.44
N GLY B 381 -58.05 -3.16 -14.44
CA GLY B 381 -59.26 -2.45 -14.84
C GLY B 381 -59.01 -1.48 -15.97
N ASP B 382 -60.02 -1.34 -16.85
CA ASP B 382 -59.96 -0.51 -18.03
C ASP B 382 -60.50 0.88 -17.72
N PRO B 383 -59.66 1.94 -17.84
CA PRO B 383 -60.16 3.30 -17.58
C PRO B 383 -61.23 3.79 -18.55
N SER B 384 -61.39 3.13 -19.75
CA SER B 384 -62.41 3.50 -20.75
C SER B 384 -63.81 3.20 -20.25
N ASN B 385 -63.95 2.24 -19.35
CA ASN B 385 -65.23 1.88 -18.74
C ASN B 385 -65.02 1.40 -17.31
N PRO B 386 -64.86 2.36 -16.36
CA PRO B 386 -64.61 1.98 -14.96
C PRO B 386 -65.71 1.07 -14.43
N ASP B 387 -65.31 -0.13 -14.00
CA ASP B 387 -66.21 -1.16 -13.49
C ASP B 387 -65.58 -2.03 -12.39
N LEU B 388 -64.68 -1.45 -11.58
CA LEU B 388 -64.06 -2.20 -10.50
C LEU B 388 -64.94 -2.18 -9.26
N GLU B 389 -64.78 -3.19 -8.41
CA GLU B 389 -65.50 -3.35 -7.15
C GLU B 389 -64.49 -3.61 -6.03
N VAL B 390 -63.52 -2.69 -5.88
CA VAL B 390 -62.41 -2.78 -4.93
C VAL B 390 -62.82 -2.61 -3.47
N GLY B 391 -64.07 -2.25 -3.26
CA GLY B 391 -64.59 -1.90 -1.95
C GLY B 391 -64.42 -0.40 -1.82
N LEU B 392 -63.80 0.03 -0.73
CA LEU B 392 -63.52 1.45 -0.53
C LEU B 392 -62.07 1.69 -0.94
N SER B 393 -61.82 2.70 -1.80
CA SER B 393 -60.46 3.12 -2.22
C SER B 393 -59.99 4.14 -1.20
N SER B 394 -58.90 3.88 -0.45
CA SER B 394 -58.41 4.79 0.59
C SER B 394 -58.15 6.23 0.14
N GLY B 395 -57.73 6.36 -1.12
CA GLY B 395 -57.39 7.61 -1.78
C GLY B 395 -58.55 8.55 -2.05
N GLN B 396 -59.75 8.00 -2.32
CA GLN B 396 -60.97 8.76 -2.64
C GLN B 396 -61.23 9.90 -1.65
N GLY B 397 -61.81 10.97 -2.19
CA GLY B 397 -62.08 12.21 -1.46
C GLY B 397 -63.10 12.21 -0.34
N ALA B 398 -63.82 11.08 -0.10
CA ALA B 398 -64.85 10.96 0.94
C ALA B 398 -64.96 9.55 1.53
N THR B 399 -63.83 8.85 1.63
CA THR B 399 -63.73 7.49 2.19
C THR B 399 -64.17 7.37 3.64
N ASP B 400 -63.85 8.39 4.45
CA ASP B 400 -64.24 8.44 5.87
C ASP B 400 -65.76 8.46 5.97
N LEU B 401 -66.42 9.28 5.14
CA LEU B 401 -67.88 9.41 5.07
C LEU B 401 -68.54 8.15 4.58
N MET B 402 -67.93 7.50 3.58
CA MET B 402 -68.45 6.25 3.03
C MET B 402 -68.46 5.13 4.08
N GLY B 403 -67.39 5.05 4.87
CA GLY B 403 -67.24 4.10 5.96
C GLY B 403 -68.15 4.39 7.14
N THR B 404 -68.38 5.70 7.41
CA THR B 404 -69.25 6.19 8.49
C THR B 404 -70.73 5.91 8.15
N LEU B 405 -71.17 6.24 6.92
CA LEU B 405 -72.52 6.02 6.39
C LEU B 405 -72.86 4.53 6.52
N LEU B 406 -72.04 3.63 5.90
CA LEU B 406 -72.24 2.18 5.95
C LEU B 406 -72.35 1.69 7.37
N MET B 407 -71.29 1.96 8.17
CA MET B 407 -71.20 1.49 9.55
C MET B 407 -72.24 1.99 10.51
N SER B 408 -72.53 3.32 10.52
CA SER B 408 -73.56 3.87 11.41
C SER B 408 -74.91 3.17 11.25
N ILE B 409 -75.33 2.92 9.98
CA ILE B 409 -76.58 2.22 9.67
C ILE B 409 -76.45 0.73 10.02
N THR B 410 -75.29 0.10 9.72
CA THR B 410 -75.04 -1.31 10.06
C THR B 410 -75.24 -1.57 11.57
N TYR B 411 -74.63 -0.70 12.43
CA TYR B 411 -74.75 -0.76 13.90
C TYR B 411 -76.17 -0.48 14.38
N LEU B 412 -76.90 0.44 13.72
CA LEU B 412 -78.29 0.77 14.06
C LEU B 412 -79.18 -0.44 13.73
N VAL B 413 -78.98 -1.04 12.53
CA VAL B 413 -79.70 -2.22 12.05
C VAL B 413 -79.50 -3.39 13.02
N MET B 414 -78.26 -3.60 13.48
CA MET B 414 -77.89 -4.62 14.46
C MET B 414 -78.65 -4.38 15.78
N GLN B 415 -78.74 -3.08 16.21
CA GLN B 415 -79.47 -2.68 17.41
C GLN B 415 -81.00 -2.96 17.25
N LEU B 416 -81.55 -2.67 16.05
CA LEU B 416 -82.97 -2.88 15.72
C LEU B 416 -83.33 -4.35 15.66
N ASP B 417 -82.56 -5.13 14.89
CA ASP B 417 -82.77 -6.55 14.70
C ASP B 417 -82.71 -7.35 15.98
N HIS B 418 -81.69 -7.11 16.82
CA HIS B 418 -81.46 -7.92 18.02
C HIS B 418 -81.97 -7.36 19.33
N THR B 419 -82.29 -6.06 19.40
CA THR B 419 -82.67 -5.46 20.68
C THR B 419 -83.93 -4.60 20.68
N ALA B 420 -84.21 -3.91 19.56
CA ALA B 420 -85.35 -2.99 19.53
C ALA B 420 -86.40 -3.17 18.40
N PRO B 421 -87.09 -4.34 18.29
CA PRO B 421 -88.14 -4.48 17.26
C PRO B 421 -89.32 -3.51 17.41
N HIS B 422 -89.50 -2.97 18.63
CA HIS B 422 -90.53 -2.00 18.97
C HIS B 422 -90.32 -0.64 18.29
N LEU B 423 -89.11 -0.39 17.75
CA LEU B 423 -88.80 0.87 17.05
C LEU B 423 -89.00 0.76 15.53
N ASN B 424 -89.24 -0.47 15.02
CA ASN B 424 -89.47 -0.72 13.59
C ASN B 424 -90.66 0.05 13.04
N SER B 425 -91.75 0.20 13.84
CA SER B 425 -92.98 0.94 13.49
C SER B 425 -92.71 2.44 13.20
N ARG B 426 -91.60 2.99 13.74
CA ARG B 426 -91.22 4.39 13.55
C ARG B 426 -90.59 4.61 12.16
N ILE B 427 -90.25 3.52 11.43
CA ILE B 427 -89.62 3.57 10.12
C ILE B 427 -90.57 2.96 9.06
N LYS B 428 -91.51 3.79 8.58
CA LYS B 428 -92.57 3.40 7.63
C LYS B 428 -92.34 3.87 6.20
N ASP B 429 -91.75 5.05 6.05
CA ASP B 429 -91.48 5.70 4.78
C ASP B 429 -90.25 6.59 4.90
N MET B 430 -89.88 7.32 3.84
CA MET B 430 -88.73 8.21 3.90
C MET B 430 -88.83 9.32 4.96
N PRO B 431 -89.92 10.12 5.04
CA PRO B 431 -90.00 11.15 6.08
C PRO B 431 -89.84 10.61 7.50
N SER B 432 -90.49 9.46 7.83
CA SER B 432 -90.39 8.84 9.16
C SER B 432 -89.01 8.24 9.41
N ALA B 433 -88.36 7.70 8.36
CA ALA B 433 -87.00 7.15 8.46
C ALA B 433 -86.03 8.27 8.83
N CYS B 434 -86.18 9.42 8.16
CA CYS B 434 -85.34 10.58 8.40
C CYS B 434 -85.53 11.16 9.78
N ARG B 435 -86.80 11.30 10.22
CA ARG B 435 -87.13 11.81 11.56
C ARG B 435 -86.51 10.93 12.63
N PHE B 436 -86.65 9.60 12.46
CA PHE B 436 -86.12 8.64 13.41
C PHE B 436 -84.61 8.76 13.46
N LEU B 437 -83.94 8.63 12.31
CA LEU B 437 -82.49 8.70 12.23
C LEU B 437 -81.92 10.00 12.79
N ASP B 438 -82.61 11.14 12.52
CA ASP B 438 -82.24 12.45 13.05
C ASP B 438 -82.23 12.42 14.57
N SER B 439 -83.26 11.78 15.16
CA SER B 439 -83.39 11.62 16.61
C SER B 439 -82.30 10.70 17.17
N TYR B 440 -82.09 9.53 16.52
CA TYR B 440 -81.10 8.52 16.91
C TYR B 440 -79.69 9.08 16.90
N TRP B 441 -79.32 9.80 15.82
CA TRP B 441 -77.99 10.40 15.66
C TRP B 441 -77.67 11.50 16.66
N GLN B 442 -78.71 12.15 17.21
CA GLN B 442 -78.54 13.21 18.22
C GLN B 442 -78.47 12.61 19.66
N GLY B 443 -78.55 11.28 19.74
CA GLY B 443 -78.52 10.51 20.98
C GLY B 443 -79.80 10.60 21.77
N HIS B 444 -80.93 10.83 21.07
CA HIS B 444 -82.24 10.99 21.71
C HIS B 444 -83.06 9.70 21.91
N GLU B 445 -82.55 8.55 21.46
CA GLU B 445 -83.26 7.28 21.62
C GLU B 445 -82.64 6.43 22.73
N GLU B 446 -83.32 5.34 23.16
CA GLU B 446 -82.82 4.42 24.20
C GLU B 446 -81.63 3.56 23.70
N ILE B 447 -81.48 3.49 22.37
CA ILE B 447 -80.37 2.88 21.67
C ILE B 447 -79.53 4.06 21.13
N ARG B 448 -78.22 4.08 21.48
CA ARG B 448 -77.27 5.15 21.16
C ARG B 448 -75.93 4.57 20.74
N GLN B 449 -75.23 5.25 19.79
CA GLN B 449 -73.91 4.85 19.30
C GLN B 449 -73.00 6.04 19.15
N ILE B 450 -71.70 5.77 19.20
CA ILE B 450 -70.63 6.70 18.95
C ILE B 450 -69.78 5.97 17.92
N SER B 451 -69.65 6.52 16.71
CA SER B 451 -68.91 5.85 15.63
C SER B 451 -67.99 6.75 14.83
N LYS B 452 -67.11 6.11 14.05
CA LYS B 452 -66.16 6.71 13.13
C LYS B 452 -65.73 5.52 12.29
N SER B 453 -66.39 5.36 11.11
CA SER B 453 -66.21 4.25 10.16
C SER B 453 -66.30 2.91 10.91
N ASP B 454 -65.23 2.10 10.89
CA ASP B 454 -65.18 0.82 11.59
C ASP B 454 -65.19 0.95 13.13
N ASP B 455 -64.57 2.00 13.69
CA ASP B 455 -64.53 2.10 15.15
C ASP B 455 -65.82 2.61 15.72
N ALA B 456 -66.39 1.86 16.69
CA ALA B 456 -67.64 2.23 17.35
C ALA B 456 -67.85 1.61 18.71
N MET B 457 -68.77 2.21 19.44
CA MET B 457 -69.26 1.76 20.73
C MET B 457 -70.78 1.93 20.73
N LEU B 458 -71.46 0.82 20.97
CA LEU B 458 -72.90 0.71 20.98
C LEU B 458 -73.40 0.66 22.43
N GLY B 459 -74.36 1.53 22.72
CA GLY B 459 -74.93 1.68 24.06
C GLY B 459 -76.44 1.65 24.19
N TRP B 460 -76.90 1.16 25.35
CA TRP B 460 -78.30 1.02 25.70
C TRP B 460 -78.58 1.73 27.02
N THR B 461 -79.63 2.57 27.07
CA THR B 461 -80.03 3.21 28.33
C THR B 461 -81.07 2.26 28.95
N LYS B 462 -81.73 2.66 30.05
CA LYS B 462 -82.77 1.81 30.63
C LYS B 462 -83.97 1.78 29.68
N GLY B 463 -84.65 0.64 29.61
CA GLY B 463 -85.79 0.47 28.73
C GLY B 463 -85.94 -0.91 28.15
N ARG B 464 -86.86 -1.04 27.17
CA ARG B 464 -87.19 -2.30 26.50
C ARG B 464 -86.06 -2.95 25.73
N ALA B 465 -85.19 -2.13 25.13
CA ALA B 465 -84.07 -2.64 24.35
C ALA B 465 -82.91 -3.19 25.19
N LEU B 466 -82.72 -2.70 26.43
CA LEU B 466 -81.63 -3.08 27.33
C LEU B 466 -81.41 -4.59 27.48
N VAL B 467 -82.49 -5.35 27.73
CA VAL B 467 -82.42 -6.81 27.90
C VAL B 467 -81.90 -7.49 26.61
N GLY B 468 -82.37 -7.02 25.46
CA GLY B 468 -81.97 -7.49 24.13
C GLY B 468 -80.53 -7.16 23.82
N GLY B 469 -80.08 -6.04 24.38
CA GLY B 469 -78.70 -5.57 24.28
C GLY B 469 -77.80 -6.62 24.88
N HIS B 470 -78.03 -6.96 26.16
CA HIS B 470 -77.26 -7.98 26.87
C HIS B 470 -77.23 -9.30 26.11
N ARG B 471 -78.33 -9.67 25.43
CA ARG B 471 -78.42 -10.87 24.63
C ARG B 471 -77.52 -10.76 23.40
N LEU B 472 -77.44 -9.55 22.78
CA LEU B 472 -76.58 -9.28 21.62
C LEU B 472 -75.11 -9.37 22.02
N PHE B 473 -74.76 -8.79 23.18
CA PHE B 473 -73.41 -8.83 23.72
C PHE B 473 -73.00 -10.29 23.99
N GLU B 474 -73.94 -11.11 24.52
CA GLU B 474 -73.73 -12.54 24.76
C GLU B 474 -73.48 -13.26 23.44
N MET B 475 -74.24 -12.88 22.38
CA MET B 475 -74.16 -13.40 21.01
C MET B 475 -72.81 -13.11 20.34
N LEU B 476 -72.22 -11.97 20.70
CA LEU B 476 -70.91 -11.57 20.22
C LEU B 476 -69.86 -12.32 21.01
N LYS B 477 -70.04 -12.38 22.36
CA LYS B 477 -69.18 -13.07 23.31
C LYS B 477 -69.02 -14.55 22.88
N GLU B 478 -70.14 -15.25 22.54
CA GLU B 478 -70.11 -16.65 22.07
C GLU B 478 -69.40 -16.73 20.71
N GLY B 479 -69.68 -15.76 19.85
CA GLY B 479 -69.04 -15.62 18.54
C GLY B 479 -69.28 -16.75 17.57
N LYS B 480 -70.50 -17.26 17.53
CA LYS B 480 -70.81 -18.32 16.60
C LYS B 480 -71.62 -17.80 15.41
N VAL B 481 -72.40 -16.73 15.62
CA VAL B 481 -73.25 -16.17 14.58
C VAL B 481 -72.96 -14.69 14.35
N ASN B 482 -72.84 -14.27 13.07
CA ASN B 482 -72.62 -12.88 12.68
C ASN B 482 -73.93 -12.12 12.91
N PRO B 483 -73.91 -11.04 13.74
CA PRO B 483 -75.16 -10.30 14.02
C PRO B 483 -75.66 -9.38 12.90
N SER B 484 -74.84 -9.17 11.87
CA SER B 484 -75.21 -8.30 10.78
C SER B 484 -75.25 -9.01 9.43
N PRO B 485 -76.17 -8.65 8.52
CA PRO B 485 -76.12 -9.23 7.18
C PRO B 485 -75.17 -8.46 6.26
N TYR B 486 -74.68 -7.28 6.69
CA TYR B 486 -73.86 -6.38 5.88
C TYR B 486 -72.37 -6.52 5.96
N MET B 487 -71.81 -6.64 7.16
CA MET B 487 -70.36 -6.76 7.39
C MET B 487 -70.10 -7.83 8.47
N LYS B 488 -68.84 -8.30 8.58
CA LYS B 488 -68.44 -9.27 9.60
C LYS B 488 -68.18 -8.53 10.91
N ILE B 489 -69.11 -8.64 11.87
CA ILE B 489 -69.04 -7.95 13.16
C ILE B 489 -68.73 -8.89 14.30
N SER B 490 -67.91 -8.41 15.24
CA SER B 490 -67.48 -9.11 16.43
C SER B 490 -67.31 -8.08 17.53
N TYR B 491 -66.93 -8.52 18.73
CA TYR B 491 -66.65 -7.61 19.80
C TYR B 491 -65.15 -7.38 19.81
N GLU B 492 -64.73 -6.16 20.15
CA GLU B 492 -63.32 -5.81 20.23
C GLU B 492 -62.74 -6.46 21.48
N HIS B 493 -61.78 -7.44 21.33
CA HIS B 493 -61.17 -8.12 22.48
C HIS B 493 -60.20 -7.18 23.22
N GLY B 494 -60.80 -6.11 23.74
CA GLY B 494 -60.17 -4.98 24.40
C GLY B 494 -60.92 -3.75 23.97
N GLY B 495 -61.90 -3.36 24.78
CA GLY B 495 -62.80 -2.24 24.49
C GLY B 495 -62.15 -0.88 24.35
N ALA B 496 -62.07 -0.36 23.12
CA ALA B 496 -61.49 0.95 22.84
C ALA B 496 -62.21 1.72 21.76
N PHE B 497 -62.17 3.05 21.86
CA PHE B 497 -62.80 3.92 20.88
C PHE B 497 -61.89 5.09 20.55
N LEU B 498 -61.46 5.16 19.27
CA LEU B 498 -60.60 6.21 18.73
C LEU B 498 -59.37 6.43 19.60
N GLY B 499 -58.66 5.34 19.87
CA GLY B 499 -57.43 5.32 20.64
C GLY B 499 -57.54 5.19 22.14
N ASP B 500 -58.72 5.54 22.71
CA ASP B 500 -58.92 5.50 24.14
C ASP B 500 -59.60 4.23 24.61
N ILE B 501 -58.97 3.56 25.58
CA ILE B 501 -59.45 2.31 26.16
C ILE B 501 -60.57 2.60 27.16
N LEU B 502 -61.65 1.80 27.11
CA LEU B 502 -62.75 1.90 28.07
C LEU B 502 -62.34 1.03 29.26
N LEU B 503 -61.88 1.69 30.35
CA LEU B 503 -61.42 1.06 31.58
C LEU B 503 -62.56 0.91 32.58
N TYR B 504 -63.01 -0.35 32.76
CA TYR B 504 -64.07 -0.71 33.67
C TYR B 504 -63.48 -1.00 35.04
N ASP B 505 -64.28 -0.84 36.09
CA ASP B 505 -63.84 -1.21 37.43
C ASP B 505 -64.49 -2.54 37.80
N SER B 506 -64.51 -2.90 39.10
CA SER B 506 -65.08 -4.15 39.58
C SER B 506 -66.56 -4.35 39.21
N ARG B 507 -67.33 -3.25 39.11
CA ARG B 507 -68.74 -3.26 38.75
C ARG B 507 -69.04 -3.65 37.29
N ARG B 508 -68.07 -3.43 36.38
CA ARG B 508 -68.18 -3.70 34.92
C ARG B 508 -69.40 -3.01 34.32
N GLU B 509 -69.57 -1.73 34.64
CA GLU B 509 -70.69 -0.91 34.18
C GLU B 509 -70.19 0.36 33.48
N PRO B 510 -70.86 0.82 32.37
CA PRO B 510 -70.41 2.04 31.68
C PRO B 510 -70.52 3.37 32.44
N GLY B 511 -71.23 3.37 33.56
CA GLY B 511 -71.36 4.53 34.43
C GLY B 511 -70.17 4.69 35.34
N SER B 512 -69.81 3.57 36.00
CA SER B 512 -68.70 3.41 36.95
C SER B 512 -67.35 3.53 36.25
N ALA B 513 -67.26 2.99 35.03
CA ALA B 513 -66.06 2.98 34.21
C ALA B 513 -65.59 4.39 33.80
N ILE B 514 -64.32 4.48 33.37
CA ILE B 514 -63.67 5.70 32.88
C ILE B 514 -63.08 5.42 31.50
N PHE B 515 -62.59 6.46 30.82
CA PHE B 515 -61.97 6.38 29.50
C PHE B 515 -60.50 6.82 29.61
N VAL B 516 -59.54 5.89 29.42
CA VAL B 516 -58.09 6.16 29.54
C VAL B 516 -57.26 5.98 28.24
N GLY B 517 -56.01 6.47 28.25
CA GLY B 517 -55.08 6.38 27.13
C GLY B 517 -54.47 5.00 26.94
N ASN B 518 -54.29 4.57 25.66
CA ASN B 518 -53.71 3.26 25.38
C ASN B 518 -52.19 3.35 25.45
N ILE B 519 -51.58 2.77 26.52
CA ILE B 519 -50.14 2.78 26.73
C ILE B 519 -49.38 2.09 25.61
N ASN B 520 -50.00 1.07 24.99
CA ASN B 520 -49.40 0.35 23.86
C ASN B 520 -49.26 1.28 22.66
N SER B 521 -50.26 2.19 22.45
CA SER B 521 -50.26 3.20 21.37
C SER B 521 -49.14 4.24 21.56
N MET B 522 -48.70 4.49 22.84
CA MET B 522 -47.58 5.38 23.17
C MET B 522 -46.31 4.72 22.69
N LEU B 523 -46.15 3.41 23.00
CA LEU B 523 -45.01 2.59 22.61
C LEU B 523 -44.87 2.43 21.10
N ASN B 524 -46.02 2.31 20.39
CA ASN B 524 -46.07 2.25 18.92
C ASN B 524 -45.62 3.61 18.35
N ASN B 525 -46.20 4.71 18.87
CA ASN B 525 -45.90 6.07 18.45
C ASN B 525 -44.58 6.68 19.01
N GLN B 526 -43.76 5.86 19.64
CA GLN B 526 -42.45 6.32 20.08
C GLN B 526 -41.35 5.40 19.57
N PHE B 527 -41.58 4.08 19.54
CA PHE B 527 -40.51 3.17 19.13
C PHE B 527 -40.71 2.48 17.80
N SER B 528 -41.96 2.50 17.32
CA SER B 528 -42.32 1.91 16.04
C SER B 528 -43.05 2.94 15.10
N PRO B 529 -42.43 4.10 14.71
CA PRO B 529 -43.16 5.03 13.83
C PRO B 529 -43.32 4.46 12.42
N GLU B 530 -44.36 4.89 11.71
CA GLU B 530 -44.63 4.41 10.36
C GLU B 530 -43.57 4.88 9.38
N TYR B 531 -43.13 6.15 9.55
CA TYR B 531 -42.15 6.76 8.67
C TYR B 531 -40.90 7.16 9.41
N GLY B 532 -39.84 7.37 8.65
CA GLY B 532 -38.57 7.86 9.16
C GLY B 532 -38.69 9.35 9.42
N VAL B 533 -37.64 9.95 10.02
CA VAL B 533 -37.61 11.37 10.33
C VAL B 533 -37.70 12.29 9.09
N GLN B 534 -37.23 11.78 7.92
CA GLN B 534 -37.13 12.47 6.62
C GLN B 534 -36.21 13.68 6.72
N SER B 535 -34.97 13.45 7.24
CA SER B 535 -33.93 14.46 7.43
C SER B 535 -33.56 15.22 6.14
N GLY B 536 -33.63 14.54 5.00
CA GLY B 536 -33.38 15.11 3.68
C GLY B 536 -34.37 16.21 3.33
N VAL B 537 -35.66 15.97 3.61
CA VAL B 537 -36.76 16.89 3.36
C VAL B 537 -36.54 18.22 4.08
N ARG B 538 -36.25 19.26 3.27
CA ARG B 538 -35.97 20.64 3.71
C ARG B 538 -37.19 21.19 4.42
N ASP B 539 -38.35 21.19 3.74
CA ASP B 539 -39.57 21.69 4.36
C ASP B 539 -40.18 20.70 5.34
N ARG B 540 -40.01 20.99 6.65
CA ARG B 540 -40.53 20.18 7.75
C ARG B 540 -42.03 20.02 7.71
N SER B 541 -42.77 20.94 7.05
CA SER B 541 -44.23 20.86 6.92
C SER B 541 -44.70 19.84 5.85
N LYS B 542 -43.82 19.53 4.86
CA LYS B 542 -44.08 18.56 3.79
C LYS B 542 -43.78 17.10 4.25
N ARG B 543 -43.02 16.94 5.36
CA ARG B 543 -42.64 15.68 6.01
C ARG B 543 -43.83 14.95 6.61
N LYS B 544 -43.70 13.63 6.74
CA LYS B 544 -44.70 12.77 7.36
C LYS B 544 -44.66 12.95 8.87
N ARG B 545 -43.48 13.26 9.43
CA ARG B 545 -43.29 13.51 10.86
C ARG B 545 -42.56 14.86 11.03
N PRO B 546 -43.27 16.01 10.88
CA PRO B 546 -42.60 17.32 11.00
C PRO B 546 -41.75 17.48 12.24
N PHE B 547 -42.36 17.39 13.42
CA PHE B 547 -41.66 17.60 14.68
C PHE B 547 -41.87 16.49 15.71
N PRO B 548 -41.18 15.33 15.54
CA PRO B 548 -41.36 14.23 16.51
C PRO B 548 -40.94 14.54 17.96
N GLY B 549 -40.12 15.59 18.14
CA GLY B 549 -39.68 16.03 19.45
C GLY B 549 -40.84 16.45 20.33
N LEU B 550 -41.92 17.00 19.69
CA LEU B 550 -43.14 17.56 20.30
C LEU B 550 -44.09 16.61 21.04
N ALA B 551 -44.15 15.33 20.61
CA ALA B 551 -44.98 14.31 21.22
C ALA B 551 -44.67 14.08 22.71
N TRP B 552 -43.43 14.41 23.14
CA TRP B 552 -42.99 14.28 24.53
C TRP B 552 -43.78 15.26 25.43
N ALA B 553 -44.06 16.45 24.90
CA ALA B 553 -44.79 17.50 25.60
C ALA B 553 -46.27 17.18 25.84
N SER B 554 -46.87 16.37 24.95
CA SER B 554 -48.28 15.98 25.03
C SER B 554 -48.49 14.59 25.65
N MET B 555 -47.40 13.83 25.86
CA MET B 555 -47.41 12.47 26.43
C MET B 555 -48.17 12.33 27.76
N LYS B 556 -47.86 13.18 28.75
CA LYS B 556 -48.52 13.15 30.05
C LYS B 556 -50.03 13.38 29.89
N ASP B 557 -50.40 14.36 29.08
CA ASP B 557 -51.82 14.63 28.85
C ASP B 557 -52.53 13.46 28.15
N THR B 558 -51.91 12.89 27.11
CA THR B 558 -52.46 11.78 26.32
C THR B 558 -52.51 10.45 27.07
N TYR B 559 -51.40 10.08 27.72
CA TYR B 559 -51.24 8.78 28.36
C TYR B 559 -51.15 8.73 29.88
N GLY B 560 -50.98 9.87 30.56
CA GLY B 560 -50.84 9.95 32.02
C GLY B 560 -51.95 9.26 32.81
N ALA B 561 -53.14 9.17 32.21
CA ALA B 561 -54.33 8.51 32.75
C ALA B 561 -54.23 6.98 32.78
N CYS B 562 -53.31 6.38 31.97
CA CYS B 562 -53.16 4.93 31.97
C CYS B 562 -52.68 4.44 33.34
N PRO B 563 -53.31 3.39 33.92
CA PRO B 563 -52.89 2.90 35.24
C PRO B 563 -51.40 2.59 35.41
N ILE B 564 -50.74 2.12 34.34
CA ILE B 564 -49.31 1.76 34.36
C ILE B 564 -48.36 2.78 33.70
N TYR B 565 -48.83 4.02 33.47
CA TYR B 565 -48.05 5.10 32.85
C TYR B 565 -46.63 5.26 33.44
N SER B 566 -46.56 5.51 34.78
CA SER B 566 -45.31 5.71 35.53
C SER B 566 -44.39 4.49 35.42
N ASP B 567 -44.95 3.30 35.57
CA ASP B 567 -44.25 2.02 35.49
C ASP B 567 -43.58 1.83 34.13
N VAL B 568 -44.30 2.18 33.04
CA VAL B 568 -43.81 2.05 31.65
C VAL B 568 -42.64 3.02 31.44
N LEU B 569 -42.78 4.29 31.89
CA LEU B 569 -41.73 5.27 31.74
C LEU B 569 -40.47 4.87 32.51
N GLU B 570 -40.64 4.22 33.69
CA GLU B 570 -39.57 3.70 34.57
C GLU B 570 -38.87 2.50 33.92
N ALA B 571 -39.65 1.66 33.22
CA ALA B 571 -39.13 0.50 32.48
C ALA B 571 -38.35 0.96 31.24
N ILE B 572 -38.86 1.99 30.52
CA ILE B 572 -38.20 2.57 29.35
C ILE B 572 -36.83 3.11 29.76
N GLU B 573 -36.80 3.92 30.85
CA GLU B 573 -35.59 4.54 31.38
C GLU B 573 -34.53 3.53 31.72
N ARG B 574 -34.92 2.48 32.48
CA ARG B 574 -34.04 1.40 32.89
C ARG B 574 -33.49 0.67 31.65
N CYS B 575 -34.38 0.35 30.68
CA CYS B 575 -34.08 -0.32 29.41
C CYS B 575 -33.22 0.51 28.45
N TRP B 576 -33.37 1.86 28.47
CA TRP B 576 -32.59 2.76 27.62
C TRP B 576 -31.20 2.90 28.18
N TRP B 577 -31.08 2.87 29.51
CA TRP B 577 -29.80 2.94 30.19
C TRP B 577 -28.96 1.71 29.87
N ASN B 578 -29.58 0.53 29.94
CA ASN B 578 -28.95 -0.76 29.68
C ASN B 578 -28.43 -0.87 28.25
N ALA B 579 -29.25 -0.41 27.27
CA ALA B 579 -28.96 -0.49 25.84
C ALA B 579 -28.02 0.59 25.28
N PHE B 580 -28.21 1.87 25.70
CA PHE B 580 -27.45 3.01 25.18
C PHE B 580 -26.50 3.70 26.17
N GLY B 581 -26.74 3.51 27.47
CA GLY B 581 -25.96 4.16 28.53
C GLY B 581 -26.24 5.64 28.52
N GLU B 582 -27.50 5.97 28.19
CA GLU B 582 -28.09 7.30 27.95
C GLU B 582 -29.46 7.36 28.62
N SER B 583 -29.80 8.53 29.23
CA SER B 583 -31.13 8.73 29.84
C SER B 583 -32.14 9.00 28.73
N TYR B 584 -33.19 8.17 28.64
CA TYR B 584 -34.21 8.37 27.60
C TYR B 584 -34.96 9.68 27.80
N ARG B 585 -35.36 9.96 29.05
CA ARG B 585 -36.05 11.18 29.43
C ARG B 585 -35.24 12.42 29.01
N ALA B 586 -33.91 12.46 29.29
CA ALA B 586 -33.06 13.58 28.90
C ALA B 586 -32.94 13.67 27.37
N TYR B 587 -32.85 12.51 26.69
CA TYR B 587 -32.76 12.42 25.23
C TYR B 587 -34.00 13.05 24.59
N ARG B 588 -35.20 12.75 25.14
CA ARG B 588 -36.46 13.29 24.64
C ARG B 588 -36.65 14.76 24.99
N GLU B 589 -36.11 15.20 26.16
CA GLU B 589 -36.15 16.61 26.58
C GLU B 589 -35.33 17.47 25.64
N ASP B 590 -34.18 16.94 25.17
CA ASP B 590 -33.32 17.62 24.19
C ASP B 590 -34.06 17.72 22.85
N MET B 591 -34.69 16.61 22.38
CA MET B 591 -35.44 16.56 21.12
C MET B 591 -36.62 17.50 21.17
N LEU B 592 -37.29 17.56 22.32
CA LEU B 592 -38.42 18.45 22.53
C LEU B 592 -37.95 19.92 22.42
N LYS B 593 -36.82 20.28 23.07
CA LYS B 593 -36.26 21.63 23.01
C LYS B 593 -35.95 22.02 21.57
N ARG B 594 -35.22 21.15 20.83
CA ARG B 594 -34.82 21.39 19.44
C ARG B 594 -36.00 21.58 18.50
N ASP B 595 -36.97 20.67 18.56
CA ASP B 595 -38.16 20.71 17.72
C ASP B 595 -39.08 21.89 18.06
N THR B 596 -39.10 22.36 19.34
CA THR B 596 -39.87 23.55 19.77
C THR B 596 -39.27 24.79 19.10
N LEU B 597 -37.93 24.95 19.18
CA LEU B 597 -37.17 26.06 18.60
C LEU B 597 -37.25 26.09 17.08
N GLU B 598 -37.23 24.89 16.46
CA GLU B 598 -37.33 24.76 15.01
C GLU B 598 -38.74 25.13 14.55
N LEU B 599 -39.77 24.78 15.35
CA LEU B 599 -41.19 25.05 15.09
C LEU B 599 -41.53 26.53 14.81
N SER B 600 -40.87 27.47 15.53
CA SER B 600 -41.07 28.92 15.38
C SER B 600 -40.81 29.45 13.97
N ARG B 601 -39.99 28.72 13.18
CA ARG B 601 -39.64 29.03 11.79
C ARG B 601 -40.86 28.92 10.86
N TYR B 602 -41.87 28.14 11.29
CA TYR B 602 -43.09 27.78 10.56
C TYR B 602 -44.32 28.52 11.11
N VAL B 603 -44.44 28.63 12.45
CA VAL B 603 -45.55 29.34 13.12
C VAL B 603 -45.09 30.79 13.41
N ALA B 604 -45.71 31.77 12.73
CA ALA B 604 -45.38 33.18 12.88
C ALA B 604 -46.11 33.86 14.04
N SER B 605 -47.35 33.42 14.34
CA SER B 605 -48.20 33.94 15.44
C SER B 605 -47.48 33.70 16.78
N MET B 606 -46.95 32.47 16.95
CA MET B 606 -46.14 32.04 18.09
C MET B 606 -44.82 32.79 17.95
N ALA B 607 -44.50 33.64 18.94
CA ALA B 607 -43.29 34.45 18.97
C ALA B 607 -42.02 33.66 18.64
N ARG B 608 -41.10 34.30 17.91
CA ARG B 608 -39.83 33.71 17.52
C ARG B 608 -38.96 33.42 18.78
N GLN B 609 -39.33 34.08 19.92
CA GLN B 609 -38.74 34.00 21.27
C GLN B 609 -39.82 33.79 22.38
N ALA B 610 -40.33 32.54 22.52
CA ALA B 610 -41.34 32.15 23.51
C ALA B 610 -41.29 30.64 23.87
N GLY B 611 -42.30 29.87 23.44
CA GLY B 611 -42.41 28.43 23.69
C GLY B 611 -43.78 27.85 23.35
N LEU B 612 -43.99 26.52 23.63
CA LEU B 612 -45.26 25.80 23.37
C LEU B 612 -46.47 26.34 24.19
N ALA B 613 -46.34 27.60 24.66
CA ALA B 613 -47.24 28.41 25.48
C ALA B 613 -48.75 28.11 25.38
N GLU B 614 -49.40 28.58 24.31
CA GLU B 614 -50.84 28.44 24.12
C GLU B 614 -51.27 27.07 23.64
N LEU B 615 -50.35 26.34 22.98
CA LEU B 615 -50.57 25.03 22.35
C LEU B 615 -51.38 23.97 23.11
N THR B 616 -52.16 23.16 22.35
CA THR B 616 -52.96 22.09 22.95
C THR B 616 -52.26 20.73 22.76
N PRO B 617 -52.61 19.71 23.59
CA PRO B 617 -52.01 18.38 23.39
C PRO B 617 -52.32 17.83 21.99
N ILE B 618 -53.54 18.10 21.44
CA ILE B 618 -53.96 17.70 20.08
C ILE B 618 -53.00 18.32 19.07
N ASP B 619 -52.71 19.63 19.20
CA ASP B 619 -51.78 20.36 18.32
C ASP B 619 -50.43 19.67 18.27
N LEU B 620 -49.90 19.27 19.44
CA LEU B 620 -48.60 18.63 19.57
C LEU B 620 -48.56 17.22 18.98
N GLU B 621 -49.60 16.38 19.23
CA GLU B 621 -49.70 15.00 18.69
C GLU B 621 -49.78 15.01 17.16
N VAL B 622 -50.50 16.01 16.61
CA VAL B 622 -50.72 16.23 15.18
C VAL B 622 -49.43 16.73 14.52
N LEU B 623 -48.67 17.63 15.19
CA LEU B 623 -47.41 18.13 14.63
C LEU B 623 -46.34 17.03 14.56
N ALA B 624 -46.42 16.05 15.49
CA ALA B 624 -45.50 14.92 15.51
C ALA B 624 -45.97 13.85 14.52
N ASP B 625 -47.31 13.75 14.31
CA ASP B 625 -47.92 12.78 13.39
C ASP B 625 -49.19 13.37 12.71
N PRO B 626 -49.05 14.08 11.56
CA PRO B 626 -50.25 14.64 10.89
C PRO B 626 -51.25 13.62 10.32
N ASN B 627 -50.84 12.34 10.22
CA ASN B 627 -51.66 11.21 9.79
C ASN B 627 -52.86 11.03 10.77
N LYS B 628 -52.71 11.53 12.02
CA LYS B 628 -53.74 11.56 13.06
C LYS B 628 -54.92 12.42 12.63
N LEU B 629 -54.69 13.31 11.63
CA LEU B 629 -55.64 14.20 10.99
C LEU B 629 -56.48 13.43 9.93
N GLN B 630 -56.10 12.15 9.63
CA GLN B 630 -56.77 11.26 8.69
C GLN B 630 -57.51 10.13 9.40
N TYR B 631 -57.06 9.72 10.61
CA TYR B 631 -57.64 8.59 11.37
C TYR B 631 -58.22 8.88 12.80
N LYS B 632 -57.80 9.99 13.45
CA LYS B 632 -58.22 10.28 14.83
C LYS B 632 -59.01 11.59 15.01
N TRP B 633 -58.46 12.71 14.51
CA TRP B 633 -59.10 14.00 14.69
C TRP B 633 -59.50 14.63 13.36
N THR B 634 -60.02 15.86 13.42
CA THR B 634 -60.43 16.64 12.26
C THR B 634 -59.85 18.06 12.37
N GLN B 635 -60.00 18.82 11.28
CA GLN B 635 -59.54 20.19 11.06
C GLN B 635 -59.89 21.18 12.20
N ALA B 636 -61.11 21.07 12.76
CA ALA B 636 -61.62 21.93 13.83
C ALA B 636 -61.00 21.65 15.20
N ASP B 637 -60.39 20.46 15.39
CA ASP B 637 -59.75 20.04 16.65
C ASP B 637 -58.36 20.63 16.85
N VAL B 638 -57.79 21.19 15.77
CA VAL B 638 -56.45 21.77 15.74
C VAL B 638 -56.54 23.29 15.73
N SER B 639 -55.66 23.98 16.50
CA SER B 639 -55.59 25.44 16.54
C SER B 639 -55.40 25.93 15.12
N ALA B 640 -56.10 27.01 14.76
CA ALA B 640 -56.09 27.60 13.43
C ALA B 640 -54.69 27.89 12.88
N ASN B 641 -53.80 28.45 13.72
CA ASN B 641 -52.42 28.78 13.33
C ASN B 641 -51.56 27.52 13.06
N ILE B 642 -51.92 26.36 13.67
CA ILE B 642 -51.22 25.08 13.50
C ILE B 642 -51.72 24.35 12.26
N HIS B 643 -53.03 24.42 11.99
CA HIS B 643 -53.64 23.83 10.81
C HIS B 643 -52.99 24.40 9.54
N GLU B 644 -52.68 25.73 9.54
CA GLU B 644 -52.02 26.48 8.45
C GLU B 644 -50.60 25.97 8.17
N VAL B 645 -49.93 25.35 9.17
CA VAL B 645 -48.58 24.79 9.02
C VAL B 645 -48.64 23.57 8.11
N LEU B 646 -49.70 22.75 8.28
CA LEU B 646 -49.88 21.49 7.57
C LEU B 646 -50.72 21.53 6.30
N MET B 647 -51.64 22.51 6.19
CA MET B 647 -52.58 22.63 5.06
C MET B 647 -52.58 24.04 4.44
N HIS B 648 -53.18 24.13 3.25
CA HIS B 648 -53.44 25.35 2.49
C HIS B 648 -54.69 25.16 1.65
N GLY B 649 -55.46 26.23 1.46
CA GLY B 649 -56.72 26.10 0.75
C GLY B 649 -56.98 26.93 -0.47
N VAL B 650 -57.96 26.47 -1.26
CA VAL B 650 -58.53 27.12 -2.44
C VAL B 650 -59.59 28.07 -1.85
N SER B 651 -59.70 29.32 -2.35
CA SER B 651 -60.67 30.30 -1.83
C SER B 651 -62.11 29.80 -1.73
N VAL B 652 -62.80 30.21 -0.66
CA VAL B 652 -64.21 29.86 -0.42
C VAL B 652 -65.13 30.45 -1.53
N GLU B 653 -64.64 31.48 -2.26
CA GLU B 653 -65.38 32.14 -3.35
C GLU B 653 -65.54 31.18 -4.53
N LYS B 654 -64.45 30.46 -4.88
CA LYS B 654 -64.42 29.45 -5.95
C LYS B 654 -65.22 28.20 -5.55
N THR B 655 -65.13 27.78 -4.28
CA THR B 655 -65.84 26.61 -3.74
C THR B 655 -67.33 26.88 -3.58
N GLU B 656 -67.69 28.13 -3.22
CA GLU B 656 -69.08 28.58 -3.03
C GLU B 656 -69.85 28.50 -4.36
N ARG B 657 -69.21 28.99 -5.44
CA ARG B 657 -69.76 29.00 -6.80
C ARG B 657 -69.92 27.56 -7.31
N PHE B 658 -68.94 26.70 -7.03
CA PHE B 658 -68.96 25.30 -7.40
C PHE B 658 -70.11 24.57 -6.68
N LEU B 659 -70.20 24.75 -5.34
CA LEU B 659 -71.21 24.11 -4.51
C LEU B 659 -72.63 24.45 -4.89
N ARG B 660 -72.88 25.70 -5.31
CA ARG B 660 -74.18 26.19 -5.76
C ARG B 660 -74.67 25.40 -6.99
N SER B 661 -73.73 25.05 -7.90
CA SER B 661 -74.00 24.30 -9.13
C SER B 661 -74.24 22.81 -8.91
N VAL B 662 -73.80 22.25 -7.76
CA VAL B 662 -73.92 20.82 -7.42
C VAL B 662 -75.22 20.52 -6.70
N MET B 663 -75.46 21.30 -5.67
CA MET B 663 -76.54 21.15 -4.71
C MET B 663 -77.96 21.42 -5.23
N PRO B 664 -79.01 20.87 -4.57
CA PRO B 664 -80.39 21.14 -5.03
C PRO B 664 -80.83 22.59 -4.83
N ARG B 665 -82.05 22.94 -5.31
CA ARG B 665 -82.69 24.27 -5.25
C ARG B 665 -82.64 24.95 -3.89
N PRO C 2 65.81 15.49 2.86
CA PRO C 2 65.15 15.46 1.55
C PRO C 2 63.75 14.82 1.57
N ARG C 3 62.74 15.71 1.71
CA ARG C 3 61.29 15.52 1.70
C ARG C 3 60.66 14.35 2.43
N ARG C 4 59.92 14.61 3.53
CA ARG C 4 59.17 13.56 4.21
C ARG C 4 57.79 13.51 3.55
N ALA C 5 57.33 12.30 3.13
CA ALA C 5 56.02 12.19 2.49
C ALA C 5 54.94 12.11 3.57
N PRO C 6 53.79 12.81 3.41
CA PRO C 6 52.71 12.65 4.41
C PRO C 6 52.11 11.24 4.34
N ALA C 7 51.76 10.68 5.50
CA ALA C 7 51.16 9.34 5.58
C ALA C 7 49.78 9.38 6.27
N PHE C 8 48.78 8.76 5.64
CA PHE C 8 47.44 8.76 6.19
C PHE C 8 46.96 7.36 6.46
N PRO C 9 46.48 7.05 7.68
CA PRO C 9 45.95 5.70 7.94
C PRO C 9 44.63 5.53 7.19
N LEU C 10 44.17 4.29 7.00
CA LEU C 10 42.91 4.01 6.29
C LEU C 10 41.73 4.79 6.87
N SER C 11 41.70 4.95 8.20
CA SER C 11 40.68 5.69 8.92
C SER C 11 40.53 7.14 8.47
N ASP C 12 41.62 7.76 8.01
CA ASP C 12 41.63 9.15 7.54
C ASP C 12 40.76 9.32 6.31
N ILE C 13 40.06 10.45 6.24
CA ILE C 13 39.18 10.81 5.12
C ILE C 13 39.92 10.74 3.78
N LYS C 14 41.20 11.17 3.73
CA LYS C 14 42.00 11.14 2.50
C LYS C 14 42.17 9.73 1.96
N ALA C 15 42.24 8.74 2.86
CA ALA C 15 42.35 7.32 2.52
C ALA C 15 40.98 6.76 2.16
N GLN C 16 39.94 7.12 2.95
CA GLN C 16 38.55 6.68 2.77
C GLN C 16 38.00 7.09 1.40
N MET C 17 38.37 8.30 0.94
CA MET C 17 37.94 8.86 -0.35
C MET C 17 38.44 8.06 -1.55
N LEU C 18 39.43 7.18 -1.34
CA LEU C 18 40.00 6.35 -2.41
C LEU C 18 39.14 5.15 -2.70
N PHE C 19 38.18 4.87 -1.81
CA PHE C 19 37.37 3.67 -1.96
C PHE C 19 35.89 3.97 -2.00
N ALA C 20 35.27 3.61 -3.14
CA ALA C 20 33.84 3.80 -3.39
C ALA C 20 32.97 2.93 -2.48
N ASN C 21 31.69 3.31 -2.35
CA ASN C 21 30.74 2.62 -1.49
C ASN C 21 30.18 1.33 -2.11
N ASN C 22 31.07 0.35 -2.32
CA ASN C 22 30.74 -0.98 -2.82
C ASN C 22 31.65 -1.98 -2.11
N ILE C 23 31.18 -3.24 -2.00
CA ILE C 23 31.87 -4.33 -1.33
C ILE C 23 33.28 -4.57 -1.85
N LYS C 24 33.47 -4.59 -3.18
CA LYS C 24 34.78 -4.81 -3.81
C LYS C 24 35.83 -3.78 -3.39
N ALA C 25 35.49 -2.47 -3.51
CA ALA C 25 36.36 -1.36 -3.13
C ALA C 25 36.67 -1.40 -1.65
N GLN C 26 35.63 -1.58 -0.83
CA GLN C 26 35.80 -1.63 0.63
C GLN C 26 36.68 -2.80 1.04
N GLN C 27 36.52 -3.97 0.38
CA GLN C 27 37.34 -5.16 0.67
C GLN C 27 38.78 -4.89 0.29
N ALA C 28 39.01 -4.15 -0.83
CA ALA C 28 40.35 -3.80 -1.30
C ALA C 28 41.09 -2.93 -0.28
N SER C 29 40.38 -1.95 0.31
CA SER C 29 40.92 -1.04 1.32
C SER C 29 41.38 -1.78 2.59
N LYS C 30 40.56 -2.72 3.06
CA LYS C 30 40.75 -3.48 4.28
C LYS C 30 41.50 -4.81 4.17
N ARG C 31 41.66 -5.36 2.95
CA ARG C 31 42.30 -6.67 2.73
C ARG C 31 43.54 -6.86 3.60
N SER C 32 43.49 -7.86 4.47
CA SER C 32 44.61 -8.15 5.36
C SER C 32 45.62 -9.02 4.60
N PHE C 33 46.82 -9.20 5.20
CA PHE C 33 47.85 -10.06 4.64
C PHE C 33 47.27 -11.47 4.46
N LYS C 34 47.42 -12.02 3.26
CA LYS C 34 46.89 -13.34 2.91
C LYS C 34 48.01 -14.21 2.37
N GLU C 35 48.02 -15.50 2.74
CA GLU C 35 49.00 -16.49 2.26
C GLU C 35 48.42 -17.88 2.31
N GLY C 36 48.94 -18.75 1.47
CA GLY C 36 48.47 -20.13 1.35
C GLY C 36 48.92 -20.79 0.06
N ALA C 37 49.17 -22.12 0.13
CA ALA C 37 49.64 -22.93 -1.00
C ALA C 37 48.77 -22.73 -2.22
N ILE C 38 49.39 -22.60 -3.38
CA ILE C 38 48.63 -22.45 -4.62
C ILE C 38 48.25 -23.81 -5.17
N GLU C 39 47.17 -23.87 -5.92
CA GLU C 39 46.77 -25.12 -6.55
C GLU C 39 47.55 -25.11 -7.88
N THR C 40 48.80 -25.64 -7.85
CA THR C 40 49.73 -25.68 -8.98
C THR C 40 49.05 -26.22 -10.23
N TYR C 41 48.37 -27.37 -10.09
CA TYR C 41 47.52 -28.05 -11.06
C TYR C 41 46.29 -28.60 -10.35
N GLU C 42 45.25 -29.02 -11.13
CA GLU C 42 43.98 -29.55 -10.67
C GLU C 42 44.20 -30.61 -9.58
N GLY C 43 43.88 -30.25 -8.35
CA GLY C 43 44.03 -31.11 -7.18
C GLY C 43 45.47 -31.41 -6.81
N LEU C 44 46.37 -30.41 -6.96
CA LEU C 44 47.79 -30.53 -6.63
C LEU C 44 48.30 -29.24 -6.01
N LEU C 45 48.61 -29.28 -4.70
CA LEU C 45 49.09 -28.10 -3.99
C LEU C 45 50.59 -27.97 -4.14
N SER C 46 51.09 -26.72 -4.17
CA SER C 46 52.51 -26.41 -4.30
C SER C 46 53.35 -27.00 -3.15
N VAL C 47 52.70 -27.30 -2.01
CA VAL C 47 53.38 -27.84 -0.84
C VAL C 47 53.19 -29.35 -0.63
N ASP C 48 52.53 -30.03 -1.60
CA ASP C 48 52.30 -31.48 -1.57
C ASP C 48 53.65 -32.18 -1.33
N PRO C 49 53.80 -33.06 -0.31
CA PRO C 49 55.12 -33.67 -0.04
C PRO C 49 55.77 -34.38 -1.21
N ARG C 50 54.95 -35.05 -2.07
CA ARG C 50 55.48 -35.73 -3.27
C ARG C 50 56.05 -34.71 -4.25
N PHE C 51 55.36 -33.56 -4.42
CA PHE C 51 55.76 -32.46 -5.30
C PHE C 51 57.06 -31.80 -4.85
N LEU C 52 57.21 -31.57 -3.54
CA LEU C 52 58.42 -30.99 -2.97
C LEU C 52 59.59 -31.98 -3.08
N SER C 53 59.32 -33.29 -2.90
CA SER C 53 60.33 -34.36 -3.04
C SER C 53 60.84 -34.39 -4.48
N PHE C 54 59.90 -34.25 -5.46
CA PHE C 54 60.16 -34.17 -6.90
C PHE C 54 61.05 -32.96 -7.18
N LYS C 55 60.69 -31.77 -6.65
CA LYS C 55 61.47 -30.54 -6.83
C LYS C 55 62.86 -30.70 -6.24
N ASN C 56 62.99 -31.39 -5.07
CA ASN C 56 64.30 -31.61 -4.46
C ASN C 56 65.17 -32.46 -5.37
N GLU C 57 64.68 -33.66 -5.77
CA GLU C 57 65.43 -34.55 -6.64
C GLU C 57 65.75 -33.91 -8.00
N LEU C 58 64.75 -33.27 -8.67
CA LEU C 58 64.93 -32.66 -9.97
C LEU C 58 65.90 -31.48 -9.98
N SER C 59 65.75 -30.51 -9.05
CA SER C 59 66.64 -29.35 -8.97
C SER C 59 68.09 -29.76 -8.73
N ARG C 60 68.31 -30.76 -7.85
CA ARG C 60 69.64 -31.27 -7.54
C ARG C 60 70.26 -31.99 -8.74
N TYR C 61 69.47 -32.89 -9.42
CA TYR C 61 69.91 -33.66 -10.59
C TYR C 61 70.31 -32.76 -11.76
N LEU C 62 69.43 -31.81 -12.13
CA LEU C 62 69.69 -30.91 -13.24
C LEU C 62 70.87 -29.99 -13.00
N THR C 63 71.05 -29.47 -11.77
CA THR C 63 72.19 -28.63 -11.43
C THR C 63 73.50 -29.44 -11.57
N ASP C 64 73.47 -30.68 -11.07
CA ASP C 64 74.60 -31.61 -11.09
C ASP C 64 75.05 -31.92 -12.52
N HIS C 65 74.11 -32.37 -13.37
CA HIS C 65 74.36 -32.78 -14.75
C HIS C 65 74.47 -31.67 -15.75
N PHE C 66 73.84 -30.52 -15.47
CA PHE C 66 73.88 -29.39 -16.41
C PHE C 66 74.33 -28.09 -15.73
N PRO C 67 75.64 -27.97 -15.39
CA PRO C 67 76.11 -26.72 -14.79
C PRO C 67 76.01 -25.57 -15.77
N ALA C 68 75.88 -24.35 -15.25
CA ALA C 68 75.77 -23.14 -16.08
C ALA C 68 76.96 -23.01 -17.03
N ASN C 69 76.66 -22.82 -18.32
CA ASN C 69 77.68 -22.65 -19.34
C ASN C 69 77.67 -21.19 -19.77
N VAL C 70 78.58 -20.41 -19.14
CA VAL C 70 78.78 -18.97 -19.34
C VAL C 70 80.27 -18.66 -19.09
N ASP C 71 80.84 -17.72 -19.86
CA ASP C 71 82.24 -17.31 -19.72
C ASP C 71 82.44 -16.06 -18.86
N GLU C 72 83.72 -15.62 -18.74
CA GLU C 72 84.18 -14.43 -18.02
C GLU C 72 83.43 -13.16 -18.47
N TYR C 73 83.04 -13.12 -19.77
CA TYR C 73 82.34 -12.05 -20.48
C TYR C 73 80.79 -12.21 -20.42
N GLY C 74 80.31 -13.20 -19.66
CA GLY C 74 78.88 -13.46 -19.51
C GLY C 74 78.17 -13.93 -20.77
N ARG C 75 78.94 -14.51 -21.73
CA ARG C 75 78.41 -15.05 -23.00
C ARG C 75 77.93 -16.48 -22.75
N VAL C 76 76.67 -16.75 -23.12
CA VAL C 76 76.09 -18.09 -22.91
C VAL C 76 76.36 -19.03 -24.09
N TYR C 77 76.95 -20.21 -23.79
CA TYR C 77 77.34 -21.24 -24.75
C TYR C 77 76.82 -22.62 -24.34
N GLY C 78 77.24 -23.65 -25.07
CA GLY C 78 76.93 -25.06 -24.82
C GLY C 78 75.48 -25.40 -24.56
N ASN C 79 75.19 -25.97 -23.37
CA ASN C 79 73.87 -26.42 -22.92
C ASN C 79 72.75 -25.37 -22.95
N GLY C 80 73.11 -24.09 -22.85
CA GLY C 80 72.17 -22.98 -22.82
C GLY C 80 71.65 -22.71 -21.43
N VAL C 81 72.42 -23.11 -20.41
CA VAL C 81 72.09 -22.98 -18.99
C VAL C 81 72.87 -21.80 -18.40
N ARG C 82 72.16 -20.86 -17.72
CA ARG C 82 72.81 -19.69 -17.07
C ARG C 82 72.97 -19.72 -15.54
N THR C 83 72.21 -20.60 -14.84
CA THR C 83 72.32 -20.77 -13.38
C THR C 83 71.95 -22.18 -12.98
N ASN C 84 72.01 -22.44 -11.66
CA ASN C 84 71.58 -23.68 -11.06
C ASN C 84 70.05 -23.74 -11.10
N PHE C 85 69.50 -24.94 -11.00
CA PHE C 85 68.06 -25.19 -11.10
C PHE C 85 67.31 -25.09 -9.76
N PHE C 86 67.98 -24.51 -8.76
CA PHE C 86 67.41 -24.37 -7.41
C PHE C 86 66.31 -23.33 -7.26
N GLY C 87 66.12 -22.49 -8.28
CA GLY C 87 65.09 -21.45 -8.31
C GLY C 87 63.69 -21.97 -8.05
N MET C 88 63.42 -23.26 -8.38
CA MET C 88 62.12 -23.92 -8.18
C MET C 88 61.83 -24.23 -6.70
N ARG C 89 62.86 -24.18 -5.83
CA ARG C 89 62.73 -24.55 -4.42
C ARG C 89 61.98 -23.57 -3.52
N HIS C 90 60.78 -23.16 -3.93
CA HIS C 90 59.95 -22.26 -3.13
C HIS C 90 58.60 -22.88 -2.76
N MET C 91 58.08 -22.46 -1.60
CA MET C 91 56.77 -22.88 -1.11
C MET C 91 55.81 -21.87 -1.72
N ASN C 92 55.44 -22.10 -3.01
CA ASN C 92 54.59 -21.20 -3.79
C ASN C 92 53.26 -20.85 -3.12
N GLY C 93 53.03 -19.55 -2.99
CA GLY C 93 51.87 -19.00 -2.31
C GLY C 93 52.21 -18.42 -0.95
N PHE C 94 53.42 -18.71 -0.44
CA PHE C 94 53.89 -18.21 0.84
C PHE C 94 54.98 -17.19 0.58
N PRO C 95 54.72 -15.90 0.87
CA PRO C 95 55.70 -14.86 0.57
C PRO C 95 56.73 -14.63 1.63
N MET C 96 57.83 -13.96 1.23
CA MET C 96 58.86 -13.50 2.15
C MET C 96 58.17 -12.46 3.04
N ILE C 97 58.64 -12.31 4.30
CA ILE C 97 58.04 -11.34 5.22
C ILE C 97 59.14 -10.42 5.78
N PRO C 98 58.99 -9.09 5.66
CA PRO C 98 57.86 -8.38 5.05
C PRO C 98 58.12 -8.08 3.58
N ALA C 99 57.13 -7.55 2.88
CA ALA C 99 57.32 -7.07 1.52
C ALA C 99 57.75 -5.61 1.69
N THR C 100 58.39 -5.02 0.68
CA THR C 100 58.88 -3.64 0.81
C THR C 100 57.78 -2.59 0.82
N TRP C 101 57.99 -1.55 1.60
CA TRP C 101 57.12 -0.37 1.57
C TRP C 101 57.66 0.42 0.38
N PRO C 102 56.82 0.81 -0.61
CA PRO C 102 57.35 1.50 -1.80
C PRO C 102 57.92 2.89 -1.49
N LEU C 103 59.12 3.18 -2.02
CA LEU C 103 59.79 4.45 -1.81
C LEU C 103 58.97 5.58 -2.39
N ALA C 104 58.58 6.54 -1.52
CA ALA C 104 57.79 7.71 -1.89
C ALA C 104 58.61 8.67 -2.70
N SER C 105 59.95 8.72 -2.48
CA SER C 105 60.85 9.60 -3.21
C SER C 105 62.15 8.90 -3.50
N ASN C 106 62.53 8.89 -4.77
CA ASN C 106 63.76 8.23 -5.21
C ASN C 106 64.88 9.23 -5.43
N LEU C 107 64.68 10.49 -5.01
CA LEU C 107 65.69 11.55 -5.23
C LEU C 107 67.03 11.24 -4.55
N LYS C 108 66.97 10.81 -3.26
CA LYS C 108 68.15 10.41 -2.49
C LYS C 108 68.73 9.12 -3.04
N LYS C 109 67.85 8.16 -3.39
CA LYS C 109 68.27 6.89 -3.95
C LYS C 109 69.18 7.12 -5.17
N ARG C 110 68.74 7.99 -6.12
CA ARG C 110 69.46 8.35 -7.34
C ARG C 110 70.77 9.08 -7.03
N ALA C 111 70.70 10.11 -6.19
CA ALA C 111 71.86 10.91 -5.78
C ALA C 111 72.94 10.04 -5.13
N ASP C 112 72.54 9.14 -4.21
CA ASP C 112 73.45 8.24 -3.52
C ASP C 112 74.09 7.22 -4.44
N ALA C 113 73.43 6.87 -5.56
CA ALA C 113 73.97 5.94 -6.53
C ALA C 113 74.82 6.67 -7.57
N ASP C 114 75.00 8.00 -7.38
CA ASP C 114 75.76 8.89 -8.27
C ASP C 114 75.15 8.97 -9.66
N LEU C 115 73.81 9.09 -9.71
CA LEU C 115 73.06 9.20 -10.95
C LEU C 115 72.57 10.63 -11.09
N ALA C 116 72.57 11.14 -12.34
CA ALA C 116 72.24 12.52 -12.71
C ALA C 116 70.82 12.97 -12.41
N ASP C 117 70.70 14.24 -11.99
CA ASP C 117 69.47 14.95 -11.63
C ASP C 117 68.83 15.67 -12.81
N GLY C 118 69.34 15.38 -14.00
CA GLY C 118 68.90 15.95 -15.26
C GLY C 118 69.84 15.58 -16.38
N PRO C 119 69.54 15.93 -17.66
CA PRO C 119 70.48 15.62 -18.75
C PRO C 119 71.81 16.28 -18.45
N VAL C 120 72.90 15.53 -18.58
CA VAL C 120 74.25 15.99 -18.26
C VAL C 120 74.72 17.10 -19.22
N SER C 121 74.50 16.89 -20.53
CA SER C 121 74.90 17.81 -21.58
C SER C 121 73.71 18.24 -22.42
N GLU C 122 73.91 19.27 -23.26
CA GLU C 122 72.87 19.75 -24.17
C GLU C 122 72.55 18.67 -25.21
N ARG C 123 73.58 17.87 -25.63
CA ARG C 123 73.40 16.77 -26.58
C ARG C 123 72.36 15.82 -26.05
N ASP C 124 72.53 15.39 -24.80
CA ASP C 124 71.59 14.47 -24.17
C ASP C 124 70.20 15.06 -24.00
N ASN C 125 70.12 16.34 -23.59
CA ASN C 125 68.86 17.08 -23.48
C ASN C 125 68.14 17.03 -24.86
N LEU C 126 68.90 17.23 -25.99
CA LEU C 126 68.37 17.17 -27.36
C LEU C 126 67.91 15.76 -27.70
N LEU C 127 68.71 14.74 -27.31
CA LEU C 127 68.43 13.32 -27.56
C LEU C 127 67.13 12.84 -26.88
N PHE C 128 66.96 13.18 -25.60
CA PHE C 128 65.77 12.82 -24.85
C PHE C 128 64.55 13.50 -25.45
N ARG C 129 64.71 14.78 -25.83
CA ARG C 129 63.64 15.56 -26.46
C ARG C 129 63.31 15.05 -27.85
N ALA C 130 64.32 14.56 -28.59
CA ALA C 130 64.16 13.98 -29.93
C ALA C 130 63.32 12.72 -29.83
N ALA C 131 63.55 11.91 -28.78
CA ALA C 131 62.79 10.68 -28.52
C ALA C 131 61.31 10.99 -28.36
N VAL C 132 60.97 12.08 -27.64
CA VAL C 132 59.59 12.53 -27.43
C VAL C 132 58.96 12.94 -28.77
N ARG C 133 59.70 13.73 -29.57
CA ARG C 133 59.24 14.21 -30.88
C ARG C 133 58.97 13.06 -31.85
N LEU C 134 59.86 12.06 -31.88
CA LEU C 134 59.67 10.91 -32.76
C LEU C 134 58.56 9.98 -32.30
N MET C 135 58.46 9.75 -30.99
CA MET C 135 57.46 8.85 -30.43
C MET C 135 56.03 9.39 -30.47
N PHE C 136 55.86 10.69 -30.20
CA PHE C 136 54.56 11.30 -30.07
C PHE C 136 54.05 12.09 -31.28
N SER C 137 54.72 11.97 -32.43
CA SER C 137 54.36 12.70 -33.65
C SER C 137 53.09 12.28 -34.41
N ASP C 138 53.24 11.82 -35.65
CA ASP C 138 52.16 11.48 -36.56
C ASP C 138 51.45 10.18 -36.16
N LEU C 139 50.70 10.24 -35.05
CA LEU C 139 49.96 9.11 -34.50
C LEU C 139 48.62 8.89 -35.18
N GLU C 140 48.21 7.61 -35.27
CA GLU C 140 46.95 7.19 -35.89
C GLU C 140 45.98 6.70 -34.79
N PRO C 141 44.71 7.15 -34.78
CA PRO C 141 43.77 6.68 -33.73
C PRO C 141 43.38 5.22 -33.89
N VAL C 142 43.30 4.52 -32.76
CA VAL C 142 42.95 3.11 -32.68
C VAL C 142 41.94 2.91 -31.53
N PRO C 143 41.19 1.78 -31.44
CA PRO C 143 40.29 1.62 -30.30
C PRO C 143 41.09 1.49 -29.00
N LEU C 144 40.52 2.00 -27.90
CA LEU C 144 41.14 1.92 -26.57
C LEU C 144 40.88 0.50 -26.09
N LYS C 145 41.93 -0.36 -26.11
CA LYS C 145 41.82 -1.74 -25.67
C LYS C 145 42.03 -1.93 -24.19
N ILE C 146 41.10 -2.68 -23.57
CA ILE C 146 41.05 -2.96 -22.14
C ILE C 146 41.22 -4.45 -21.90
N ARG C 147 42.12 -4.84 -20.97
CA ARG C 147 42.35 -6.24 -20.63
C ARG C 147 41.10 -6.77 -19.91
N LYS C 148 40.58 -7.92 -20.36
CA LYS C 148 39.39 -8.53 -19.77
C LYS C 148 39.67 -8.95 -18.33
N GLY C 149 38.76 -8.62 -17.42
CA GLY C 149 38.90 -8.97 -16.01
C GLY C 149 39.86 -8.11 -15.20
N SER C 150 40.44 -7.06 -15.83
CA SER C 150 41.33 -6.13 -15.15
C SER C 150 40.48 -5.24 -14.25
N SER C 151 41.05 -4.74 -13.15
CA SER C 151 40.33 -3.88 -12.23
C SER C 151 40.42 -2.42 -12.65
N THR C 152 39.40 -1.62 -12.28
CA THR C 152 39.40 -0.18 -12.54
C THR C 152 40.12 0.50 -11.40
N CYS C 153 40.48 -0.28 -10.36
CA CYS C 153 41.15 0.14 -9.14
C CYS C 153 40.49 1.37 -8.52
N ILE C 154 41.26 2.34 -8.03
CA ILE C 154 40.70 3.52 -7.38
C ILE C 154 39.77 4.39 -8.27
N PRO C 155 38.50 4.62 -7.85
CA PRO C 155 37.88 4.22 -6.57
C PRO C 155 36.92 3.04 -6.58
N TYR C 156 36.45 2.60 -7.77
CA TYR C 156 35.39 1.59 -7.96
C TYR C 156 35.74 0.11 -7.81
N PHE C 157 36.96 -0.29 -8.20
CA PHE C 157 37.43 -1.66 -8.13
C PHE C 157 36.51 -2.62 -8.88
N SER C 158 36.05 -2.20 -10.07
CA SER C 158 35.17 -3.01 -10.93
C SER C 158 35.99 -3.87 -11.87
N ASN C 159 35.52 -5.11 -12.12
CA ASN C 159 36.16 -6.07 -13.03
C ASN C 159 35.24 -6.37 -14.22
N ASP C 160 34.08 -5.68 -14.30
CA ASP C 160 33.10 -5.85 -15.36
C ASP C 160 33.44 -5.01 -16.58
N MET C 161 33.55 -5.65 -17.75
CA MET C 161 33.88 -5.00 -19.02
C MET C 161 32.93 -3.86 -19.40
N GLY C 162 31.62 -4.06 -19.20
CA GLY C 162 30.60 -3.05 -19.49
C GLY C 162 30.83 -1.79 -18.71
N THR C 163 31.08 -1.96 -17.40
CA THR C 163 31.38 -0.88 -16.49
C THR C 163 32.76 -0.25 -16.79
N LYS C 164 33.74 -1.06 -17.28
CA LYS C 164 35.07 -0.57 -17.67
C LYS C 164 34.96 0.32 -18.91
N ILE C 165 34.09 -0.06 -19.87
CA ILE C 165 33.86 0.68 -21.11
C ILE C 165 33.16 2.02 -20.81
N GLU C 166 32.15 2.03 -19.93
CA GLU C 166 31.41 3.24 -19.53
C GLU C 166 32.34 4.24 -18.86
N ILE C 167 33.19 3.76 -17.92
CA ILE C 167 34.19 4.57 -17.20
C ILE C 167 35.16 5.21 -18.19
N ALA C 168 35.70 4.38 -19.12
CA ALA C 168 36.65 4.79 -20.15
C ALA C 168 36.05 5.85 -21.08
N GLU C 169 34.80 5.66 -21.53
CA GLU C 169 34.14 6.62 -22.42
C GLU C 169 33.90 7.94 -21.72
N ARG C 170 33.46 7.89 -20.44
CA ARG C 170 33.23 9.07 -19.62
C ARG C 170 34.53 9.82 -19.41
N ALA C 171 35.62 9.07 -19.16
CA ALA C 171 36.96 9.62 -18.97
C ALA C 171 37.42 10.38 -20.21
N LEU C 172 37.23 9.80 -21.42
CA LEU C 172 37.62 10.45 -22.66
C LEU C 172 36.83 11.74 -22.91
N GLU C 173 35.55 11.75 -22.50
CA GLU C 173 34.65 12.89 -22.60
C GLU C 173 35.05 14.01 -21.66
N LYS C 174 35.44 13.66 -20.42
CA LYS C 174 35.72 14.62 -19.35
C LYS C 174 37.19 14.90 -19.02
N ALA C 175 38.14 14.29 -19.76
CA ALA C 175 39.58 14.47 -19.56
C ALA C 175 40.00 15.94 -19.64
N GLU C 176 39.44 16.68 -20.62
CA GLU C 176 39.75 18.11 -20.81
C GLU C 176 39.37 18.94 -19.59
N GLU C 177 38.16 18.73 -19.08
CA GLU C 177 37.65 19.42 -17.91
C GLU C 177 38.49 19.08 -16.67
N ALA C 178 38.87 17.80 -16.52
CA ALA C 178 39.69 17.31 -15.40
C ALA C 178 41.10 17.86 -15.44
N GLY C 179 41.74 17.81 -16.61
CA GLY C 179 43.09 18.33 -16.83
C GLY C 179 43.19 19.80 -16.53
N ASN C 180 42.17 20.57 -16.96
CA ASN C 180 42.09 22.02 -16.72
C ASN C 180 41.93 22.33 -15.24
N LEU C 181 41.18 21.48 -14.49
CA LEU C 181 41.02 21.63 -13.03
C LEU C 181 42.37 21.41 -12.35
N MET C 182 43.12 20.38 -12.81
CA MET C 182 44.44 20.01 -12.35
C MET C 182 45.47 21.14 -12.66
N LEU C 183 45.24 21.92 -13.74
CA LEU C 183 46.08 23.06 -14.11
C LEU C 183 45.84 24.24 -13.15
N GLN C 184 44.65 24.27 -12.52
CA GLN C 184 44.27 25.29 -11.53
C GLN C 184 44.66 24.87 -10.11
N GLY C 185 45.24 23.68 -9.98
CA GLY C 185 45.63 23.11 -8.70
C GLY C 185 44.46 22.51 -7.94
N LYS C 186 43.32 22.31 -8.62
CA LYS C 186 42.09 21.75 -8.04
C LYS C 186 42.04 20.23 -8.26
N PHE C 187 43.03 19.50 -7.67
CA PHE C 187 43.18 18.04 -7.77
C PHE C 187 42.04 17.28 -7.13
N ASP C 188 41.57 17.77 -5.97
CA ASP C 188 40.43 17.19 -5.26
C ASP C 188 39.16 17.28 -6.11
N ASP C 189 38.93 18.44 -6.77
CA ASP C 189 37.78 18.70 -7.66
C ASP C 189 37.82 17.78 -8.89
N ALA C 190 39.02 17.53 -9.47
CA ALA C 190 39.18 16.66 -10.63
C ALA C 190 38.88 15.21 -10.26
N TYR C 191 39.30 14.81 -9.04
CA TYR C 191 39.06 13.45 -8.52
C TYR C 191 37.62 13.22 -8.14
N GLN C 192 37.03 14.16 -7.37
CA GLN C 192 35.66 14.04 -6.92
C GLN C 192 34.67 14.02 -8.09
N LEU C 193 34.90 14.86 -9.11
CA LEU C 193 34.03 14.93 -10.28
C LEU C 193 34.27 13.85 -11.30
N HIS C 194 35.54 13.56 -11.61
CA HIS C 194 35.86 12.64 -12.70
C HIS C 194 36.70 11.43 -12.36
N GLN C 195 36.99 11.20 -11.05
CA GLN C 195 37.77 10.06 -10.55
C GLN C 195 39.19 10.01 -11.13
N MET C 196 39.70 11.18 -11.54
CA MET C 196 41.03 11.34 -12.09
C MET C 196 41.90 11.91 -11.00
N GLY C 197 42.71 11.03 -10.42
CA GLY C 197 43.59 11.36 -9.32
C GLY C 197 43.52 10.28 -8.27
N GLY C 198 43.61 10.68 -7.01
CA GLY C 198 43.55 9.76 -5.90
C GLY C 198 44.90 9.11 -5.64
N ALA C 199 45.05 7.82 -6.03
CA ALA C 199 46.29 7.09 -5.79
C ALA C 199 46.38 5.81 -6.60
N TYR C 200 47.58 5.20 -6.57
CA TYR C 200 47.84 3.89 -7.13
C TYR C 200 47.52 2.93 -6.01
N TYR C 201 47.04 1.76 -6.35
CA TYR C 201 46.73 0.75 -5.35
C TYR C 201 47.86 -0.29 -5.40
N VAL C 202 48.59 -0.44 -4.30
CA VAL C 202 49.71 -1.37 -4.21
C VAL C 202 49.30 -2.82 -4.05
N VAL C 203 49.60 -3.61 -5.07
CA VAL C 203 49.37 -5.06 -5.13
C VAL C 203 50.74 -5.75 -5.07
N TYR C 204 50.90 -6.77 -4.21
CA TYR C 204 52.17 -7.46 -4.14
C TYR C 204 52.11 -8.74 -4.96
N ARG C 205 52.91 -8.80 -6.04
CA ARG C 205 52.96 -9.97 -6.92
C ARG C 205 54.16 -10.85 -6.62
N ALA C 206 53.95 -12.15 -6.52
CA ALA C 206 55.06 -13.03 -6.18
C ALA C 206 55.92 -13.44 -7.35
N GLN C 207 57.25 -13.36 -7.19
CA GLN C 207 58.22 -13.85 -8.16
C GLN C 207 58.55 -15.25 -7.65
N SER C 208 57.78 -16.20 -8.18
CA SER C 208 57.79 -17.62 -7.84
C SER C 208 59.14 -18.27 -7.79
N THR C 209 60.08 -17.78 -8.60
CA THR C 209 61.43 -18.29 -8.62
C THR C 209 62.40 -17.15 -8.43
N ASP C 210 63.36 -17.35 -7.54
CA ASP C 210 64.42 -16.39 -7.26
C ASP C 210 65.64 -17.22 -6.92
N ALA C 211 66.83 -16.61 -7.04
CA ALA C 211 68.10 -17.28 -6.80
C ALA C 211 68.25 -17.98 -5.45
N ILE C 212 68.72 -19.22 -5.51
CA ILE C 212 69.04 -20.08 -4.38
C ILE C 212 70.36 -20.75 -4.76
N THR C 213 71.31 -20.81 -3.82
CA THR C 213 72.60 -21.47 -4.07
C THR C 213 72.79 -22.56 -3.04
N LEU C 214 73.49 -23.62 -3.42
CA LEU C 214 73.82 -24.71 -2.51
C LEU C 214 75.24 -24.42 -2.06
N ASP C 215 75.44 -24.19 -0.73
CA ASP C 215 76.75 -23.90 -0.16
C ASP C 215 77.54 -25.21 -0.06
N PRO C 216 78.61 -25.39 -0.86
CA PRO C 216 79.37 -26.65 -0.79
C PRO C 216 80.03 -26.90 0.58
N LYS C 217 80.46 -25.81 1.26
CA LYS C 217 81.11 -25.86 2.58
C LYS C 217 80.20 -26.50 3.63
N THR C 218 78.92 -26.10 3.67
CA THR C 218 77.95 -26.60 4.65
C THR C 218 76.95 -27.66 4.16
N GLY C 219 76.70 -27.70 2.85
CA GLY C 219 75.71 -28.59 2.25
C GLY C 219 74.30 -28.07 2.44
N LYS C 220 74.17 -26.82 2.90
CA LYS C 220 72.90 -26.14 3.17
C LYS C 220 72.59 -25.09 2.10
N PHE C 221 71.30 -24.85 1.84
CA PHE C 221 70.86 -23.89 0.85
C PHE C 221 70.83 -22.47 1.35
N VAL C 222 71.11 -21.52 0.46
CA VAL C 222 71.08 -20.11 0.81
C VAL C 222 70.21 -19.37 -0.20
N SER C 223 69.14 -18.71 0.28
CA SER C 223 68.25 -17.94 -0.61
C SER C 223 68.82 -16.56 -0.83
N LYS C 224 68.63 -15.99 -2.03
CA LYS C 224 69.12 -14.62 -2.32
C LYS C 224 68.39 -13.63 -1.44
N ASP C 225 69.16 -12.82 -0.69
CA ASP C 225 68.59 -11.80 0.18
C ASP C 225 67.96 -10.70 -0.66
N ARG C 226 66.71 -10.35 -0.34
CA ARG C 226 65.99 -9.30 -1.04
C ARG C 226 65.72 -8.20 -0.05
N MET C 227 66.34 -7.04 -0.29
CA MET C 227 66.26 -5.88 0.58
C MET C 227 64.91 -5.25 0.52
N VAL C 228 64.38 -4.91 1.68
CA VAL C 228 63.08 -4.28 1.81
C VAL C 228 63.20 -3.03 2.66
N ALA C 229 62.38 -2.04 2.37
CA ALA C 229 62.34 -0.80 3.12
C ALA C 229 61.18 -0.86 4.09
N ASP C 230 61.43 -0.41 5.33
CA ASP C 230 60.35 -0.31 6.32
C ASP C 230 59.61 1.00 6.05
N PHE C 231 58.49 1.23 6.76
CA PHE C 231 57.70 2.44 6.55
C PHE C 231 58.54 3.74 6.62
N GLU C 232 59.33 3.90 7.69
CA GLU C 232 60.18 5.06 7.95
C GLU C 232 61.16 5.35 6.82
N TYR C 233 61.72 4.29 6.22
CA TYR C 233 62.66 4.39 5.11
C TYR C 233 61.95 4.88 3.86
N ALA C 234 60.81 4.24 3.50
CA ALA C 234 60.01 4.57 2.32
C ALA C 234 59.59 6.05 2.28
N VAL C 235 58.97 6.55 3.37
CA VAL C 235 58.49 7.94 3.44
C VAL C 235 59.57 9.03 3.35
N THR C 236 60.75 8.81 3.95
CA THR C 236 61.85 9.78 3.99
C THR C 236 62.73 9.73 2.72
N GLY C 237 62.58 8.63 1.98
CA GLY C 237 63.35 8.35 0.77
C GLY C 237 64.67 7.66 1.09
N GLY C 238 64.83 7.27 2.35
CA GLY C 238 66.02 6.61 2.83
C GLY C 238 66.77 7.41 3.84
N GLU C 239 66.30 8.64 4.15
CA GLU C 239 66.95 9.54 5.12
C GLU C 239 66.92 8.96 6.53
N GLN C 240 65.80 8.33 6.87
CA GLN C 240 65.57 7.65 8.14
C GLN C 240 65.10 6.20 7.88
N GLY C 241 64.79 5.46 8.94
CA GLY C 241 64.36 4.08 8.84
C GLY C 241 65.43 3.10 8.39
N SER C 242 65.00 1.87 8.04
CA SER C 242 65.93 0.82 7.64
C SER C 242 65.61 0.07 6.37
N LEU C 243 66.66 -0.40 5.72
CA LEU C 243 66.66 -1.24 4.54
C LEU C 243 67.34 -2.53 5.00
N PHE C 244 66.56 -3.63 5.00
CA PHE C 244 66.99 -4.92 5.52
C PHE C 244 66.51 -6.07 4.64
N ALA C 245 67.16 -7.23 4.75
CA ALA C 245 66.77 -8.43 3.99
C ALA C 245 65.47 -8.99 4.57
N ALA C 246 64.49 -9.29 3.68
CA ALA C 246 63.20 -9.86 4.09
C ALA C 246 63.45 -11.30 4.49
N SER C 247 62.58 -11.88 5.32
CA SER C 247 62.75 -13.26 5.73
C SER C 247 62.09 -14.20 4.75
N LYS C 248 62.90 -15.03 4.09
CA LYS C 248 62.46 -16.05 3.14
C LYS C 248 62.40 -17.41 3.84
N ASP C 249 62.75 -17.44 5.14
CA ASP C 249 62.74 -18.66 5.96
C ASP C 249 61.33 -19.24 6.03
N ALA C 250 61.19 -20.49 5.59
CA ALA C 250 59.91 -21.18 5.54
C ALA C 250 59.60 -22.09 6.74
N SER C 251 60.52 -22.15 7.75
CA SER C 251 60.37 -22.95 8.98
C SER C 251 59.05 -22.67 9.66
N ARG C 252 58.65 -21.37 9.66
CA ARG C 252 57.42 -20.84 10.24
C ARG C 252 56.13 -21.58 9.80
N LEU C 253 56.12 -22.13 8.56
CA LEU C 253 54.97 -22.83 7.96
C LEU C 253 54.59 -24.10 8.71
N LYS C 254 55.57 -24.76 9.36
CA LYS C 254 55.30 -25.95 10.14
C LYS C 254 54.50 -25.57 11.38
N GLU C 255 54.98 -24.54 12.11
CA GLU C 255 54.32 -24.03 13.31
C GLU C 255 52.91 -23.46 13.01
N GLN C 256 52.81 -22.60 11.96
CA GLN C 256 51.57 -21.94 11.56
C GLN C 256 50.54 -22.87 10.95
N TYR C 257 50.82 -23.35 9.76
CA TYR C 257 49.91 -24.15 8.96
C TYR C 257 50.01 -25.69 9.10
N GLY C 258 51.00 -26.20 9.85
CA GLY C 258 51.19 -27.64 9.99
C GLY C 258 51.71 -28.29 8.71
N ILE C 259 52.45 -27.50 7.91
CA ILE C 259 53.04 -27.91 6.63
C ILE C 259 54.47 -28.38 6.85
N ASP C 260 54.79 -29.61 6.38
CA ASP C 260 56.17 -30.10 6.48
C ASP C 260 57.00 -29.34 5.47
N VAL C 261 58.09 -28.72 5.95
CA VAL C 261 58.99 -27.93 5.13
C VAL C 261 60.29 -28.72 4.94
N PRO C 262 60.56 -29.25 3.71
CA PRO C 262 61.84 -29.94 3.49
C PRO C 262 62.99 -28.94 3.50
N ASP C 263 64.20 -29.44 3.76
CA ASP C 263 65.42 -28.65 3.80
C ASP C 263 65.64 -27.96 2.45
N GLY C 264 66.05 -26.69 2.52
CA GLY C 264 66.36 -25.88 1.35
C GLY C 264 65.19 -25.40 0.53
N PHE C 265 64.01 -25.22 1.16
CA PHE C 265 62.79 -24.68 0.55
C PHE C 265 62.46 -23.35 1.22
N PHE C 266 62.15 -22.32 0.41
CA PHE C 266 61.97 -20.98 0.92
C PHE C 266 60.67 -20.33 0.54
N CYS C 267 60.37 -19.21 1.20
CA CYS C 267 59.21 -18.38 0.90
C CYS C 267 59.57 -17.57 -0.34
N GLU C 268 58.54 -17.22 -1.13
CA GLU C 268 58.62 -16.48 -2.39
C GLU C 268 59.06 -15.01 -2.25
N ARG C 269 59.75 -14.49 -3.29
CA ARG C 269 60.08 -13.08 -3.38
C ARG C 269 58.74 -12.39 -3.76
N ARG C 270 58.37 -11.28 -3.10
CA ARG C 270 57.15 -10.54 -3.43
C ARG C 270 57.48 -9.11 -3.87
N ARG C 271 57.21 -8.81 -5.17
CA ARG C 271 57.46 -7.54 -5.82
C ARG C 271 56.26 -6.62 -5.73
N THR C 272 56.53 -5.32 -5.60
CA THR C 272 55.52 -4.27 -5.57
C THR C 272 55.02 -4.05 -7.00
N ALA C 273 53.73 -4.10 -7.16
CA ALA C 273 53.09 -3.84 -8.44
C ALA C 273 52.02 -2.77 -8.12
N MET C 274 51.72 -1.86 -9.07
CA MET C 274 50.75 -0.79 -8.83
C MET C 274 49.58 -0.72 -9.80
N GLY C 275 48.39 -0.46 -9.25
CA GLY C 275 47.13 -0.37 -9.99
C GLY C 275 46.62 1.06 -10.13
N GLY C 276 46.64 1.55 -11.35
CA GLY C 276 46.23 2.91 -11.62
C GLY C 276 44.75 3.21 -11.51
N PRO C 277 44.38 4.46 -11.16
CA PRO C 277 42.96 4.84 -11.16
C PRO C 277 42.53 4.90 -12.62
N PHE C 278 41.70 3.94 -13.05
CA PHE C 278 41.29 3.79 -14.44
C PHE C 278 40.80 5.01 -15.18
N ALA C 279 40.07 5.92 -14.52
CA ALA C 279 39.60 7.14 -15.18
C ALA C 279 40.77 8.02 -15.63
N LEU C 280 41.88 8.01 -14.86
CA LEU C 280 43.10 8.74 -15.20
C LEU C 280 43.89 7.99 -16.30
N ASN C 281 43.96 6.65 -16.21
CA ASN C 281 44.67 5.85 -17.19
C ASN C 281 44.07 5.81 -18.58
N ALA C 282 42.72 5.76 -18.69
CA ALA C 282 42.03 5.73 -19.98
C ALA C 282 42.53 6.85 -20.95
N PRO C 283 42.49 8.17 -20.62
CA PRO C 283 43.01 9.17 -21.56
C PRO C 283 44.51 9.01 -21.91
N ILE C 284 45.31 8.38 -21.02
CA ILE C 284 46.74 8.12 -21.23
C ILE C 284 46.90 6.96 -22.21
N MET C 285 46.17 5.87 -21.98
CA MET C 285 46.19 4.69 -22.85
C MET C 285 45.77 5.04 -24.29
N ALA C 286 44.79 5.97 -24.47
CA ALA C 286 44.27 6.43 -25.78
C ALA C 286 45.35 7.07 -26.65
N VAL C 287 46.44 7.54 -26.02
CA VAL C 287 47.60 8.13 -26.67
C VAL C 287 48.71 7.09 -26.71
N ALA C 288 48.87 6.32 -25.62
CA ALA C 288 49.88 5.28 -25.44
C ALA C 288 49.86 4.26 -26.55
N GLN C 289 48.65 3.73 -26.88
CA GLN C 289 48.50 2.71 -27.92
C GLN C 289 48.93 3.22 -29.27
N PRO C 290 48.41 4.37 -29.80
CA PRO C 290 48.95 4.91 -31.07
C PRO C 290 50.48 5.09 -31.08
N VAL C 291 51.11 5.45 -29.92
CA VAL C 291 52.57 5.61 -29.77
C VAL C 291 53.27 4.27 -30.01
N ARG C 292 52.77 3.19 -29.37
CA ARG C 292 53.30 1.83 -29.55
C ARG C 292 53.21 1.42 -31.02
N ASN C 293 52.04 1.65 -31.66
CA ASN C 293 51.83 1.34 -33.06
C ASN C 293 52.85 2.04 -33.95
N LYS C 294 53.19 3.31 -33.63
CA LYS C 294 54.20 4.04 -34.38
C LYS C 294 55.59 3.44 -34.17
N ILE C 295 55.98 3.24 -32.91
CA ILE C 295 57.30 2.71 -32.54
C ILE C 295 57.54 1.25 -32.90
N TYR C 296 56.47 0.46 -33.08
CA TYR C 296 56.58 -0.93 -33.51
C TYR C 296 56.51 -1.02 -35.04
N SER C 297 56.11 0.05 -35.73
CA SER C 297 56.05 0.06 -37.20
C SER C 297 57.23 0.81 -37.78
N LYS C 298 57.29 2.15 -37.62
CA LYS C 298 58.36 2.98 -38.15
C LYS C 298 59.74 2.62 -37.58
N TYR C 299 59.81 2.34 -36.28
CA TYR C 299 61.09 2.00 -35.68
C TYR C 299 61.13 0.58 -35.16
N ALA C 300 60.47 -0.32 -35.92
CA ALA C 300 60.36 -1.76 -35.69
C ALA C 300 61.68 -2.43 -35.41
N TYR C 301 62.75 -1.95 -36.05
CA TYR C 301 64.08 -2.51 -35.86
C TYR C 301 64.48 -2.52 -34.39
N THR C 302 64.37 -1.37 -33.74
CA THR C 302 64.76 -1.21 -32.34
C THR C 302 63.72 -1.74 -31.37
N PHE C 303 62.43 -1.49 -31.66
CA PHE C 303 61.32 -1.78 -30.74
C PHE C 303 60.39 -2.98 -30.94
N HIS C 304 60.14 -3.42 -32.20
CA HIS C 304 59.24 -4.53 -32.48
C HIS C 304 59.90 -5.92 -32.43
N HIS C 305 59.49 -6.72 -31.44
CA HIS C 305 60.05 -8.05 -31.26
C HIS C 305 58.96 -9.12 -31.19
N THR C 306 59.16 -10.23 -31.89
CA THR C 306 58.22 -11.34 -31.94
C THR C 306 58.90 -12.66 -31.56
N THR C 307 59.45 -13.36 -32.55
CA THR C 307 60.07 -14.68 -32.40
C THR C 307 61.58 -14.61 -32.10
N ARG C 308 62.14 -15.77 -31.67
CA ARG C 308 63.57 -15.96 -31.40
C ARG C 308 64.41 -15.97 -32.68
N LEU C 309 63.76 -15.93 -33.86
CA LEU C 309 64.39 -15.85 -35.18
C LEU C 309 64.29 -14.41 -35.69
N ASN C 310 63.19 -13.70 -35.35
CA ASN C 310 62.97 -12.28 -35.68
C ASN C 310 64.08 -11.44 -35.04
N LYS C 311 64.42 -11.75 -33.79
CA LYS C 311 65.48 -11.10 -33.03
C LYS C 311 66.85 -11.49 -33.63
N GLU C 312 67.06 -12.80 -33.88
CA GLU C 312 68.29 -13.39 -34.45
C GLU C 312 68.73 -12.73 -35.75
N GLU C 313 67.78 -12.46 -36.66
CA GLU C 313 68.03 -11.83 -37.96
C GLU C 313 68.72 -10.48 -37.82
N LYS C 314 68.32 -9.70 -36.80
CA LYS C 314 68.86 -8.39 -36.47
C LYS C 314 70.29 -8.47 -35.90
N VAL C 315 70.48 -9.35 -34.90
CA VAL C 315 71.72 -9.55 -34.17
C VAL C 315 72.84 -10.21 -34.97
N LYS C 316 72.50 -11.16 -35.87
CA LYS C 316 73.47 -11.89 -36.71
C LYS C 316 74.32 -10.95 -37.61
N GLU C 317 73.76 -9.79 -37.97
CA GLU C 317 74.38 -8.75 -38.81
C GLU C 317 75.46 -7.94 -38.05
N TRP C 318 75.47 -8.04 -36.71
CA TRP C 318 76.38 -7.31 -35.82
C TRP C 318 77.74 -7.97 -35.67
N SER C 319 78.78 -7.17 -35.44
CA SER C 319 80.14 -7.66 -35.19
C SER C 319 80.30 -7.86 -33.68
N LEU C 320 79.53 -7.10 -32.87
CA LEU C 320 79.50 -7.16 -31.40
C LEU C 320 78.10 -6.98 -30.87
N CYS C 321 77.72 -7.81 -29.89
CA CYS C 321 76.43 -7.76 -29.22
C CYS C 321 76.68 -7.67 -27.72
N VAL C 322 76.21 -6.58 -27.09
CA VAL C 322 76.39 -6.38 -25.65
C VAL C 322 75.02 -6.49 -24.96
N ALA C 323 74.83 -7.54 -24.14
CA ALA C 323 73.58 -7.74 -23.39
C ALA C 323 73.70 -7.00 -22.05
N THR C 324 72.95 -5.90 -21.89
CA THR C 324 72.97 -5.07 -20.68
C THR C 324 71.92 -5.47 -19.65
N ASP C 325 72.15 -5.08 -18.38
CA ASP C 325 71.21 -5.26 -17.27
C ASP C 325 71.24 -4.08 -16.33
N VAL C 326 70.09 -3.40 -16.27
CA VAL C 326 69.83 -2.22 -15.45
C VAL C 326 69.39 -2.70 -14.09
N SER C 327 70.03 -2.22 -13.02
CA SER C 327 69.68 -2.59 -11.66
C SER C 327 68.53 -1.71 -11.18
N ASP C 328 67.39 -2.35 -10.84
CA ASP C 328 66.19 -1.71 -10.28
C ASP C 328 65.61 -0.56 -11.13
N HIS C 329 65.32 -0.83 -12.42
CA HIS C 329 64.81 0.16 -13.36
C HIS C 329 63.67 1.05 -12.85
N ASP C 330 62.54 0.46 -12.49
CA ASP C 330 61.36 1.21 -12.08
C ASP C 330 61.53 2.13 -10.88
N THR C 331 62.28 1.71 -9.86
CA THR C 331 62.50 2.53 -8.67
C THR C 331 63.50 3.67 -8.93
N PHE C 332 64.48 3.46 -9.85
CA PHE C 332 65.47 4.47 -10.21
C PHE C 332 65.00 5.43 -11.31
N TRP C 333 63.90 5.10 -12.02
CA TRP C 333 63.40 5.93 -13.13
C TRP C 333 63.26 7.40 -12.69
N PRO C 334 63.89 8.34 -13.40
CA PRO C 334 63.93 9.74 -12.93
C PRO C 334 62.76 10.66 -13.17
N GLY C 335 62.43 11.39 -12.09
CA GLY C 335 61.37 12.36 -12.06
C GLY C 335 61.59 13.46 -13.07
N TRP C 336 62.86 13.85 -13.25
CA TRP C 336 63.22 14.88 -14.22
C TRP C 336 62.86 14.48 -15.65
N LEU C 337 62.87 13.16 -15.97
CA LEU C 337 62.49 12.70 -17.31
C LEU C 337 61.02 12.92 -17.56
N ARG C 338 60.16 12.66 -16.54
CA ARG C 338 58.72 12.92 -16.60
C ARG C 338 58.51 14.40 -16.97
N ASP C 339 59.20 15.30 -16.24
CA ASP C 339 59.10 16.73 -16.44
C ASP C 339 59.63 17.18 -17.79
N LEU C 340 60.74 16.56 -18.27
CA LEU C 340 61.32 16.81 -19.59
C LEU C 340 60.32 16.39 -20.67
N ILE C 341 59.75 15.16 -20.55
CA ILE C 341 58.77 14.65 -21.53
C ILE C 341 57.57 15.59 -21.62
N CYS C 342 57.03 15.99 -20.46
CA CYS C 342 55.90 16.90 -20.37
C CYS C 342 56.21 18.25 -21.01
N ASP C 343 57.39 18.80 -20.73
CA ASP C 343 57.84 20.07 -21.29
C ASP C 343 57.94 19.97 -22.81
N GLU C 344 58.49 18.85 -23.33
CA GLU C 344 58.62 18.65 -24.77
C GLU C 344 57.29 18.46 -25.48
N LEU C 345 56.34 17.75 -24.84
CA LEU C 345 55.00 17.56 -25.40
C LEU C 345 54.31 18.90 -25.54
N LEU C 346 54.48 19.78 -24.52
CA LEU C 346 53.92 21.13 -24.56
C LEU C 346 54.49 21.91 -25.73
N ASN C 347 55.83 21.82 -25.96
CA ASN C 347 56.55 22.47 -27.06
C ASN C 347 56.05 21.99 -28.42
N MET C 348 55.68 20.70 -28.53
CA MET C 348 55.15 20.09 -29.75
C MET C 348 53.73 20.57 -30.08
N GLY C 349 53.02 21.09 -29.08
CA GLY C 349 51.66 21.58 -29.23
C GLY C 349 50.57 20.69 -28.67
N TYR C 350 50.95 19.70 -27.82
CA TYR C 350 50.00 18.79 -27.16
C TYR C 350 49.14 19.59 -26.20
N ALA C 351 47.86 19.23 -26.08
CA ALA C 351 46.90 19.89 -25.19
C ALA C 351 47.49 19.99 -23.78
N PRO C 352 47.65 21.22 -23.20
CA PRO C 352 48.22 21.32 -21.83
C PRO C 352 47.46 20.55 -20.76
N TRP C 353 46.12 20.45 -20.90
CA TRP C 353 45.28 19.67 -19.99
C TRP C 353 45.65 18.19 -20.01
N TRP C 354 45.97 17.64 -21.21
CA TRP C 354 46.36 16.23 -21.34
C TRP C 354 47.71 16.01 -20.73
N VAL C 355 48.67 16.91 -21.01
CA VAL C 355 50.03 16.85 -20.47
C VAL C 355 49.96 16.89 -18.94
N LYS C 356 49.06 17.72 -18.37
CA LYS C 356 48.88 17.79 -16.93
C LYS C 356 48.40 16.47 -16.34
N LEU C 357 47.48 15.76 -17.04
CA LEU C 357 46.98 14.45 -16.60
C LEU C 357 48.14 13.47 -16.59
N PHE C 358 48.95 13.50 -17.68
CA PHE C 358 50.12 12.64 -17.86
C PHE C 358 51.16 12.88 -16.77
N GLU C 359 51.46 14.18 -16.48
CA GLU C 359 52.38 14.60 -15.43
C GLU C 359 51.91 14.07 -14.07
N THR C 360 50.61 14.29 -13.75
CA THR C 360 49.97 13.88 -12.51
C THR C 360 50.04 12.37 -12.30
N SER C 361 49.87 11.58 -13.38
CA SER C 361 49.91 10.12 -13.32
C SER C 361 51.27 9.61 -12.84
N LEU C 362 52.32 10.43 -13.00
CA LEU C 362 53.69 10.09 -12.63
C LEU C 362 54.21 10.74 -11.34
N LYS C 363 53.31 11.32 -10.52
CA LYS C 363 53.61 11.87 -9.19
C LYS C 363 52.48 11.59 -8.20
N LEU C 364 51.66 10.59 -8.53
CA LEU C 364 50.50 10.21 -7.75
C LEU C 364 50.81 9.46 -6.45
N PRO C 365 50.06 9.76 -5.35
CA PRO C 365 50.23 9.01 -4.11
C PRO C 365 50.01 7.50 -4.27
N VAL C 366 50.42 6.70 -3.27
CA VAL C 366 50.28 5.25 -3.32
C VAL C 366 49.60 4.71 -2.08
N TYR C 367 48.61 3.84 -2.27
CA TYR C 367 47.92 3.20 -1.15
C TYR C 367 48.54 1.83 -0.93
N VAL C 368 49.18 1.65 0.24
CA VAL C 368 49.86 0.42 0.63
C VAL C 368 48.87 -0.51 1.31
N GLY C 369 48.66 -1.67 0.69
CA GLY C 369 47.75 -2.69 1.19
C GLY C 369 48.27 -3.44 2.40
N ALA C 370 48.82 -4.63 2.16
CA ALA C 370 49.30 -5.47 3.24
C ALA C 370 50.67 -6.10 2.97
N PRO C 371 51.77 -5.37 3.31
CA PRO C 371 53.12 -5.93 3.08
C PRO C 371 53.47 -7.11 3.98
N ALA C 372 52.82 -7.20 5.15
CA ALA C 372 53.05 -8.22 6.16
C ALA C 372 51.85 -8.26 7.13
N PRO C 373 51.68 -9.30 7.97
CA PRO C 373 50.56 -9.27 8.94
C PRO C 373 50.69 -8.07 9.89
N GLU C 374 49.55 -7.42 10.24
CA GLU C 374 49.54 -6.24 11.13
C GLU C 374 50.35 -5.02 10.64
N GLN C 375 50.51 -4.90 9.29
CA GLN C 375 51.21 -3.81 8.61
C GLN C 375 50.43 -3.37 7.37
N GLY C 376 50.59 -2.10 7.01
CA GLY C 376 49.98 -1.54 5.82
C GLY C 376 48.77 -0.69 6.08
N HIS C 377 47.82 -0.69 5.09
CA HIS C 377 46.57 0.08 5.11
C HIS C 377 46.86 1.55 5.35
N THR C 378 47.83 2.07 4.57
CA THR C 378 48.33 3.43 4.69
C THR C 378 48.50 4.08 3.32
N LEU C 379 48.04 5.31 3.20
CA LEU C 379 48.19 6.09 1.99
C LEU C 379 49.46 6.92 2.17
N LEU C 380 50.38 6.86 1.19
CA LEU C 380 51.62 7.64 1.18
C LEU C 380 51.43 8.72 0.15
N GLY C 381 51.61 9.98 0.58
CA GLY C 381 51.41 11.14 -0.28
C GLY C 381 50.01 11.70 -0.16
N ASP C 382 49.84 12.97 -0.44
CA ASP C 382 48.56 13.65 -0.34
C ASP C 382 47.94 13.80 -1.73
N PRO C 383 46.74 13.21 -1.96
CA PRO C 383 46.10 13.35 -3.28
C PRO C 383 45.69 14.78 -3.65
N SER C 384 45.61 15.72 -2.67
CA SER C 384 45.28 17.13 -2.92
C SER C 384 46.40 17.85 -3.70
N ASN C 385 47.63 17.35 -3.59
CA ASN C 385 48.76 17.89 -4.33
C ASN C 385 49.76 16.77 -4.66
N PRO C 386 49.50 16.00 -5.76
CA PRO C 386 50.41 14.89 -6.14
C PRO C 386 51.85 15.32 -6.33
N ASP C 387 52.74 14.84 -5.45
CA ASP C 387 54.17 15.18 -5.46
C ASP C 387 55.10 14.01 -5.03
N LEU C 388 54.72 12.78 -5.36
CA LEU C 388 55.57 11.63 -5.07
C LEU C 388 56.58 11.50 -6.22
N GLU C 389 57.70 10.82 -5.95
CA GLU C 389 58.82 10.54 -6.86
C GLU C 389 59.16 9.04 -6.76
N VAL C 390 58.14 8.19 -6.97
CA VAL C 390 58.22 6.73 -6.83
C VAL C 390 59.07 6.06 -7.90
N GLY C 391 59.43 6.84 -8.91
CA GLY C 391 60.09 6.37 -10.11
C GLY C 391 58.99 6.08 -11.11
N LEU C 392 58.94 4.87 -11.64
CA LEU C 392 57.89 4.50 -12.58
C LEU C 392 56.88 3.59 -11.88
N SER C 393 55.59 4.02 -11.88
CA SER C 393 54.47 3.25 -11.28
C SER C 393 54.07 2.19 -12.27
N SER C 394 54.11 0.91 -11.88
CA SER C 394 53.81 -0.22 -12.79
C SER C 394 52.48 -0.18 -13.54
N GLY C 395 51.46 0.36 -12.91
CA GLY C 395 50.14 0.44 -13.53
C GLY C 395 49.84 1.67 -14.35
N GLN C 396 50.82 2.62 -14.48
CA GLN C 396 50.64 3.85 -15.25
C GLN C 396 50.42 3.44 -16.71
N GLY C 397 49.51 4.13 -17.38
CA GLY C 397 49.10 3.84 -18.75
C GLY C 397 50.17 3.74 -19.82
N ALA C 398 51.39 4.27 -19.57
CA ALA C 398 52.47 4.28 -20.54
C ALA C 398 53.84 3.86 -19.96
N THR C 399 53.85 3.00 -18.90
CA THR C 399 55.09 2.55 -18.24
C THR C 399 56.12 1.91 -19.15
N ASP C 400 55.64 1.11 -20.12
CA ASP C 400 56.50 0.44 -21.08
C ASP C 400 57.23 1.49 -21.91
N LEU C 401 56.50 2.53 -22.39
CA LEU C 401 57.04 3.61 -23.19
C LEU C 401 57.98 4.47 -22.36
N MET C 402 57.66 4.74 -21.10
CA MET C 402 58.52 5.54 -20.21
C MET C 402 59.86 4.89 -19.99
N GLY C 403 59.83 3.59 -19.76
CA GLY C 403 61.03 2.78 -19.57
C GLY C 403 61.85 2.66 -20.84
N THR C 404 61.16 2.53 -22.00
CA THR C 404 61.77 2.42 -23.32
C THR C 404 62.44 3.74 -23.74
N LEU C 405 61.75 4.89 -23.57
CA LEU C 405 62.23 6.25 -23.87
C LEU C 405 63.53 6.48 -23.09
N LEU C 406 63.50 6.33 -21.73
CA LEU C 406 64.68 6.52 -20.88
C LEU C 406 65.83 5.64 -21.33
N MET C 407 65.58 4.32 -21.37
CA MET C 407 66.60 3.33 -21.69
C MET C 407 67.19 3.41 -23.07
N SER C 408 66.36 3.57 -24.13
CA SER C 408 66.86 3.67 -25.50
C SER C 408 67.88 4.78 -25.65
N ILE C 409 67.61 5.96 -25.05
CA ILE C 409 68.52 7.12 -25.06
C ILE C 409 69.72 6.86 -24.17
N THR C 410 69.52 6.24 -22.98
CA THR C 410 70.61 5.89 -22.06
C THR C 410 71.68 5.03 -22.75
N TYR C 411 71.27 3.99 -23.49
CA TYR C 411 72.21 3.11 -24.20
C TYR C 411 72.85 3.81 -25.38
N LEU C 412 72.06 4.65 -26.09
CA LEU C 412 72.61 5.42 -27.21
C LEU C 412 73.71 6.36 -26.68
N VAL C 413 73.44 7.06 -25.55
CA VAL C 413 74.39 7.97 -24.88
C VAL C 413 75.65 7.22 -24.47
N MET C 414 75.50 6.01 -23.90
CA MET C 414 76.59 5.11 -23.52
C MET C 414 77.45 4.75 -24.75
N GLN C 415 76.78 4.43 -25.90
CA GLN C 415 77.44 4.12 -27.17
C GLN C 415 78.22 5.35 -27.66
N LEU C 416 77.61 6.57 -27.58
CA LEU C 416 78.21 7.85 -28.01
C LEU C 416 79.41 8.21 -27.17
N ASP C 417 79.25 8.25 -25.83
CA ASP C 417 80.29 8.58 -24.87
C ASP C 417 81.53 7.68 -24.96
N HIS C 418 81.32 6.35 -25.02
CA HIS C 418 82.43 5.39 -24.97
C HIS C 418 82.91 4.81 -26.28
N THR C 419 82.07 4.83 -27.34
CA THR C 419 82.42 4.19 -28.62
C THR C 419 82.40 5.12 -29.85
N ALA C 420 81.43 6.05 -29.93
CA ALA C 420 81.27 6.87 -31.14
C ALA C 420 81.29 8.41 -31.01
N PRO C 421 82.41 9.04 -30.55
CA PRO C 421 82.46 10.51 -30.50
C PRO C 421 82.33 11.20 -31.85
N HIS C 422 82.61 10.46 -32.93
CA HIS C 422 82.51 10.90 -34.32
C HIS C 422 81.07 11.13 -34.77
N LEU C 423 80.11 10.67 -33.99
CA LEU C 423 78.70 10.87 -34.30
C LEU C 423 78.13 12.11 -33.59
N ASN C 424 78.85 12.66 -32.60
CA ASN C 424 78.42 13.85 -31.84
C ASN C 424 78.11 15.07 -32.72
N SER C 425 78.89 15.25 -33.83
CA SER C 425 78.71 16.32 -34.80
C SER C 425 77.35 16.26 -35.52
N ARG C 426 76.72 15.07 -35.57
CA ARG C 426 75.41 14.86 -36.18
C ARG C 426 74.25 15.35 -35.29
N ILE C 427 74.56 15.68 -34.00
CA ILE C 427 73.55 16.14 -33.03
C ILE C 427 73.91 17.57 -32.60
N LYS C 428 73.47 18.56 -33.40
CA LYS C 428 73.76 19.99 -33.22
C LYS C 428 72.58 20.78 -32.67
N ASP C 429 71.36 20.42 -33.09
CA ASP C 429 70.11 21.08 -32.72
C ASP C 429 68.97 20.08 -32.73
N MET C 430 67.73 20.52 -32.50
CA MET C 430 66.58 19.62 -32.52
C MET C 430 66.36 18.90 -33.86
N PRO C 431 66.31 19.61 -35.04
CA PRO C 431 66.11 18.89 -36.31
C PRO C 431 67.16 17.83 -36.60
N SER C 432 68.46 18.10 -36.31
CA SER C 432 69.54 17.13 -36.52
C SER C 432 69.50 15.99 -35.50
N ALA C 433 69.06 16.27 -34.25
CA ALA C 433 68.89 15.25 -33.20
C ALA C 433 67.80 14.28 -33.64
N CYS C 434 66.65 14.81 -34.13
CA CYS C 434 65.51 14.05 -34.65
C CYS C 434 65.84 13.30 -35.95
N ARG C 435 66.70 13.89 -36.80
CA ARG C 435 67.15 13.27 -38.05
C ARG C 435 68.03 12.05 -37.75
N PHE C 436 69.03 12.23 -36.86
CA PHE C 436 69.95 11.19 -36.43
C PHE C 436 69.27 10.05 -35.63
N LEU C 437 68.38 10.39 -34.68
CA LEU C 437 67.68 9.38 -33.88
C LEU C 437 66.76 8.53 -34.76
N ASP C 438 66.09 9.15 -35.78
CA ASP C 438 65.22 8.44 -36.73
C ASP C 438 66.03 7.40 -37.47
N SER C 439 67.26 7.77 -37.87
CA SER C 439 68.17 6.87 -38.57
C SER C 439 68.66 5.74 -37.64
N TYR C 440 69.08 6.09 -36.40
CA TYR C 440 69.58 5.16 -35.39
C TYR C 440 68.53 4.11 -35.02
N TRP C 441 67.29 4.55 -34.77
CA TRP C 441 66.17 3.70 -34.40
C TRP C 441 65.73 2.75 -35.51
N GLN C 442 66.00 3.11 -36.77
CA GLN C 442 65.68 2.28 -37.93
C GLN C 442 66.85 1.31 -38.26
N GLY C 443 67.84 1.23 -37.36
CA GLY C 443 69.02 0.38 -37.46
C GLY C 443 69.95 0.76 -38.60
N HIS C 444 69.94 2.05 -38.99
CA HIS C 444 70.73 2.55 -40.11
C HIS C 444 72.14 3.05 -39.77
N GLU C 445 72.52 3.03 -38.48
CA GLU C 445 73.85 3.49 -38.06
C GLU C 445 74.76 2.31 -37.72
N GLU C 446 76.09 2.56 -37.55
CA GLU C 446 77.07 1.51 -37.20
C GLU C 446 76.90 1.05 -35.76
N ILE C 447 76.22 1.87 -34.95
CA ILE C 447 75.82 1.57 -33.58
C ILE C 447 74.31 1.31 -33.65
N ARG C 448 73.89 0.20 -33.08
CA ARG C 448 72.48 -0.20 -33.11
C ARG C 448 72.05 -0.74 -31.75
N GLN C 449 70.76 -1.00 -31.62
CA GLN C 449 70.19 -1.57 -30.41
C GLN C 449 68.81 -2.18 -30.67
N ILE C 450 68.46 -3.15 -29.83
CA ILE C 450 67.16 -3.78 -29.77
C ILE C 450 66.76 -3.69 -28.31
N SER C 451 65.54 -3.20 -28.01
CA SER C 451 65.10 -3.06 -26.62
C SER C 451 63.58 -2.94 -26.36
N LYS C 452 63.27 -3.07 -25.08
CA LYS C 452 62.00 -2.83 -24.41
C LYS C 452 62.41 -2.64 -22.94
N SER C 453 62.40 -1.34 -22.49
CA SER C 453 62.80 -0.90 -21.14
C SER C 453 64.21 -1.42 -20.75
N ASP C 454 64.36 -1.83 -19.47
CA ASP C 454 65.53 -2.40 -18.78
C ASP C 454 66.35 -3.44 -19.58
N ASP C 455 65.68 -4.29 -20.39
CA ASP C 455 66.40 -5.30 -21.16
C ASP C 455 66.57 -4.81 -22.57
N ALA C 456 67.81 -4.98 -23.04
CA ALA C 456 68.35 -4.58 -24.33
C ALA C 456 69.58 -5.36 -24.72
N MET C 457 69.91 -5.26 -26.00
CA MET C 457 71.10 -5.80 -26.61
C MET C 457 71.64 -4.73 -27.55
N LEU C 458 72.91 -4.38 -27.40
CA LEU C 458 73.50 -3.31 -28.19
C LEU C 458 74.42 -3.82 -29.28
N GLY C 459 74.21 -3.31 -30.49
CA GLY C 459 74.96 -3.72 -31.67
C GLY C 459 76.02 -2.79 -32.17
N TRP C 460 77.09 -3.40 -32.69
CA TRP C 460 78.25 -2.74 -33.30
C TRP C 460 78.53 -3.42 -34.62
N THR C 461 78.44 -2.69 -35.74
CA THR C 461 78.80 -3.30 -37.02
C THR C 461 80.29 -2.94 -37.21
N LYS C 462 80.86 -3.24 -38.39
CA LYS C 462 82.25 -2.87 -38.67
C LYS C 462 82.34 -1.35 -38.77
N GLY C 463 83.43 -0.79 -38.31
CA GLY C 463 83.63 0.65 -38.34
C GLY C 463 84.41 1.19 -37.18
N ARG C 464 84.44 2.54 -37.09
CA ARG C 464 85.18 3.29 -36.07
C ARG C 464 84.73 3.03 -34.63
N ALA C 465 83.42 2.80 -34.43
CA ALA C 465 82.88 2.56 -33.10
C ALA C 465 83.19 1.16 -32.54
N LEU C 466 83.38 0.14 -33.42
CA LEU C 466 83.62 -1.25 -33.02
C LEU C 466 84.71 -1.48 -31.97
N VAL C 467 85.88 -0.85 -32.14
CA VAL C 467 87.01 -0.98 -31.21
C VAL C 467 86.63 -0.47 -29.81
N GLY C 468 85.87 0.63 -29.74
CA GLY C 468 85.35 1.22 -28.51
C GLY C 468 84.26 0.37 -27.87
N GLY C 469 83.50 -0.32 -28.73
CA GLY C 469 82.46 -1.25 -28.33
C GLY C 469 83.05 -2.31 -27.44
N HIS C 470 84.18 -2.91 -27.90
CA HIS C 470 84.93 -3.92 -27.16
C HIS C 470 85.54 -3.36 -25.87
N ARG C 471 85.95 -2.07 -25.90
CA ARG C 471 86.54 -1.36 -24.76
C ARG C 471 85.50 -1.04 -23.71
N LEU C 472 84.25 -0.81 -24.14
CA LEU C 472 83.10 -0.58 -23.25
C LEU C 472 82.75 -1.92 -22.56
N PHE C 473 82.87 -3.03 -23.30
CA PHE C 473 82.65 -4.39 -22.78
C PHE C 473 83.72 -4.70 -21.75
N GLU C 474 84.97 -4.29 -22.05
CA GLU C 474 86.17 -4.38 -21.21
C GLU C 474 86.21 -3.15 -20.27
N MET C 475 85.02 -2.84 -19.72
CA MET C 475 84.70 -1.78 -18.78
C MET C 475 83.50 -2.28 -17.97
N LEU C 476 82.65 -3.10 -18.64
CA LEU C 476 81.49 -3.74 -18.01
C LEU C 476 81.93 -5.04 -17.34
N LYS C 477 82.82 -5.82 -18.01
CA LYS C 477 83.37 -7.11 -17.54
C LYS C 477 84.01 -7.08 -16.14
N GLU C 478 84.72 -6.02 -15.81
CA GLU C 478 85.38 -5.84 -14.52
C GLU C 478 84.70 -4.76 -13.68
N GLY C 479 83.46 -4.44 -14.07
CA GLY C 479 82.54 -3.50 -13.43
C GLY C 479 83.10 -2.61 -12.34
N LYS C 480 84.07 -1.77 -12.70
CA LYS C 480 84.69 -0.84 -11.76
C LYS C 480 84.09 0.56 -11.86
N VAL C 481 83.67 0.96 -13.09
CA VAL C 481 83.08 2.27 -13.34
C VAL C 481 81.75 2.14 -14.07
N ASN C 482 80.71 2.88 -13.61
CA ASN C 482 79.39 2.87 -14.25
C ASN C 482 79.50 3.65 -15.56
N PRO C 483 79.16 3.00 -16.70
CA PRO C 483 79.29 3.68 -18.00
C PRO C 483 78.26 4.76 -18.31
N SER C 484 77.22 4.87 -17.49
CA SER C 484 76.16 5.83 -17.71
C SER C 484 75.98 6.78 -16.55
N PRO C 485 75.67 8.06 -16.80
CA PRO C 485 75.35 8.94 -15.68
C PRO C 485 73.89 8.83 -15.24
N TYR C 486 73.04 8.14 -16.03
CA TYR C 486 71.60 8.04 -15.80
C TYR C 486 71.06 6.91 -14.97
N MET C 487 71.54 5.69 -15.22
CA MET C 487 71.11 4.49 -14.50
C MET C 487 72.34 3.61 -14.20
N LYS C 488 72.19 2.61 -13.31
CA LYS C 488 73.26 1.68 -12.96
C LYS C 488 73.27 0.59 -14.02
N ILE C 489 74.26 0.63 -14.91
CA ILE C 489 74.41 -0.32 -16.02
C ILE C 489 75.56 -1.29 -15.78
N SER C 490 75.30 -2.54 -16.13
CA SER C 490 76.19 -3.67 -16.04
C SER C 490 75.91 -4.58 -17.23
N TYR C 491 76.65 -5.67 -17.34
CA TYR C 491 76.39 -6.65 -18.38
C TYR C 491 75.51 -7.73 -17.72
N GLU C 492 74.47 -8.23 -18.43
CA GLU C 492 73.56 -9.27 -17.93
C GLU C 492 74.36 -10.57 -17.88
N HIS C 493 74.67 -11.08 -16.66
CA HIS C 493 75.47 -12.30 -16.50
C HIS C 493 74.72 -13.59 -16.88
N GLY C 494 74.49 -13.71 -18.19
CA GLY C 494 73.74 -14.71 -18.89
C GLY C 494 72.95 -13.98 -19.96
N GLY C 495 73.50 -13.96 -21.17
CA GLY C 495 72.96 -13.22 -22.31
C GLY C 495 71.54 -13.55 -22.72
N ALA C 496 70.59 -12.62 -22.46
CA ALA C 496 69.22 -12.84 -22.90
C ALA C 496 68.47 -11.57 -23.23
N PHE C 497 67.53 -11.68 -24.17
CA PHE C 497 66.70 -10.59 -24.61
C PHE C 497 65.26 -11.07 -24.70
N LEU C 498 64.47 -10.59 -23.72
CA LEU C 498 63.05 -10.86 -23.56
C LEU C 498 62.73 -12.36 -23.64
N GLY C 499 63.22 -13.07 -22.62
CA GLY C 499 63.04 -14.51 -22.44
C GLY C 499 63.93 -15.43 -23.25
N ASP C 500 64.46 -14.92 -24.38
CA ASP C 500 65.30 -15.69 -25.29
C ASP C 500 66.78 -15.50 -25.05
N ILE C 501 67.47 -16.59 -24.77
CA ILE C 501 68.91 -16.63 -24.52
C ILE C 501 69.67 -16.53 -25.84
N LEU C 502 70.72 -15.73 -25.89
CA LEU C 502 71.57 -15.65 -27.08
C LEU C 502 72.68 -16.71 -26.92
N LEU C 503 72.55 -17.82 -27.67
CA LEU C 503 73.47 -18.96 -27.63
C LEU C 503 74.63 -18.80 -28.62
N TYR C 504 75.82 -18.59 -28.08
CA TYR C 504 77.05 -18.43 -28.85
C TYR C 504 77.71 -19.79 -29.04
N ASP C 505 78.54 -19.93 -30.09
CA ASP C 505 79.29 -21.15 -30.29
C ASP C 505 80.74 -20.92 -29.82
N SER C 506 81.68 -21.78 -30.24
CA SER C 506 83.10 -21.70 -29.87
C SER C 506 83.75 -20.37 -30.24
N ARG C 507 83.30 -19.75 -31.36
CA ARG C 507 83.82 -18.46 -31.86
C ARG C 507 83.44 -17.27 -31.00
N ARG C 508 82.29 -17.37 -30.27
CA ARG C 508 81.76 -16.35 -29.36
C ARG C 508 81.53 -15.01 -30.10
N GLU C 509 80.94 -15.09 -31.29
CA GLU C 509 80.67 -13.95 -32.17
C GLU C 509 79.18 -13.85 -32.49
N PRO C 510 78.61 -12.61 -32.59
CA PRO C 510 77.16 -12.47 -32.87
C PRO C 510 76.63 -13.04 -34.19
N GLY C 511 77.50 -13.27 -35.16
CA GLY C 511 77.15 -13.88 -36.44
C GLY C 511 76.93 -15.37 -36.32
N SER C 512 77.80 -16.04 -35.53
CA SER C 512 77.83 -17.49 -35.23
C SER C 512 76.98 -17.89 -34.02
N ALA C 513 76.23 -16.93 -33.45
CA ALA C 513 75.35 -17.14 -32.30
C ALA C 513 73.88 -17.39 -32.71
N ILE C 514 73.10 -17.97 -31.80
CA ILE C 514 71.71 -18.33 -32.04
C ILE C 514 70.79 -17.83 -30.91
N PHE C 515 69.60 -17.30 -31.25
CA PHE C 515 68.61 -16.83 -30.28
C PHE C 515 67.71 -18.02 -29.97
N VAL C 516 67.87 -18.59 -28.77
CA VAL C 516 67.18 -19.79 -28.28
C VAL C 516 66.37 -19.51 -26.99
N GLY C 517 65.33 -20.31 -26.73
CA GLY C 517 64.52 -20.20 -25.52
C GLY C 517 65.26 -20.57 -24.24
N ASN C 518 64.72 -20.19 -23.08
CA ASN C 518 65.33 -20.48 -21.78
C ASN C 518 64.65 -21.70 -21.11
N ILE C 519 65.38 -22.85 -20.99
CA ILE C 519 64.84 -24.08 -20.37
C ILE C 519 64.43 -23.86 -18.91
N ASN C 520 65.13 -22.96 -18.20
CA ASN C 520 64.81 -22.64 -16.82
C ASN C 520 63.45 -21.98 -16.72
N SER C 521 63.09 -21.18 -17.74
CA SER C 521 61.80 -20.51 -17.82
C SER C 521 60.67 -21.53 -18.04
N MET C 522 60.95 -22.66 -18.73
CA MET C 522 59.97 -23.74 -18.92
C MET C 522 59.65 -24.33 -17.56
N LEU C 523 60.70 -24.59 -16.75
CA LEU C 523 60.59 -25.15 -15.41
C LEU C 523 59.82 -24.25 -14.45
N ASN C 524 59.96 -22.92 -14.60
CA ASN C 524 59.23 -21.95 -13.78
C ASN C 524 57.75 -21.98 -14.20
N ASN C 525 57.46 -21.71 -15.49
CA ASN C 525 56.11 -21.69 -16.09
C ASN C 525 55.31 -23.01 -15.87
N GLN C 526 56.04 -24.13 -15.65
CA GLN C 526 55.45 -25.45 -15.44
C GLN C 526 55.36 -25.92 -13.98
N PHE C 527 56.43 -25.72 -13.18
CA PHE C 527 56.44 -26.22 -11.79
C PHE C 527 56.35 -25.15 -10.71
N SER C 528 56.72 -23.92 -11.04
CA SER C 528 56.59 -22.82 -10.11
C SER C 528 55.73 -21.71 -10.76
N PRO C 529 54.43 -21.96 -11.09
CA PRO C 529 53.62 -20.87 -11.70
C PRO C 529 53.37 -19.74 -10.69
N GLU C 530 53.12 -18.52 -11.16
CA GLU C 530 52.89 -17.38 -10.27
C GLU C 530 51.57 -17.52 -9.52
N TYR C 531 50.55 -18.01 -10.23
CA TYR C 531 49.21 -18.18 -9.69
C TYR C 531 48.78 -19.65 -9.71
N GLY C 532 47.84 -20.02 -8.83
CA GLY C 532 47.30 -21.38 -8.70
C GLY C 532 46.57 -21.84 -9.95
N VAL C 533 45.29 -22.18 -9.83
CA VAL C 533 44.53 -22.57 -11.03
C VAL C 533 43.26 -21.77 -11.19
N GLN C 534 42.55 -21.54 -10.05
CA GLN C 534 41.22 -20.91 -9.89
C GLN C 534 40.19 -21.94 -10.37
N SER C 535 40.43 -23.23 -9.98
CA SER C 535 39.64 -24.42 -10.32
C SER C 535 38.13 -24.21 -10.38
N GLY C 536 37.59 -23.42 -9.44
CA GLY C 536 36.17 -23.12 -9.35
C GLY C 536 35.81 -21.64 -9.35
N VAL C 537 35.56 -21.00 -10.52
CA VAL C 537 35.65 -21.44 -11.94
C VAL C 537 35.42 -20.22 -12.88
N ARG C 538 34.15 -19.76 -12.97
CA ARG C 538 33.62 -18.65 -13.76
C ARG C 538 34.33 -18.32 -15.09
N ASP C 539 34.46 -17.02 -15.42
CA ASP C 539 35.08 -16.54 -16.66
C ASP C 539 36.58 -16.81 -16.71
N ARG C 540 37.00 -17.54 -17.74
CA ARG C 540 38.38 -17.96 -17.99
C ARG C 540 39.21 -16.90 -18.73
N SER C 541 38.57 -16.10 -19.62
CA SER C 541 39.21 -15.02 -20.38
C SER C 541 39.57 -13.83 -19.47
N LYS C 542 39.43 -14.04 -18.15
CA LYS C 542 39.63 -13.07 -17.06
C LYS C 542 40.65 -13.55 -16.02
N ARG C 543 40.70 -14.88 -15.78
CA ARG C 543 41.56 -15.53 -14.81
C ARG C 543 42.98 -15.74 -15.33
N LYS C 544 43.96 -15.70 -14.41
CA LYS C 544 45.40 -15.81 -14.67
C LYS C 544 45.81 -16.98 -15.56
N ARG C 545 45.35 -18.19 -15.23
CA ARG C 545 45.58 -19.37 -16.06
C ARG C 545 44.25 -20.07 -16.27
N PRO C 546 43.67 -19.94 -17.48
CA PRO C 546 42.33 -20.48 -17.75
C PRO C 546 42.29 -22.01 -17.87
N PHE C 547 42.97 -22.52 -18.91
CA PHE C 547 43.09 -23.92 -19.30
C PHE C 547 44.58 -24.33 -19.18
N PRO C 548 44.90 -25.39 -18.38
CA PRO C 548 46.31 -25.76 -18.20
C PRO C 548 47.09 -26.35 -19.40
N GLY C 549 46.73 -27.58 -19.80
CA GLY C 549 47.36 -28.38 -20.87
C GLY C 549 47.79 -27.73 -22.18
N LEU C 550 47.37 -26.47 -22.48
CA LEU C 550 47.74 -25.76 -23.72
C LEU C 550 49.22 -25.47 -23.81
N ALA C 551 49.88 -25.25 -22.65
CA ALA C 551 51.32 -25.00 -22.65
C ALA C 551 52.07 -26.24 -23.15
N TRP C 552 51.50 -27.45 -22.95
CA TRP C 552 52.08 -28.71 -23.38
C TRP C 552 52.16 -28.78 -24.91
N ALA C 553 51.11 -28.27 -25.58
CA ALA C 553 50.99 -28.26 -27.03
C ALA C 553 51.98 -27.30 -27.71
N SER C 554 52.37 -26.22 -27.03
CA SER C 554 53.29 -25.21 -27.56
C SER C 554 54.73 -25.39 -27.09
N MET C 555 54.92 -26.29 -26.09
CA MET C 555 56.19 -26.60 -25.44
C MET C 555 57.36 -26.91 -26.38
N LYS C 556 57.17 -27.82 -27.35
CA LYS C 556 58.19 -28.21 -28.32
C LYS C 556 58.55 -27.02 -29.20
N ASP C 557 57.54 -26.27 -29.69
CA ASP C 557 57.79 -25.11 -30.52
C ASP C 557 58.55 -24.01 -29.77
N THR C 558 58.14 -23.74 -28.52
CA THR C 558 58.75 -22.73 -27.66
C THR C 558 60.19 -23.18 -27.23
N TYR C 559 60.25 -24.20 -26.35
CA TYR C 559 61.44 -24.73 -25.68
C TYR C 559 62.31 -25.76 -26.41
N GLY C 560 61.74 -26.45 -27.40
CA GLY C 560 62.41 -27.50 -28.18
C GLY C 560 63.81 -27.20 -28.68
N ALA C 561 64.10 -25.92 -29.01
CA ALA C 561 65.38 -25.45 -29.51
C ALA C 561 66.51 -25.45 -28.47
N CYS C 562 66.17 -25.55 -27.17
CA CYS C 562 67.19 -25.58 -26.12
C CYS C 562 68.06 -26.83 -26.25
N PRO C 563 69.40 -26.70 -26.21
CA PRO C 563 70.28 -27.88 -26.35
C PRO C 563 69.97 -29.07 -25.44
N ILE C 564 69.48 -28.82 -24.21
CA ILE C 564 69.16 -29.87 -23.23
C ILE C 564 67.67 -30.18 -23.05
N TYR C 565 66.83 -29.75 -24.02
CA TYR C 565 65.37 -29.96 -24.00
C TYR C 565 64.96 -31.41 -23.68
N SER C 566 65.43 -32.39 -24.48
CA SER C 566 65.15 -33.83 -24.33
C SER C 566 65.58 -34.36 -22.98
N ASP C 567 66.81 -33.97 -22.56
CA ASP C 567 67.41 -34.36 -21.29
C ASP C 567 66.55 -33.92 -20.10
N VAL C 568 66.04 -32.67 -20.14
CA VAL C 568 65.20 -32.11 -19.09
C VAL C 568 63.87 -32.87 -19.02
N LEU C 569 63.24 -33.11 -20.17
CA LEU C 569 61.97 -33.84 -20.20
C LEU C 569 62.10 -35.26 -19.66
N GLU C 570 63.24 -35.92 -19.94
CA GLU C 570 63.49 -37.27 -19.43
C GLU C 570 63.74 -37.23 -17.93
N ALA C 571 64.50 -36.20 -17.45
CA ALA C 571 64.77 -36.03 -16.03
C ALA C 571 63.47 -35.79 -15.27
N ILE C 572 62.55 -34.97 -15.85
CA ILE C 572 61.22 -34.70 -15.27
C ILE C 572 60.46 -36.03 -15.15
N GLU C 573 60.44 -36.80 -16.25
CA GLU C 573 59.76 -38.09 -16.37
C GLU C 573 60.19 -39.04 -15.28
N ARG C 574 61.52 -39.22 -15.13
CA ARG C 574 62.15 -40.08 -14.14
C ARG C 574 61.82 -39.63 -12.70
N CYS C 575 61.98 -38.32 -12.38
CA CYS C 575 61.70 -37.77 -11.05
C CYS C 575 60.23 -37.85 -10.64
N TRP C 576 59.32 -37.89 -11.64
CA TRP C 576 57.87 -38.02 -11.47
C TRP C 576 57.54 -39.48 -11.12
N TRP C 577 58.18 -40.45 -11.82
CA TRP C 577 58.02 -41.90 -11.58
C TRP C 577 58.60 -42.30 -10.24
N ASN C 578 59.41 -41.39 -9.63
CA ASN C 578 60.00 -41.58 -8.30
C ASN C 578 59.10 -40.98 -7.22
N ALA C 579 58.59 -39.76 -7.45
CA ALA C 579 57.76 -39.03 -6.50
C ALA C 579 56.28 -39.40 -6.47
N PHE C 580 55.65 -39.61 -7.64
CA PHE C 580 54.21 -39.90 -7.76
C PHE C 580 53.85 -41.29 -8.27
N GLY C 581 54.76 -41.93 -8.98
CA GLY C 581 54.50 -43.22 -9.60
C GLY C 581 53.55 -43.06 -10.76
N GLU C 582 53.70 -41.96 -11.51
CA GLU C 582 52.89 -41.58 -12.68
C GLU C 582 53.81 -41.13 -13.81
N SER C 583 53.35 -41.26 -15.06
CA SER C 583 54.12 -40.71 -16.18
C SER C 583 53.72 -39.24 -16.30
N TYR C 584 54.70 -38.32 -16.23
CA TYR C 584 54.40 -36.90 -16.34
C TYR C 584 53.87 -36.56 -17.72
N ARG C 585 54.52 -37.09 -18.77
CA ARG C 585 54.12 -36.89 -20.17
C ARG C 585 52.67 -37.32 -20.37
N ALA C 586 52.27 -38.50 -19.87
CA ALA C 586 50.88 -38.97 -20.00
C ALA C 586 49.92 -38.09 -19.20
N TYR C 587 50.35 -37.62 -17.99
CA TYR C 587 49.58 -36.73 -17.12
C TYR C 587 49.27 -35.41 -17.86
N ARG C 588 50.27 -34.85 -18.56
CA ARG C 588 50.11 -33.61 -19.33
C ARG C 588 49.32 -33.82 -20.61
N GLU C 589 49.40 -35.01 -21.22
CA GLU C 589 48.64 -35.34 -22.43
C GLU C 589 47.15 -35.44 -22.08
N ASP C 590 46.81 -35.99 -20.88
CA ASP C 590 45.43 -36.06 -20.38
C ASP C 590 44.93 -34.64 -20.12
N MET C 591 45.84 -33.77 -19.63
CA MET C 591 45.58 -32.35 -19.40
C MET C 591 45.27 -31.67 -20.74
N LEU C 592 45.97 -32.09 -21.82
CA LEU C 592 45.75 -31.58 -23.18
C LEU C 592 44.41 -32.08 -23.77
N LYS C 593 43.92 -33.27 -23.33
CA LYS C 593 42.63 -33.86 -23.77
C LYS C 593 41.43 -33.00 -23.34
N ARG C 594 41.47 -32.45 -22.11
CA ARG C 594 40.44 -31.55 -21.59
C ARG C 594 40.73 -30.12 -22.08
N ASP C 595 42.00 -29.86 -22.47
CA ASP C 595 42.49 -28.59 -23.00
C ASP C 595 42.21 -28.40 -24.48
N THR C 596 41.36 -29.27 -25.01
CA THR C 596 40.86 -29.25 -26.37
C THR C 596 39.35 -29.51 -26.28
N LEU C 597 38.86 -29.94 -25.08
CA LEU C 597 37.46 -30.24 -24.79
C LEU C 597 36.57 -28.99 -24.91
N GLU C 598 36.43 -28.18 -23.83
CA GLU C 598 35.63 -26.98 -23.95
C GLU C 598 36.42 -25.71 -23.71
N LEU C 599 36.80 -25.04 -24.81
CA LEU C 599 37.60 -23.82 -24.84
C LEU C 599 37.26 -22.85 -26.00
N SER C 600 36.35 -21.87 -25.78
CA SER C 600 35.68 -21.64 -24.49
C SER C 600 34.22 -22.23 -24.38
N ARG C 601 33.22 -21.78 -25.16
CA ARG C 601 33.26 -20.71 -26.15
C ARG C 601 32.60 -19.39 -25.59
N TYR C 602 32.11 -18.41 -26.39
CA TYR C 602 31.97 -18.41 -27.85
C TYR C 602 33.04 -17.58 -28.57
N VAL C 603 34.11 -18.27 -29.02
CA VAL C 603 35.26 -17.70 -29.74
C VAL C 603 35.07 -17.77 -31.28
N ALA C 604 34.26 -18.77 -31.76
CA ALA C 604 33.89 -19.06 -33.15
C ALA C 604 35.02 -19.42 -34.15
N SER C 605 36.30 -19.18 -33.78
CA SER C 605 37.48 -19.47 -34.59
C SER C 605 37.80 -20.97 -34.66
N MET C 606 37.87 -21.64 -33.49
CA MET C 606 38.14 -23.08 -33.38
C MET C 606 37.16 -23.75 -32.42
N GLU C 614 46.82 -24.14 -37.98
CA GLU C 614 47.33 -22.81 -37.71
C GLU C 614 47.67 -22.64 -36.22
N LEU C 615 48.97 -22.64 -35.88
CA LEU C 615 49.51 -22.51 -34.51
C LEU C 615 50.78 -21.62 -34.51
N THR C 616 50.94 -20.73 -33.49
CA THR C 616 52.11 -19.85 -33.34
C THR C 616 52.76 -20.03 -31.93
N PRO C 617 54.07 -19.71 -31.70
CA PRO C 617 54.65 -19.92 -30.35
C PRO C 617 54.22 -18.90 -29.27
N ILE C 618 54.15 -17.59 -29.63
CA ILE C 618 53.81 -16.48 -28.73
C ILE C 618 52.33 -16.44 -28.29
N ASP C 619 51.38 -16.68 -29.22
CA ASP C 619 49.94 -16.69 -28.91
C ASP C 619 49.45 -17.87 -28.03
N LEU C 620 50.06 -19.07 -28.19
CA LEU C 620 49.69 -20.29 -27.43
C LEU C 620 50.24 -20.34 -26.00
N GLU C 621 51.41 -19.71 -25.73
CA GLU C 621 51.99 -19.65 -24.38
C GLU C 621 51.21 -18.61 -23.57
N VAL C 622 50.75 -17.51 -24.24
CA VAL C 622 49.91 -16.42 -23.70
C VAL C 622 48.55 -16.98 -23.23
N LEU C 623 48.00 -17.99 -23.94
CA LEU C 623 46.74 -18.62 -23.54
C LEU C 623 46.89 -19.39 -22.21
N ALA C 624 48.11 -19.90 -21.95
CA ALA C 624 48.44 -20.63 -20.72
C ALA C 624 48.87 -19.65 -19.63
N ASP C 625 49.69 -18.65 -20.02
CA ASP C 625 50.29 -17.63 -19.15
C ASP C 625 50.30 -16.25 -19.89
N PRO C 626 49.22 -15.42 -19.77
CA PRO C 626 49.18 -14.12 -20.47
C PRO C 626 50.38 -13.19 -20.25
N ASN C 627 50.89 -13.13 -18.99
CA ASN C 627 52.00 -12.33 -18.45
C ASN C 627 53.25 -12.18 -19.33
N LYS C 628 53.39 -12.99 -20.40
CA LYS C 628 54.55 -13.00 -21.31
C LYS C 628 55.01 -11.66 -21.94
N LEU C 629 54.33 -10.55 -21.60
CA LEU C 629 54.61 -9.15 -21.99
C LEU C 629 55.68 -8.50 -21.07
N GLN C 630 56.27 -9.31 -20.17
CA GLN C 630 57.28 -8.96 -19.17
C GLN C 630 58.08 -10.25 -18.78
N TYR C 631 59.01 -10.14 -17.79
CA TYR C 631 59.83 -11.24 -17.25
C TYR C 631 60.57 -12.04 -18.34
N GLY C 649 37.56 -2.85 -24.88
CA GLY C 649 37.41 -2.14 -26.16
C GLY C 649 36.42 -0.99 -26.16
N VAL C 650 36.85 0.20 -26.65
CA VAL C 650 36.05 1.43 -26.77
C VAL C 650 36.11 1.79 -28.26
N SER C 651 34.96 2.14 -28.91
CA SER C 651 34.92 2.46 -30.34
C SER C 651 35.98 3.46 -30.82
N VAL C 652 36.49 3.24 -32.05
CA VAL C 652 37.47 4.08 -32.73
C VAL C 652 36.89 5.47 -33.12
N GLU C 653 35.58 5.66 -32.93
CA GLU C 653 34.89 6.93 -33.20
C GLU C 653 35.07 7.86 -31.98
N LYS C 654 34.92 7.31 -30.76
CA LYS C 654 35.08 8.03 -29.49
C LYS C 654 36.55 8.36 -29.27
N THR C 655 37.44 7.40 -29.60
CA THR C 655 38.90 7.54 -29.47
C THR C 655 39.42 8.63 -30.42
N GLU C 656 38.98 8.58 -31.70
CA GLU C 656 39.36 9.49 -32.78
C GLU C 656 39.07 10.94 -32.40
N ARG C 657 37.87 11.20 -31.84
CA ARG C 657 37.40 12.51 -31.38
C ARG C 657 38.27 12.99 -30.23
N PHE C 658 38.60 12.07 -29.30
CA PHE C 658 39.45 12.38 -28.16
C PHE C 658 40.87 12.76 -28.61
N LEU C 659 41.51 11.92 -29.47
CA LEU C 659 42.88 12.12 -29.99
C LEU C 659 43.04 13.43 -30.75
N ARG C 660 41.98 13.87 -31.48
CA ARG C 660 41.97 15.12 -32.25
C ARG C 660 42.12 16.32 -31.29
N SER C 661 41.48 16.24 -30.11
CA SER C 661 41.50 17.29 -29.09
C SER C 661 42.82 17.37 -28.30
N VAL C 662 43.62 16.29 -28.30
CA VAL C 662 44.88 16.18 -27.56
C VAL C 662 46.05 16.67 -28.40
N MET C 663 46.13 16.10 -29.60
CA MET C 663 47.18 16.23 -30.56
C MET C 663 47.43 17.60 -31.14
N PRO C 664 48.72 17.83 -31.47
CA PRO C 664 49.15 19.14 -31.95
C PRO C 664 48.46 19.71 -33.16
N ARG C 665 47.42 20.49 -32.87
CA ARG C 665 46.65 21.31 -33.79
C ARG C 665 46.30 20.60 -35.12
MG MG G . 5.98 7.47 -2.98
PG ATP H . 3.57 -2.63 -3.93
O1G ATP H . 2.37 -1.69 -4.04
O2G ATP H . 4.85 -1.82 -3.63
O3G ATP H . 3.33 -3.59 -2.78
PB ATP H . 5.04 -3.70 -6.21
O1B ATP H . 5.96 -2.45 -6.13
O2B ATP H . 4.51 -3.94 -7.65
O3B ATP H . 3.75 -3.45 -5.28
PA ATP H . 6.88 -5.89 -6.60
O1A ATP H . 7.66 -6.80 -5.64
O2A ATP H . 6.10 -6.78 -7.59
O3A ATP H . 5.85 -4.99 -5.77
O5' ATP H . 7.92 -4.97 -7.42
MG MG I . -62.99 -0.16 18.23
PG ATP J . -57.16 -7.03 12.95
O1G ATP J . -56.16 -7.53 13.98
O2G ATP J . -58.46 -6.61 13.65
O3G ATP J . -56.52 -5.90 12.13
PB ATP J . -58.67 -9.26 12.05
O1B ATP J . -59.90 -8.68 12.84
O2B ATP J . -58.13 -10.52 12.82
O3B ATP J . -57.49 -8.20 12.00
PA ATP J . -59.09 -10.72 9.37
O1A ATP J . -59.15 -10.21 7.91
O2A ATP J . -57.88 -11.67 9.51
O3A ATP J . -59.05 -9.50 10.46
O5' ATP J . -60.42 -11.60 9.64
PG ATP K . 68.33 -9.48 -11.68
O1G ATP K . 68.18 -8.74 -13.00
O2G ATP K . 66.94 -9.87 -11.17
O3G ATP K . 69.22 -10.70 -11.87
PB ATP K . 68.61 -7.16 -10.04
O1B ATP K . 67.07 -6.99 -10.30
O2B ATP K . 69.35 -5.96 -10.68
O3B ATP K . 69.06 -8.53 -10.67
PA ATP K . 70.29 -7.48 -7.68
O1A ATP K . 70.04 -7.82 -6.20
O2A ATP K . 71.19 -8.61 -8.23
O3A ATP K . 68.91 -7.27 -8.47
O5' ATP K . 71.06 -6.07 -7.73
#